data_6MXZ
#
_entry.id   6MXZ
#
_cell.length_a   68.665
_cell.length_b   160.708
_cell.length_c   182.647
_cell.angle_alpha   90.00
_cell.angle_beta   90.00
_cell.angle_gamma   90.00
#
_symmetry.space_group_name_H-M   'P 21 21 21'
#
loop_
_entity.id
_entity.type
_entity.pdbx_description
1 polymer 'TP53-binding protein 1'
2 non-polymer N-[3-(tert-butylamino)propyl]-3-(propan-2-yl)benzamide
3 non-polymer 'FORMIC ACID'
4 water water
#
_entity_poly.entity_id   1
_entity_poly.type   'polypeptide(L)'
_entity_poly.pdbx_seq_one_letter_code
;GHMNSFVGLRVVAKWSSNGYFYSGKITRDVGAGKYKLLFDDGYECDVLGKDILLCDPIPLDTEVTALSEDEYFSAGVVKG
HRKESGELYYSIEKEGQRKWYKRMAVILSLEQGNRLREQYGLG
;
_entity_poly.pdbx_strand_id   A,B,C,D,E,F,G,H,I,J
#
loop_
_chem_comp.id
_chem_comp.type
_chem_comp.name
_chem_comp.formula
FMT non-polymer 'FORMIC ACID' 'C H2 O2'
K6S non-polymer N-[3-(tert-butylamino)propyl]-3-(propan-2-yl)benzamide 'C17 H28 N2 O'
#
# COMPACT_ATOMS: atom_id res chain seq x y z
N SER A 5 24.62 8.62 -14.21
CA SER A 5 24.17 7.42 -13.51
C SER A 5 23.84 7.74 -12.06
N PHE A 6 23.40 6.71 -11.32
CA PHE A 6 23.05 6.87 -9.92
C PHE A 6 24.25 6.76 -8.98
N VAL A 7 25.45 6.52 -9.52
CA VAL A 7 26.63 6.35 -8.67
C VAL A 7 26.97 7.69 -8.02
N GLY A 8 27.14 7.66 -6.70
CA GLY A 8 27.49 8.85 -5.93
C GLY A 8 26.32 9.57 -5.31
N LEU A 9 25.08 9.21 -5.67
CA LEU A 9 23.91 9.86 -5.12
C LEU A 9 23.56 9.28 -3.75
N ARG A 10 23.06 10.13 -2.87
CA ARG A 10 22.62 9.73 -1.54
C ARG A 10 21.18 9.24 -1.59
N VAL A 11 20.89 8.21 -0.81
CA VAL A 11 19.58 7.56 -0.84
C VAL A 11 19.25 6.97 0.53
N VAL A 12 18.11 6.31 0.63
N VAL A 12 18.12 6.28 0.62
CA VAL A 12 17.76 5.50 1.79
CA VAL A 12 17.70 5.58 1.84
C VAL A 12 17.32 4.13 1.27
C VAL A 12 17.22 4.20 1.42
N ALA A 13 17.91 3.08 1.82
N ALA A 13 17.86 3.16 1.98
CA ALA A 13 17.73 1.73 1.29
CA ALA A 13 17.57 1.78 1.59
C ALA A 13 17.23 0.79 2.38
C ALA A 13 17.50 0.90 2.83
N LYS A 14 16.28 -0.06 2.01
N LYS A 14 16.89 -0.27 2.66
CA LYS A 14 15.72 -1.02 2.97
CA LYS A 14 16.67 -1.21 3.76
C LYS A 14 16.80 -1.97 3.45
C LYS A 14 17.10 -2.61 3.31
N TRP A 15 16.60 -2.52 4.66
N TRP A 15 16.94 -3.58 4.22
CA TRP A 15 17.59 -3.37 5.31
CA TRP A 15 17.31 -4.97 3.97
C TRP A 15 16.95 -4.72 5.66
C TRP A 15 16.39 -5.87 4.78
N SER A 16 16.82 -5.57 4.65
N SER A 16 15.11 -5.87 4.41
CA SER A 16 16.52 -7.00 4.81
CA SER A 16 14.11 -6.80 4.97
C SER A 16 15.49 -7.29 5.89
C SER A 16 14.23 -6.82 6.49
N SER A 17 15.94 -7.54 7.11
N SER A 17 13.90 -7.96 7.12
CA SER A 17 15.09 -8.06 8.17
CA SER A 17 13.97 -8.11 8.56
C SER A 17 13.95 -7.16 8.63
C SER A 17 13.22 -6.98 9.27
N ASN A 18 14.31 -6.13 9.40
N ASN A 18 13.90 -6.18 10.08
CA ASN A 18 13.38 -5.14 9.99
CA ASN A 18 13.25 -5.06 10.74
C ASN A 18 12.66 -4.38 8.87
C ASN A 18 12.57 -4.14 9.73
N GLY A 19 13.22 -4.35 7.66
N GLY A 19 13.06 -4.12 8.49
CA GLY A 19 12.62 -3.62 6.55
CA GLY A 19 12.43 -3.34 7.43
C GLY A 19 12.68 -2.13 6.68
C GLY A 19 12.45 -1.86 7.67
N TYR A 20 13.59 -1.59 7.50
N TYR A 20 13.63 -1.30 7.89
CA TYR A 20 13.74 -0.16 7.65
CA TYR A 20 13.80 0.14 8.05
C TYR A 20 14.71 0.38 6.60
C TYR A 20 14.80 0.64 7.01
N PHE A 21 14.45 1.61 6.18
N PHE A 21 14.41 1.68 6.27
CA PHE A 21 15.33 2.31 5.23
CA PHE A 21 15.31 2.30 5.30
C PHE A 21 16.29 3.20 6.00
C PHE A 21 16.30 3.20 6.03
N TYR A 22 17.58 3.02 5.75
CA TYR A 22 18.64 3.78 6.41
C TYR A 22 19.37 4.65 5.39
N SER A 23 19.86 5.80 5.87
CA SER A 23 20.59 6.73 5.01
C SER A 23 21.88 6.10 4.49
N GLY A 24 22.12 6.26 3.20
CA GLY A 24 23.30 5.70 2.58
C GLY A 24 23.62 6.39 1.27
N LYS A 25 24.54 5.77 0.52
CA LYS A 25 25.04 6.36 -0.72
C LYS A 25 25.38 5.24 -1.69
N ILE A 26 24.96 5.39 -2.94
CA ILE A 26 25.27 4.41 -3.98
C ILE A 26 26.72 4.61 -4.42
N THR A 27 27.51 3.53 -4.34
CA THR A 27 28.92 3.60 -4.66
C THR A 27 29.26 2.96 -6.01
N ARG A 28 28.40 2.09 -6.54
CA ARG A 28 28.69 1.44 -7.81
C ARG A 28 27.41 0.78 -8.31
N ASP A 29 27.30 0.68 -9.63
CA ASP A 29 26.20 0.00 -10.28
C ASP A 29 26.65 -1.40 -10.67
N VAL A 30 25.83 -2.40 -10.35
CA VAL A 30 26.16 -3.79 -10.66
C VAL A 30 24.99 -4.41 -11.42
N GLY A 31 25.07 -5.72 -11.66
CA GLY A 31 24.05 -6.44 -12.40
C GLY A 31 22.94 -6.94 -11.51
N ALA A 32 22.02 -7.70 -12.12
CA ALA A 32 20.88 -8.27 -11.42
C ALA A 32 20.03 -7.20 -10.76
N GLY A 33 20.02 -5.99 -11.34
CA GLY A 33 19.26 -4.89 -10.77
C GLY A 33 19.67 -4.54 -9.36
N LYS A 34 20.94 -4.72 -9.02
CA LYS A 34 21.46 -4.42 -7.70
C LYS A 34 22.39 -3.21 -7.75
N TYR A 35 22.64 -2.65 -6.58
CA TYR A 35 23.54 -1.51 -6.44
C TYR A 35 24.41 -1.69 -5.20
N LYS A 36 25.68 -1.32 -5.31
CA LYS A 36 26.56 -1.26 -4.16
C LYS A 36 26.30 0.05 -3.42
N LEU A 37 25.87 -0.05 -2.16
CA LEU A 37 25.52 1.12 -1.35
CA LEU A 37 25.57 1.14 -1.38
C LEU A 37 26.32 1.11 -0.06
N LEU A 38 26.71 2.30 0.40
CA LEU A 38 27.46 2.49 1.63
C LEU A 38 26.58 3.26 2.60
N PHE A 39 26.20 2.61 3.70
CA PHE A 39 25.40 3.28 4.71
C PHE A 39 26.28 4.22 5.53
N ASP A 40 25.63 5.21 6.14
CA ASP A 40 26.36 6.25 6.86
C ASP A 40 27.16 5.71 8.04
N ASP A 41 26.92 4.47 8.46
CA ASP A 41 27.68 3.88 9.56
C ASP A 41 28.93 3.15 9.07
N GLY A 42 29.19 3.12 7.77
CA GLY A 42 30.39 2.52 7.22
C GLY A 42 30.19 1.16 6.59
N TYR A 43 29.05 0.52 6.81
CA TYR A 43 28.81 -0.80 6.24
C TYR A 43 28.39 -0.68 4.77
N GLU A 44 29.01 -1.49 3.92
CA GLU A 44 28.75 -1.48 2.49
C GLU A 44 28.31 -2.87 2.04
N CYS A 45 27.29 -2.92 1.18
CA CYS A 45 26.79 -4.18 0.66
C CYS A 45 25.94 -3.88 -0.58
N ASP A 46 25.50 -4.95 -1.23
CA ASP A 46 24.67 -4.87 -2.42
C ASP A 46 23.20 -4.99 -2.04
N VAL A 47 22.36 -4.11 -2.57
N VAL A 47 22.37 -4.09 -2.55
CA VAL A 47 20.93 -4.13 -2.31
CA VAL A 47 20.93 -4.15 -2.33
C VAL A 47 20.20 -3.96 -3.63
C VAL A 47 20.23 -4.04 -3.67
N LEU A 48 18.99 -4.52 -3.70
CA LEU A 48 18.19 -4.44 -4.91
C LEU A 48 17.71 -3.02 -5.16
N GLY A 49 17.49 -2.69 -6.43
CA GLY A 49 17.04 -1.36 -6.78
C GLY A 49 15.67 -1.04 -6.21
N LYS A 50 14.77 -2.02 -6.17
CA LYS A 50 13.44 -1.80 -5.63
C LYS A 50 13.47 -1.41 -4.16
N ASP A 51 14.57 -1.64 -3.47
CA ASP A 51 14.71 -1.31 -2.06
C ASP A 51 15.41 0.02 -1.84
N ILE A 52 15.68 0.78 -2.90
CA ILE A 52 16.39 2.05 -2.80
C ILE A 52 15.40 3.18 -3.12
N LEU A 53 15.43 4.23 -2.31
CA LEU A 53 14.63 5.42 -2.52
C LEU A 53 15.57 6.59 -2.80
N LEU A 54 15.46 7.17 -3.99
N LEU A 54 15.47 7.16 -3.99
CA LEU A 54 16.31 8.30 -4.39
CA LEU A 54 16.30 8.31 -4.39
C LEU A 54 15.79 9.56 -3.69
C LEU A 54 15.77 9.56 -3.69
N CYS A 55 16.19 9.72 -2.43
CA CYS A 55 15.79 10.86 -1.62
C CYS A 55 16.99 11.54 -0.98
N ASP A 56 17.29 12.74 -1.45
CA ASP A 56 18.35 13.56 -0.85
C ASP A 56 17.83 14.98 -1.03
N PRO A 57 17.20 15.56 0.00
CA PRO A 57 16.95 15.02 1.33
C PRO A 57 15.59 14.34 1.30
N ILE A 58 15.21 13.72 2.42
CA ILE A 58 13.83 13.23 2.56
C ILE A 58 12.88 14.42 2.47
N PRO A 59 11.88 14.40 1.60
CA PRO A 59 11.09 15.61 1.35
C PRO A 59 10.30 16.06 2.57
N LEU A 60 9.95 17.34 2.56
CA LEU A 60 9.16 17.92 3.63
C LEU A 60 7.81 17.22 3.76
N ASP A 61 7.29 17.22 4.99
CA ASP A 61 6.01 16.62 5.34
C ASP A 61 6.00 15.10 5.25
N THR A 62 7.17 14.47 5.15
CA THR A 62 7.25 13.01 5.17
C THR A 62 7.24 12.52 6.61
N GLU A 63 6.45 11.48 6.86
CA GLU A 63 6.47 10.82 8.15
C GLU A 63 7.69 9.88 8.21
N VAL A 64 8.51 10.06 9.25
CA VAL A 64 9.76 9.33 9.40
C VAL A 64 9.86 8.80 10.82
N THR A 65 10.96 8.09 11.08
CA THR A 65 11.31 7.61 12.42
C THR A 65 12.62 8.28 12.82
N ALA A 66 12.59 9.03 13.92
CA ALA A 66 13.74 9.80 14.38
C ALA A 66 14.40 9.08 15.54
N LEU A 67 15.67 8.74 15.39
CA LEU A 67 16.38 7.93 16.37
C LEU A 67 16.94 8.79 17.49
N SER A 68 16.74 8.34 18.72
CA SER A 68 17.33 8.94 19.91
CA SER A 68 17.36 8.93 19.89
C SER A 68 17.62 7.84 20.91
N GLU A 69 18.46 8.14 21.89
CA GLU A 69 18.88 7.12 22.83
C GLU A 69 17.68 6.46 23.50
N ASP A 70 17.61 5.13 23.39
CA ASP A 70 16.54 4.33 23.96
C ASP A 70 15.20 4.57 23.29
N GLU A 71 15.20 5.06 22.04
N GLU A 71 15.21 5.05 22.05
CA GLU A 71 13.97 5.25 21.29
CA GLU A 71 14.00 5.28 21.26
C GLU A 71 14.20 4.73 19.87
C GLU A 71 14.22 4.71 19.87
N TYR A 72 13.38 3.76 19.46
CA TYR A 72 13.54 3.10 18.17
C TYR A 72 12.35 3.25 17.24
N PHE A 73 11.17 3.60 17.75
CA PHE A 73 9.96 3.70 16.94
C PHE A 73 9.31 5.07 17.04
N SER A 74 10.07 6.09 17.42
CA SER A 74 9.51 7.43 17.61
C SER A 74 9.22 8.06 16.25
N ALA A 75 7.95 8.19 15.92
CA ALA A 75 7.55 8.75 14.64
C ALA A 75 7.51 10.27 14.70
N GLY A 76 7.71 10.91 13.55
CA GLY A 76 7.63 12.35 13.43
C GLY A 76 7.43 12.73 11.98
N VAL A 77 7.33 14.04 11.76
CA VAL A 77 7.11 14.58 10.42
C VAL A 77 8.23 15.58 10.12
N VAL A 78 8.80 15.47 8.92
CA VAL A 78 9.85 16.40 8.51
C VAL A 78 9.22 17.76 8.22
N LYS A 79 9.70 18.79 8.91
CA LYS A 79 9.21 20.15 8.72
C LYS A 79 10.28 21.14 8.31
N GLY A 80 11.56 20.72 8.27
CA GLY A 80 12.61 21.63 7.87
C GLY A 80 13.88 20.91 7.51
N HIS A 81 14.71 21.59 6.73
CA HIS A 81 16.04 21.12 6.38
C HIS A 81 17.03 22.24 6.69
N ARG A 82 18.28 21.86 6.97
CA ARG A 82 19.29 22.84 7.33
CA ARG A 82 19.29 22.84 7.33
C ARG A 82 20.67 22.28 7.00
N LYS A 83 21.47 23.07 6.28
CA LYS A 83 22.84 22.71 5.97
C LYS A 83 23.78 23.50 6.87
N GLU A 84 24.74 22.82 7.49
CA GLU A 84 25.69 23.49 8.36
C GLU A 84 27.01 22.72 8.31
N SER A 85 28.04 23.37 7.78
CA SER A 85 29.38 22.77 7.70
C SER A 85 29.37 21.48 6.89
N GLY A 86 28.64 21.48 5.77
CA GLY A 86 28.57 20.32 4.93
C GLY A 86 27.82 19.14 5.52
N GLU A 87 26.95 19.39 6.49
CA GLU A 87 26.15 18.35 7.12
C GLU A 87 24.68 18.72 7.06
N LEU A 88 23.84 17.73 6.78
CA LEU A 88 22.40 17.94 6.70
C LEU A 88 21.74 17.66 8.03
N TYR A 89 20.81 18.53 8.42
CA TYR A 89 20.02 18.36 9.63
C TYR A 89 18.54 18.37 9.27
N TYR A 90 17.76 17.53 9.94
CA TYR A 90 16.32 17.46 9.76
C TYR A 90 15.62 18.05 10.98
N SER A 91 14.59 18.85 10.73
CA SER A 91 13.71 19.36 11.78
C SER A 91 12.48 18.47 11.81
N ILE A 92 12.32 17.68 12.87
CA ILE A 92 11.27 16.68 13.00
C ILE A 92 10.24 17.18 14.01
N GLU A 93 8.97 17.15 13.62
CA GLU A 93 7.88 17.61 14.48
C GLU A 93 7.18 16.41 15.10
N LYS A 94 6.94 16.48 16.41
CA LYS A 94 6.23 15.43 17.13
C LYS A 94 5.51 16.06 18.30
N GLU A 95 4.20 15.87 18.37
CA GLU A 95 3.39 16.38 19.49
C GLU A 95 3.51 17.89 19.61
N GLY A 96 3.51 18.57 18.47
N GLY A 96 3.51 18.57 18.47
CA GLY A 96 3.53 20.02 18.45
CA GLY A 96 3.54 20.02 18.45
C GLY A 96 4.89 20.66 18.68
C GLY A 96 4.89 20.65 18.71
N GLN A 97 5.94 19.86 18.90
N GLN A 97 5.94 19.85 18.89
CA GLN A 97 7.27 20.38 19.15
CA GLN A 97 7.28 20.37 19.16
C GLN A 97 8.23 19.85 18.09
C GLN A 97 8.25 19.84 18.11
N ARG A 98 9.23 20.66 17.76
CA ARG A 98 10.22 20.33 16.75
C ARG A 98 11.59 20.18 17.39
N LYS A 99 12.35 19.20 16.89
CA LYS A 99 13.70 18.93 17.36
C LYS A 99 14.61 18.65 16.17
N TRP A 100 15.89 18.97 16.33
CA TRP A 100 16.87 18.80 15.26
C TRP A 100 17.51 17.42 15.34
N TYR A 101 17.61 16.77 14.19
CA TYR A 101 18.24 15.45 14.06
C TYR A 101 19.23 15.49 12.90
N LYS A 102 20.35 14.79 13.07
CA LYS A 102 21.29 14.64 11.97
C LYS A 102 20.74 13.64 10.95
N ARG A 103 21.29 13.70 9.73
CA ARG A 103 20.78 12.89 8.63
C ARG A 103 20.71 11.41 9.01
N MET A 104 21.83 10.85 9.47
CA MET A 104 21.88 9.42 9.71
CA MET A 104 21.91 9.42 9.74
C MET A 104 20.88 8.96 10.76
N ALA A 105 20.39 9.87 11.61
CA ALA A 105 19.44 9.50 12.65
C ALA A 105 18.01 9.39 12.14
N VAL A 106 17.74 9.77 10.90
CA VAL A 106 16.40 9.78 10.35
C VAL A 106 16.23 8.56 9.45
N ILE A 107 15.30 7.68 9.81
CA ILE A 107 15.07 6.44 9.09
C ILE A 107 13.59 6.31 8.77
N LEU A 108 13.24 5.31 7.98
CA LEU A 108 11.87 5.06 7.57
C LEU A 108 11.53 3.60 7.84
N SER A 109 10.41 3.37 8.52
CA SER A 109 9.88 2.02 8.63
C SER A 109 9.41 1.54 7.25
N LEU A 110 9.02 0.27 7.19
CA LEU A 110 8.54 -0.30 5.92
C LEU A 110 7.35 0.49 5.41
N GLU A 111 6.35 0.74 6.26
CA GLU A 111 5.18 1.50 5.85
C GLU A 111 5.57 2.91 5.44
N GLN A 112 6.39 3.58 6.24
CA GLN A 112 6.79 4.95 5.93
C GLN A 112 7.53 5.02 4.60
N GLY A 113 8.41 4.05 4.35
CA GLY A 113 9.14 4.05 3.09
C GLY A 113 8.28 3.73 1.89
N ASN A 114 7.31 2.82 2.07
CA ASN A 114 6.41 2.47 0.97
C ASN A 114 5.69 3.70 0.42
N ARG A 115 5.40 4.67 1.28
CA ARG A 115 4.70 5.87 0.82
C ARG A 115 5.50 6.65 -0.21
N LEU A 116 6.82 6.49 -0.24
CA LEU A 116 7.67 7.16 -1.21
C LEU A 116 8.10 6.25 -2.35
N ARG A 117 7.74 4.96 -2.30
CA ARG A 117 8.25 4.00 -3.27
C ARG A 117 7.88 4.40 -4.69
N GLU A 118 6.62 4.81 -4.90
CA GLU A 118 6.15 5.09 -6.25
C GLU A 118 6.92 6.25 -6.88
N GLN A 119 7.17 7.31 -6.10
CA GLN A 119 7.79 8.50 -6.66
C GLN A 119 9.31 8.39 -6.72
N TYR A 120 9.92 7.85 -5.66
CA TYR A 120 11.37 7.86 -5.53
C TYR A 120 12.01 6.48 -5.63
N GLY A 121 11.22 5.41 -5.71
CA GLY A 121 11.79 4.08 -5.76
C GLY A 121 12.51 3.81 -7.07
N LEU A 122 13.58 3.02 -6.98
CA LEU A 122 14.34 2.59 -8.15
C LEU A 122 13.93 1.20 -8.62
N GLY A 123 12.65 0.84 -8.45
CA GLY A 123 12.15 -0.46 -8.87
C GLY A 123 11.91 -0.52 -10.37
N ASN B 4 26.38 -12.31 36.63
CA ASN B 4 24.96 -12.36 36.98
C ASN B 4 24.11 -12.51 35.72
N SER B 5 23.79 -11.40 35.08
CA SER B 5 23.00 -11.41 33.84
C SER B 5 23.31 -10.15 33.07
N PHE B 6 23.76 -10.29 31.83
CA PHE B 6 24.12 -9.16 30.99
C PHE B 6 22.93 -8.60 30.23
N VAL B 7 21.73 -9.13 30.44
CA VAL B 7 20.56 -8.65 29.71
C VAL B 7 20.23 -7.24 30.15
N GLY B 8 20.05 -6.35 29.17
CA GLY B 8 19.72 -4.97 29.43
C GLY B 8 20.91 -4.03 29.49
N LEU B 9 22.13 -4.54 29.47
CA LEU B 9 23.33 -3.71 29.57
C LEU B 9 23.76 -3.24 28.18
N ARG B 10 24.21 -1.99 28.11
CA ARG B 10 24.71 -1.44 26.86
C ARG B 10 26.13 -1.94 26.60
N VAL B 11 26.46 -2.07 25.31
CA VAL B 11 27.75 -2.61 24.89
C VAL B 11 28.13 -1.99 23.55
N VAL B 12 29.35 -2.29 23.11
CA VAL B 12 29.80 -2.04 21.74
C VAL B 12 30.17 -3.40 21.17
N ALA B 13 29.51 -3.79 20.08
N ALA B 13 29.52 -3.79 20.07
CA ALA B 13 29.61 -5.15 19.58
CA ALA B 13 29.61 -5.15 19.55
C ALA B 13 29.80 -5.17 18.07
C ALA B 13 30.17 -5.14 18.14
N LYS B 14 30.55 -6.17 17.60
N LYS B 14 31.14 -6.02 17.88
CA LYS B 14 30.80 -6.39 16.18
CA LYS B 14 31.72 -6.20 16.57
C LYS B 14 29.93 -7.54 15.71
C LYS B 14 30.63 -6.48 15.54
N TRP B 15 29.03 -7.26 14.77
N TRP B 15 30.91 -6.21 14.27
CA TRP B 15 28.09 -8.26 14.28
CA TRP B 15 29.93 -6.33 13.20
C TRP B 15 28.49 -8.83 12.92
C TRP B 15 30.37 -7.25 12.07
N SER B 16 29.17 -8.05 12.09
N SER B 16 31.66 -7.55 11.94
CA SER B 16 29.57 -8.47 10.76
CA SER B 16 32.18 -8.62 11.08
C SER B 16 31.05 -8.86 10.75
C SER B 16 32.71 -8.11 9.74
N SER B 17 31.41 -9.73 9.82
N SER B 17 31.80 -7.80 8.82
CA SER B 17 32.80 -10.13 9.67
CA SER B 17 32.18 -7.47 7.44
C SER B 17 33.63 -8.95 9.19
C SER B 17 33.30 -6.43 7.41
N ASN B 18 34.76 -8.71 9.87
N ASN B 18 33.01 -5.20 7.86
CA ASN B 18 35.67 -7.62 9.53
CA ASN B 18 34.02 -4.16 7.91
C ASN B 18 34.97 -6.27 9.59
C ASN B 18 34.94 -4.29 9.11
N GLY B 19 33.98 -6.14 10.48
N GLY B 19 34.48 -4.94 10.19
CA GLY B 19 33.27 -4.90 10.66
CA GLY B 19 35.28 -5.09 11.38
C GLY B 19 33.71 -4.16 11.92
C GLY B 19 35.17 -3.96 12.37
N TYR B 20 33.03 -3.04 12.17
N TYR B 20 34.01 -3.31 12.45
CA TYR B 20 33.31 -2.22 13.33
CA TYR B 20 33.80 -2.19 13.34
C TYR B 20 32.43 -2.66 14.51
C TYR B 20 32.78 -2.56 14.42
N PHE B 21 32.82 -2.20 15.70
N PHE B 21 33.02 -2.06 15.64
CA PHE B 21 31.99 -2.35 16.88
CA PHE B 21 32.07 -2.22 16.72
C PHE B 21 31.05 -1.15 16.97
C PHE B 21 31.07 -1.07 16.71
N TYR B 22 29.75 -1.42 17.10
N TYR B 22 29.85 -1.35 17.15
CA TYR B 22 28.74 -0.37 17.13
CA TYR B 22 28.78 -0.36 17.15
C TYR B 22 28.02 -0.38 18.46
C TYR B 22 28.04 -0.38 18.48
N SER B 23 27.53 0.79 18.86
CA SER B 23 26.80 0.92 20.11
C SER B 23 25.52 0.11 20.05
N GLY B 24 25.28 -0.70 21.08
CA GLY B 24 24.11 -1.54 21.11
C GLY B 24 23.75 -1.94 22.52
N LYS B 25 22.93 -2.97 22.63
CA LYS B 25 22.35 -3.39 23.90
C LYS B 25 22.07 -4.89 23.84
N ILE B 26 22.40 -5.60 24.91
CA ILE B 26 22.09 -7.03 25.00
C ILE B 26 20.63 -7.19 25.39
N THR B 27 19.93 -8.09 24.69
CA THR B 27 18.53 -8.36 24.96
C THR B 27 18.24 -9.81 25.36
N ARG B 28 19.10 -10.76 25.01
CA ARG B 28 18.89 -12.14 25.40
C ARG B 28 20.22 -12.87 25.45
N ASP B 29 20.28 -13.89 26.31
CA ASP B 29 21.34 -14.88 26.30
C ASP B 29 20.81 -16.08 25.53
N VAL B 30 21.28 -16.24 24.30
CA VAL B 30 20.78 -17.30 23.42
C VAL B 30 21.66 -18.54 23.49
N GLY B 31 22.52 -18.66 24.51
CA GLY B 31 23.36 -19.84 24.66
C GLY B 31 24.37 -20.01 23.55
N ALA B 32 25.22 -21.03 23.68
CA ALA B 32 26.27 -21.31 22.69
C ALA B 32 27.24 -20.14 22.56
N GLY B 33 27.47 -19.42 23.67
CA GLY B 33 28.38 -18.29 23.65
C GLY B 33 27.89 -17.11 22.85
N LYS B 34 26.60 -17.05 22.52
N LYS B 34 26.60 -17.05 22.52
CA LYS B 34 26.04 -15.97 21.73
CA LYS B 34 26.04 -15.97 21.73
C LYS B 34 25.07 -15.15 22.59
C LYS B 34 25.07 -15.15 22.59
N TYR B 35 24.84 -13.92 22.13
CA TYR B 35 23.89 -13.02 22.76
C TYR B 35 23.12 -12.30 21.68
N LYS B 36 21.81 -12.13 21.88
CA LYS B 36 21.02 -11.31 20.98
C LYS B 36 21.25 -9.85 21.31
N LEU B 37 21.54 -9.05 20.29
CA LEU B 37 21.85 -7.64 20.46
CA LEU B 37 21.85 -7.64 20.47
C LEU B 37 20.82 -6.77 19.75
N LEU B 38 20.67 -5.55 20.24
CA LEU B 38 19.81 -4.54 19.65
C LEU B 38 20.68 -3.30 19.46
N PHE B 39 21.12 -3.07 18.23
CA PHE B 39 21.91 -1.89 17.93
C PHE B 39 21.04 -0.65 17.98
N ASP B 40 21.67 0.50 18.24
CA ASP B 40 20.93 1.73 18.43
C ASP B 40 20.09 2.08 17.20
N ASP B 41 20.43 1.55 16.02
CA ASP B 41 19.65 1.83 14.82
C ASP B 41 18.44 0.91 14.67
N GLY B 42 18.28 -0.08 15.57
CA GLY B 42 17.14 -0.96 15.55
C GLY B 42 17.42 -2.36 15.03
N TYR B 43 18.57 -2.59 14.42
CA TYR B 43 18.85 -3.92 13.88
C TYR B 43 19.16 -4.90 15.00
N GLU B 44 18.61 -6.11 14.89
CA GLU B 44 18.76 -7.15 15.88
C GLU B 44 19.39 -8.39 15.24
N CYS B 45 20.31 -9.02 15.96
CA CYS B 45 20.93 -10.25 15.50
C CYS B 45 21.71 -10.85 16.67
N ASP B 46 22.10 -12.12 16.50
CA ASP B 46 22.91 -12.81 17.49
C ASP B 46 24.39 -12.54 17.22
N VAL B 47 25.17 -12.41 18.30
CA VAL B 47 26.58 -12.06 18.21
C VAL B 47 27.37 -12.88 19.22
N LEU B 48 28.53 -13.37 18.80
CA LEU B 48 29.39 -14.12 19.70
C LEU B 48 29.91 -13.23 20.82
N GLY B 49 30.06 -13.83 22.00
CA GLY B 49 30.51 -13.07 23.16
C GLY B 49 31.84 -12.39 22.94
N LYS B 50 32.79 -13.09 22.31
CA LYS B 50 34.11 -12.50 22.06
C LYS B 50 34.01 -11.23 21.22
N ASP B 51 32.89 -11.01 20.57
CA ASP B 51 32.68 -9.85 19.70
C ASP B 51 31.94 -8.72 20.40
N ILE B 52 31.74 -8.81 21.72
CA ILE B 52 30.97 -7.83 22.47
C ILE B 52 31.87 -7.21 23.53
N LEU B 53 31.92 -5.89 23.57
CA LEU B 53 32.68 -5.15 24.57
C LEU B 53 31.69 -4.56 25.57
N LEU B 54 31.76 -5.03 26.82
CA LEU B 54 30.83 -4.61 27.86
C LEU B 54 31.39 -3.36 28.54
N CYS B 55 31.19 -2.21 27.89
CA CYS B 55 31.57 -0.94 28.47
C CYS B 55 30.52 0.10 28.13
N ASP B 56 29.99 0.76 29.16
CA ASP B 56 28.97 1.79 29.00
C ASP B 56 29.24 2.85 30.08
N PRO B 57 29.80 4.01 29.71
CA PRO B 57 30.22 4.44 28.37
C PRO B 57 31.57 3.88 27.96
N ILE B 58 32.03 4.27 26.78
CA ILE B 58 33.40 3.94 26.37
C ILE B 58 34.38 4.70 27.26
N PRO B 59 35.38 4.04 27.84
CA PRO B 59 36.22 4.71 28.84
C PRO B 59 36.93 5.95 28.29
N LEU B 60 37.26 6.86 29.20
CA LEU B 60 38.04 8.02 28.86
C LEU B 60 39.41 7.61 28.31
N ASP B 61 39.95 8.44 27.42
CA ASP B 61 41.25 8.22 26.79
C ASP B 61 41.26 7.00 25.86
N THR B 62 40.09 6.56 25.40
CA THR B 62 40.02 5.48 24.42
C THR B 62 40.08 6.07 23.01
N GLU B 63 40.88 5.46 22.15
CA GLU B 63 40.91 5.85 20.76
C GLU B 63 39.71 5.22 20.04
N VAL B 64 38.93 6.05 19.35
CA VAL B 64 37.68 5.64 18.74
C VAL B 64 37.61 6.24 17.34
N THR B 65 36.53 5.91 16.63
CA THR B 65 36.21 6.49 15.34
C THR B 65 34.89 7.25 15.46
N ALA B 66 34.90 8.52 15.06
CA ALA B 66 33.77 9.42 15.25
C ALA B 66 33.12 9.67 13.89
N LEU B 67 31.87 9.24 13.75
CA LEU B 67 31.18 9.31 12.47
C LEU B 67 30.61 10.70 12.21
N SER B 68 30.72 11.14 10.96
CA SER B 68 30.06 12.36 10.51
CA SER B 68 30.09 12.38 10.50
C SER B 68 29.82 12.23 9.02
N GLU B 69 28.90 13.06 8.52
CA GLU B 69 28.52 12.97 7.11
C GLU B 69 29.74 12.98 6.21
N ASP B 70 29.88 11.90 5.43
CA ASP B 70 30.96 11.71 4.47
C ASP B 70 32.30 11.41 5.13
N GLU B 71 32.31 11.02 6.40
N GLU B 71 32.30 11.01 6.40
CA GLU B 71 33.51 10.64 7.11
CA GLU B 71 33.52 10.64 7.11
C GLU B 71 33.27 9.32 7.82
C GLU B 71 33.28 9.33 7.83
N TYR B 72 34.02 8.29 7.44
CA TYR B 72 33.87 6.96 8.01
C TYR B 72 35.09 6.47 8.78
N PHE B 73 36.21 7.18 8.72
CA PHE B 73 37.45 6.71 9.35
C PHE B 73 38.10 7.78 10.22
N SER B 74 37.40 8.85 10.56
CA SER B 74 37.99 9.91 11.38
C SER B 74 38.28 9.37 12.78
N ALA B 75 39.55 9.36 13.15
CA ALA B 75 39.96 8.85 14.45
C ALA B 75 40.03 9.97 15.48
N GLY B 76 39.86 9.60 16.74
CA GLY B 76 39.92 10.55 17.84
C GLY B 76 40.00 9.82 19.16
N VAL B 77 40.18 10.60 20.22
CA VAL B 77 40.30 10.08 21.57
C VAL B 77 39.17 10.64 22.43
N VAL B 78 38.57 9.78 23.25
CA VAL B 78 37.55 10.22 24.19
C VAL B 78 38.21 11.01 25.31
N LYS B 79 37.66 12.19 25.60
CA LYS B 79 38.17 13.02 26.69
C LYS B 79 37.09 13.53 27.62
N GLY B 80 35.83 13.20 27.37
CA GLY B 80 34.76 13.66 28.23
C GLY B 80 33.47 12.93 27.96
N HIS B 81 32.61 12.95 28.97
CA HIS B 81 31.26 12.42 28.87
C HIS B 81 30.28 13.47 29.37
N ARG B 82 29.08 13.48 28.78
CA ARG B 82 28.07 14.44 29.16
C ARG B 82 26.70 13.86 28.88
N LYS B 83 25.79 14.03 29.83
CA LYS B 83 24.40 13.62 29.66
C LYS B 83 23.52 14.86 29.51
N GLU B 84 22.63 14.83 28.52
CA GLU B 84 21.75 15.95 28.25
C GLU B 84 20.42 15.39 27.78
N SER B 85 19.38 15.54 28.60
CA SER B 85 18.06 15.00 28.30
C SER B 85 18.09 13.48 28.17
N GLY B 86 18.81 12.83 29.09
CA GLY B 86 18.86 11.38 29.10
C GLY B 86 19.60 10.76 27.94
N GLU B 87 20.45 11.53 27.26
CA GLU B 87 21.25 11.04 26.15
C GLU B 87 22.73 11.27 26.43
N LEU B 88 23.55 10.30 26.07
CA LEU B 88 24.99 10.40 26.26
C LEU B 88 25.63 11.09 25.07
N TYR B 89 26.58 11.98 25.37
CA TYR B 89 27.40 12.63 24.36
C TYR B 89 28.87 12.38 24.69
N TYR B 90 29.66 12.13 23.64
CA TYR B 90 31.10 11.94 23.77
C TYR B 90 31.83 13.19 23.31
N SER B 91 32.84 13.60 24.08
CA SER B 91 33.74 14.68 23.69
C SER B 91 34.98 14.06 23.06
N ILE B 92 35.11 14.19 21.75
CA ILE B 92 36.18 13.55 20.99
C ILE B 92 37.23 14.60 20.64
N GLU B 93 38.48 14.31 20.98
CA GLU B 93 39.58 15.23 20.71
C GLU B 93 40.34 14.75 19.48
N LYS B 94 40.58 15.68 18.55
CA LYS B 94 41.34 15.37 17.34
C LYS B 94 42.10 16.61 16.93
N GLU B 95 43.43 16.53 16.97
CA GLU B 95 44.29 17.64 16.55
C GLU B 95 44.06 18.87 17.43
N GLY B 96 44.13 18.66 18.74
CA GLY B 96 44.05 19.74 19.70
C GLY B 96 42.68 20.34 19.92
N GLN B 97 41.67 19.93 19.15
CA GLN B 97 40.33 20.45 19.28
C GLN B 97 39.36 19.34 19.66
N ARG B 98 38.34 19.69 20.45
CA ARG B 98 37.35 18.75 20.91
C ARG B 98 35.98 19.08 20.32
N LYS B 99 35.27 18.04 19.88
CA LYS B 99 33.92 18.18 19.35
C LYS B 99 33.01 17.14 19.99
N TRP B 100 31.72 17.45 20.03
CA TRP B 100 30.73 16.58 20.64
C TRP B 100 30.12 15.64 19.60
N TYR B 101 29.91 14.39 20.01
CA TYR B 101 29.27 13.37 19.18
C TYR B 101 28.29 12.59 20.03
N LYS B 102 27.13 12.28 19.46
CA LYS B 102 26.18 11.43 20.16
C LYS B 102 26.71 10.01 20.25
N ARG B 103 26.24 9.29 21.28
CA ARG B 103 26.68 7.91 21.51
C ARG B 103 26.66 7.11 20.22
N MET B 104 25.55 7.16 19.50
CA MET B 104 25.37 6.33 18.32
CA MET B 104 25.37 6.32 18.31
C MET B 104 26.44 6.57 17.26
N ALA B 105 27.10 7.72 17.28
CA ALA B 105 28.06 8.08 16.25
C ALA B 105 29.49 7.65 16.57
N VAL B 106 29.75 7.15 17.78
CA VAL B 106 31.09 6.74 18.18
C VAL B 106 31.22 5.24 18.02
N ILE B 107 32.12 4.82 17.13
CA ILE B 107 32.33 3.41 16.82
C ILE B 107 33.81 3.09 16.98
N LEU B 108 34.12 1.80 16.94
CA LEU B 108 35.48 1.31 17.10
C LEU B 108 35.86 0.43 15.92
N SER B 109 37.08 0.60 15.43
CA SER B 109 37.62 -0.30 14.42
C SER B 109 38.12 -1.57 15.10
N LEU B 110 38.45 -2.57 14.27
CA LEU B 110 38.97 -3.82 14.80
C LEU B 110 40.19 -3.57 15.68
N GLU B 111 41.12 -2.74 15.22
CA GLU B 111 42.29 -2.41 16.01
C GLU B 111 41.89 -1.67 17.28
N GLN B 112 40.99 -0.69 17.16
CA GLN B 112 40.57 0.09 18.33
C GLN B 112 39.83 -0.79 19.32
N GLY B 113 38.97 -1.69 18.83
CA GLY B 113 38.26 -2.59 19.72
C GLY B 113 39.16 -3.61 20.38
N ASN B 114 40.21 -4.05 19.68
CA ASN B 114 41.12 -5.03 20.26
C ASN B 114 41.78 -4.52 21.53
N ARG B 115 41.99 -3.20 21.64
CA ARG B 115 42.60 -2.63 22.84
CA ARG B 115 42.61 -2.64 22.84
C ARG B 115 41.71 -2.74 24.06
N LEU B 116 40.47 -3.22 23.92
CA LEU B 116 39.56 -3.36 25.05
C LEU B 116 39.09 -4.79 25.28
N ARG B 117 39.45 -5.74 24.41
CA ARG B 117 38.96 -7.11 24.55
C ARG B 117 39.28 -7.68 25.92
N GLU B 118 40.55 -7.60 26.33
CA GLU B 118 40.97 -8.26 27.57
C GLU B 118 40.18 -7.77 28.77
N GLN B 119 39.92 -6.47 28.84
CA GLN B 119 39.28 -5.90 30.01
C GLN B 119 37.75 -5.95 29.95
N TYR B 120 37.16 -5.75 28.78
CA TYR B 120 35.71 -5.63 28.65
C TYR B 120 35.08 -6.69 27.76
N GLY B 121 35.87 -7.48 27.04
CA GLY B 121 35.29 -8.46 26.13
C GLY B 121 34.53 -9.54 26.88
N LEU B 122 33.40 -9.95 26.31
CA LEU B 122 32.61 -11.05 26.85
C LEU B 122 33.04 -12.40 26.30
N GLY B 123 34.25 -12.50 25.78
CA GLY B 123 34.75 -13.75 25.25
C GLY B 123 35.41 -14.61 26.32
N ASN C 4 -14.48 2.52 -62.52
CA ASN C 4 -15.33 3.69 -62.76
C ASN C 4 -15.37 4.59 -61.53
N SER C 5 -16.16 4.20 -60.55
CA SER C 5 -16.32 4.95 -59.30
C SER C 5 -15.76 4.15 -58.13
N PHE C 6 -15.38 4.87 -57.08
CA PHE C 6 -14.81 4.27 -55.88
C PHE C 6 -15.80 4.18 -54.73
N VAL C 7 -17.03 4.67 -54.92
CA VAL C 7 -18.02 4.61 -53.86
C VAL C 7 -18.36 3.15 -53.56
N GLY C 8 -18.38 2.81 -52.28
CA GLY C 8 -18.69 1.47 -51.85
C GLY C 8 -17.50 0.54 -51.68
N LEU C 9 -16.31 0.96 -52.09
CA LEU C 9 -15.12 0.12 -52.02
C LEU C 9 -14.43 0.29 -50.66
N ARG C 10 -13.94 -0.82 -50.13
CA ARG C 10 -13.18 -0.77 -48.89
C ARG C 10 -11.76 -0.29 -49.15
N VAL C 11 -11.20 0.39 -48.15
CA VAL C 11 -9.89 1.01 -48.28
C VAL C 11 -9.19 1.01 -46.93
N VAL C 12 -7.99 1.57 -46.90
CA VAL C 12 -7.25 1.83 -45.65
C VAL C 12 -6.73 3.25 -45.77
N ALA C 13 -7.23 4.14 -44.92
N ALA C 13 -7.25 4.15 -44.94
CA ALA C 13 -6.88 5.56 -45.00
CA ALA C 13 -7.02 5.58 -45.08
C ALA C 13 -6.62 6.11 -43.61
C ALA C 13 -6.27 6.11 -43.85
N LYS C 14 -5.82 7.17 -43.55
N LYS C 14 -5.26 6.95 -44.10
CA LYS C 14 -5.59 7.91 -42.33
CA LYS C 14 -4.48 7.52 -43.02
C LYS C 14 -6.38 9.22 -42.37
C LYS C 14 -5.35 8.42 -42.15
N TRP C 15 -7.01 9.56 -41.25
N TRP C 15 -4.92 8.57 -40.89
CA TRP C 15 -7.84 10.76 -41.16
CA TRP C 15 -5.69 9.35 -39.91
C TRP C 15 -7.16 11.90 -40.43
C TRP C 15 -5.28 10.82 -39.97
N SER C 16 -6.17 11.62 -39.59
N SER C 16 -4.11 11.15 -39.44
CA SER C 16 -5.44 12.64 -38.86
CA SER C 16 -3.64 12.53 -39.44
C SER C 16 -4.12 12.95 -39.57
C SER C 16 -2.13 12.53 -39.20
N SER C 17 -3.34 13.86 -39.00
N SER C 17 -1.63 13.57 -38.53
CA SER C 17 -2.08 14.28 -39.59
CA SER C 17 -0.21 13.67 -38.23
C SER C 17 -0.92 13.38 -39.22
C SER C 17 0.23 12.47 -37.41
N ASN C 18 -0.94 12.78 -38.02
N ASN C 18 1.26 11.77 -37.89
CA ASN C 18 0.12 11.89 -37.55
CA ASN C 18 1.75 10.54 -37.27
C ASN C 18 -0.49 10.58 -37.08
C ASN C 18 0.63 9.52 -37.09
N GLY C 19 -1.40 10.02 -37.88
N GLY C 19 -0.44 9.64 -37.87
CA GLY C 19 -2.09 8.81 -37.55
CA GLY C 19 -1.57 8.75 -37.76
C GLY C 19 -1.78 7.67 -38.50
C GLY C 19 -1.42 7.49 -38.60
N TYR C 20 -2.32 6.51 -38.17
N TYR C 20 -2.18 6.48 -38.22
CA TYR C 20 -2.14 5.30 -38.96
CA TYR C 20 -2.17 5.19 -38.90
C TYR C 20 -3.25 5.17 -39.99
C TYR C 20 -3.26 5.13 -39.97
N PHE C 21 -3.12 4.18 -40.87
CA PHE C 21 -4.15 3.86 -41.84
C PHE C 21 -5.10 2.84 -41.21
N TYR C 22 -6.40 3.11 -41.30
CA TYR C 22 -7.41 2.28 -40.67
C TYR C 22 -8.38 1.74 -41.71
N SER C 23 -8.89 0.54 -41.45
CA SER C 23 -9.87 -0.07 -42.35
C SER C 23 -11.13 0.78 -42.41
N GLY C 24 -11.60 1.04 -43.62
CA GLY C 24 -12.78 1.85 -43.82
C GLY C 24 -13.43 1.59 -45.16
N LYS C 25 -14.18 2.58 -45.62
CA LYS C 25 -15.05 2.40 -46.79
C LYS C 25 -15.38 3.77 -47.35
N ILE C 26 -15.29 3.92 -48.67
CA ILE C 26 -15.63 5.18 -49.31
C ILE C 26 -17.14 5.25 -49.49
N THR C 27 -17.75 6.33 -49.00
CA THR C 27 -19.19 6.50 -49.08
C THR C 27 -19.63 7.47 -50.16
N ARG C 28 -18.80 8.46 -50.51
CA ARG C 28 -19.15 9.39 -51.57
C ARG C 28 -17.95 10.24 -51.92
N ASP C 29 -17.94 10.73 -53.17
CA ASP C 29 -16.91 11.64 -53.65
C ASP C 29 -17.41 13.06 -53.48
N VAL C 30 -16.66 13.87 -52.73
CA VAL C 30 -17.09 15.22 -52.41
C VAL C 30 -16.46 16.25 -53.36
N GLY C 31 -15.21 16.03 -53.76
CA GLY C 31 -14.52 16.93 -54.65
C GLY C 31 -13.24 17.47 -54.05
N ALA C 32 -12.50 18.19 -54.88
CA ALA C 32 -11.20 18.76 -54.50
C ALA C 32 -10.26 17.66 -54.03
N GLY C 33 -10.34 16.50 -54.68
CA GLY C 33 -9.50 15.38 -54.32
C GLY C 33 -9.79 14.79 -52.95
N LYS C 34 -11.04 14.91 -52.49
CA LYS C 34 -11.43 14.38 -51.20
C LYS C 34 -12.57 13.38 -51.36
N TYR C 35 -12.61 12.43 -50.43
CA TYR C 35 -13.66 11.42 -50.37
C TYR C 35 -14.18 11.33 -48.95
N LYS C 36 -15.47 11.02 -48.81
CA LYS C 36 -16.07 10.77 -47.50
C LYS C 36 -15.85 9.32 -47.14
N LEU C 37 -15.30 9.08 -45.95
CA LEU C 37 -14.94 7.75 -45.51
CA LEU C 37 -14.93 7.76 -45.50
C LEU C 37 -15.77 7.35 -44.30
N LEU C 38 -16.02 6.05 -44.19
CA LEU C 38 -16.72 5.45 -43.05
C LEU C 38 -15.79 4.38 -42.50
N PHE C 39 -15.19 4.66 -41.35
CA PHE C 39 -14.30 3.69 -40.74
C PHE C 39 -15.11 2.57 -40.09
N ASP C 40 -14.46 1.42 -39.90
CA ASP C 40 -15.14 0.24 -39.40
C ASP C 40 -15.75 0.47 -38.02
N ASP C 41 -15.28 1.47 -37.29
CA ASP C 41 -15.82 1.76 -35.96
C ASP C 41 -16.99 2.73 -36.01
N GLY C 42 -17.38 3.21 -37.20
CA GLY C 42 -18.54 4.06 -37.35
C GLY C 42 -18.23 5.52 -37.56
N TYR C 43 -16.98 5.94 -37.41
CA TYR C 43 -16.62 7.34 -37.56
C TYR C 43 -16.59 7.75 -39.03
N GLU C 44 -17.08 8.95 -39.33
CA GLU C 44 -17.17 9.45 -40.68
C GLU C 44 -16.46 10.80 -40.78
N CYS C 45 -15.72 11.00 -41.87
CA CYS C 45 -15.06 12.27 -42.13
C CYS C 45 -14.50 12.22 -43.55
N ASP C 46 -14.12 13.40 -44.05
CA ASP C 46 -13.53 13.51 -45.38
C ASP C 46 -12.02 13.32 -45.29
N VAL C 47 -11.45 12.69 -46.32
CA VAL C 47 -10.02 12.39 -46.36
C VAL C 47 -9.51 12.66 -47.77
N LEU C 48 -8.30 13.22 -47.85
CA LEU C 48 -7.68 13.47 -49.14
C LEU C 48 -7.33 12.15 -49.83
N GLY C 49 -7.35 12.17 -51.16
CA GLY C 49 -7.07 10.96 -51.92
C GLY C 49 -5.68 10.40 -51.64
N LYS C 50 -4.70 11.28 -51.46
CA LYS C 50 -3.33 10.83 -51.23
C LYS C 50 -3.21 10.03 -49.93
N ASP C 51 -4.18 10.14 -49.03
CA ASP C 51 -4.15 9.43 -47.77
C ASP C 51 -5.05 8.20 -47.77
N ILE C 52 -5.48 7.74 -48.94
CA ILE C 52 -6.36 6.58 -49.05
C ILE C 52 -5.61 5.50 -49.83
N LEU C 53 -5.62 4.29 -49.27
CA LEU C 53 -5.01 3.12 -49.92
C LEU C 53 -6.13 2.19 -50.33
N LEU C 54 -6.33 2.03 -51.64
CA LEU C 54 -7.42 1.21 -52.17
C LEU C 54 -7.00 -0.26 -52.09
N CYS C 55 -7.11 -0.81 -50.89
CA CYS C 55 -6.73 -2.20 -50.61
C CYS C 55 -7.85 -2.98 -49.94
N ASP C 56 -8.37 -3.99 -50.66
CA ASP C 56 -9.38 -4.89 -50.10
C ASP C 56 -9.08 -6.26 -50.69
N PRO C 57 -8.40 -7.15 -49.96
CA PRO C 57 -7.88 -6.98 -48.59
C PRO C 57 -6.48 -6.38 -48.73
N ILE C 58 -5.81 -6.20 -47.60
CA ILE C 58 -4.39 -5.81 -47.65
C ILE C 58 -3.61 -6.96 -48.28
N PRO C 59 -2.73 -6.70 -49.25
CA PRO C 59 -2.06 -7.80 -49.95
C PRO C 59 -1.23 -8.68 -49.03
N LEU C 60 -1.02 -9.91 -49.46
CA LEU C 60 -0.13 -10.81 -48.75
C LEU C 60 1.29 -10.28 -48.76
N ASP C 61 2.07 -10.72 -47.78
CA ASP C 61 3.47 -10.30 -47.62
C ASP C 61 3.61 -8.81 -47.33
N THR C 62 2.54 -8.18 -46.85
CA THR C 62 2.59 -6.79 -46.45
C THR C 62 2.93 -6.69 -44.96
N GLU C 63 3.81 -5.76 -44.61
CA GLU C 63 4.08 -5.48 -43.22
C GLU C 63 2.99 -4.59 -42.65
N VAL C 64 2.38 -5.03 -41.55
CA VAL C 64 1.23 -4.36 -40.97
C VAL C 64 1.45 -4.22 -39.46
N THR C 65 0.46 -3.64 -38.80
CA THR C 65 0.42 -3.53 -37.35
C THR C 65 -0.87 -4.18 -36.86
N ALA C 66 -0.72 -5.21 -36.03
CA ALA C 66 -1.86 -6.01 -35.56
C ALA C 66 -2.23 -5.57 -34.16
N LEU C 67 -3.44 -5.03 -34.00
CA LEU C 67 -3.86 -4.50 -32.71
C LEU C 67 -4.32 -5.59 -31.77
N SER C 68 -3.92 -5.47 -30.50
N SER C 68 -3.93 -5.47 -30.50
CA SER C 68 -4.38 -6.34 -29.44
CA SER C 68 -4.41 -6.34 -29.45
C SER C 68 -4.40 -5.51 -28.15
C SER C 68 -4.36 -5.56 -28.14
N GLU C 69 -5.12 -6.03 -27.16
CA GLU C 69 -5.27 -5.30 -25.90
C GLU C 69 -3.90 -4.94 -25.32
N ASP C 70 -3.66 -3.63 -25.18
CA ASP C 70 -2.42 -3.08 -24.64
C ASP C 70 -1.25 -3.22 -25.60
N GLU C 71 -1.52 -3.41 -26.89
N GLU C 71 -1.53 -3.41 -26.88
CA GLU C 71 -0.48 -3.50 -27.91
CA GLU C 71 -0.50 -3.49 -27.92
C GLU C 71 -0.90 -2.61 -29.08
C GLU C 71 -0.91 -2.60 -29.08
N TYR C 72 -0.13 -1.55 -29.33
CA TYR C 72 -0.43 -0.58 -30.37
C TYR C 72 0.60 -0.54 -31.49
N PHE C 73 1.74 -1.22 -31.33
CA PHE C 73 2.82 -1.14 -32.30
C PHE C 73 3.30 -2.51 -32.76
N SER C 74 2.64 -3.59 -32.37
CA SER C 74 3.05 -4.93 -32.75
C SER C 74 3.06 -5.08 -34.28
N ALA C 75 4.23 -5.28 -34.85
CA ALA C 75 4.37 -5.44 -36.29
C ALA C 75 4.25 -6.90 -36.68
N GLY C 76 3.93 -7.12 -37.95
CA GLY C 76 3.78 -8.47 -38.46
C GLY C 76 3.60 -8.43 -39.97
N VAL C 77 3.65 -9.62 -40.57
CA VAL C 77 3.54 -9.77 -42.01
C VAL C 77 2.28 -10.57 -42.33
N VAL C 78 1.47 -10.05 -43.25
CA VAL C 78 0.28 -10.75 -43.69
C VAL C 78 0.70 -11.99 -44.47
N LYS C 79 0.16 -13.15 -44.09
CA LYS C 79 0.46 -14.40 -44.77
C LYS C 79 -0.78 -15.19 -45.15
N GLY C 80 -1.98 -14.69 -44.88
CA GLY C 80 -3.18 -15.41 -45.23
C GLY C 80 -4.45 -14.61 -45.04
N HIS C 81 -5.47 -14.95 -45.82
CA HIS C 81 -6.80 -14.37 -45.72
C HIS C 81 -7.82 -15.50 -45.52
N ARG C 82 -8.96 -15.16 -44.94
CA ARG C 82 -9.98 -16.16 -44.67
C ARG C 82 -11.31 -15.48 -44.43
N LYS C 83 -12.37 -16.02 -45.03
CA LYS C 83 -13.73 -15.53 -44.86
C LYS C 83 -14.52 -16.51 -44.00
N GLU C 84 -15.12 -16.01 -42.93
CA GLU C 84 -15.92 -16.82 -42.03
CA GLU C 84 -15.92 -16.82 -42.03
C GLU C 84 -17.17 -16.03 -41.66
N SER C 85 -18.33 -16.54 -42.08
CA SER C 85 -19.62 -15.90 -41.79
C SER C 85 -19.65 -14.47 -42.30
N GLY C 86 -19.08 -14.26 -43.49
CA GLY C 86 -19.08 -12.95 -44.11
C GLY C 86 -18.11 -11.96 -43.52
N GLU C 87 -17.15 -12.41 -42.72
CA GLU C 87 -16.16 -11.54 -42.10
C GLU C 87 -14.76 -11.94 -42.53
N LEU C 88 -13.94 -10.95 -42.84
CA LEU C 88 -12.57 -11.19 -43.24
C LEU C 88 -11.66 -11.33 -42.01
N TYR C 89 -10.72 -12.27 -42.10
CA TYR C 89 -9.72 -12.48 -41.07
C TYR C 89 -8.34 -12.47 -41.71
N TYR C 90 -7.37 -11.86 -41.03
CA TYR C 90 -6.00 -11.81 -41.49
C TYR C 90 -5.14 -12.78 -40.69
N SER C 91 -4.26 -13.50 -41.38
CA SER C 91 -3.27 -14.37 -40.75
C SER C 91 -1.96 -13.59 -40.69
N ILE C 92 -1.62 -13.11 -39.50
CA ILE C 92 -0.44 -12.26 -39.29
C ILE C 92 0.68 -13.11 -38.72
N GLU C 93 1.84 -13.06 -39.36
CA GLU C 93 3.01 -13.79 -38.91
C GLU C 93 3.94 -12.86 -38.15
N LYS C 94 4.38 -13.30 -36.97
CA LYS C 94 5.31 -12.54 -36.15
C LYS C 94 6.17 -13.52 -35.36
N GLU C 95 7.48 -13.48 -35.59
CA GLU C 95 8.43 -14.36 -34.89
C GLU C 95 8.09 -15.83 -35.16
N GLY C 96 7.97 -16.16 -36.45
CA GLY C 96 7.77 -17.55 -36.86
C GLY C 96 6.45 -18.16 -36.45
N GLN C 97 5.51 -17.38 -35.94
CA GLN C 97 4.21 -17.88 -35.56
C GLN C 97 3.13 -17.00 -36.18
N ARG C 98 1.97 -17.61 -36.45
CA ARG C 98 0.87 -16.93 -37.11
C ARG C 98 -0.36 -16.93 -36.20
N LYS C 99 -1.05 -15.79 -36.16
CA LYS C 99 -2.28 -15.63 -35.40
C LYS C 99 -3.32 -14.93 -36.25
N TRP C 100 -4.59 -15.18 -35.94
CA TRP C 100 -5.69 -14.61 -36.68
C TRP C 100 -6.13 -13.28 -36.05
N TYR C 101 -6.34 -12.28 -36.90
CA TYR C 101 -6.86 -10.98 -36.49
C TYR C 101 -8.01 -10.60 -37.40
N LYS C 102 -9.06 -10.04 -36.82
CA LYS C 102 -10.15 -9.52 -37.64
C LYS C 102 -9.68 -8.30 -38.42
N ARG C 103 -10.37 -8.04 -39.54
CA ARG C 103 -10.00 -6.93 -40.41
C ARG C 103 -9.76 -5.65 -39.62
N MET C 104 -10.74 -5.26 -38.81
CA MET C 104 -10.70 -3.97 -38.12
C MET C 104 -9.43 -3.80 -37.28
N ALA C 105 -8.79 -4.89 -36.86
CA ALA C 105 -7.64 -4.82 -35.98
C ALA C 105 -6.31 -4.72 -36.71
N VAL C 106 -6.32 -4.71 -38.04
CA VAL C 106 -5.10 -4.64 -38.84
C VAL C 106 -4.97 -3.23 -39.39
N ILE C 107 -3.92 -2.53 -38.96
CA ILE C 107 -3.68 -1.14 -39.37
C ILE C 107 -2.25 -1.03 -39.89
N LEU C 108 -1.95 0.12 -40.49
CA LEU C 108 -0.65 0.39 -41.08
C LEU C 108 -0.09 1.68 -40.51
N SER C 109 1.18 1.65 -40.10
CA SER C 109 1.87 2.86 -39.70
C SER C 109 2.17 3.71 -40.94
N LEU C 110 2.67 4.93 -40.68
CA LEU C 110 3.02 5.82 -41.79
C LEU C 110 3.99 5.16 -42.75
N GLU C 111 5.10 4.62 -42.23
CA GLU C 111 6.07 3.94 -43.09
C GLU C 111 5.43 2.75 -43.79
N GLN C 112 4.73 1.90 -43.03
CA GLN C 112 4.09 0.73 -43.63
C GLN C 112 3.11 1.13 -44.72
N GLY C 113 2.41 2.26 -44.52
CA GLY C 113 1.45 2.70 -45.52
C GLY C 113 2.12 3.24 -46.77
N ASN C 114 3.24 3.95 -46.61
CA ASN C 114 3.93 4.51 -47.77
C ASN C 114 4.42 3.43 -48.73
N ARG C 115 4.64 2.21 -48.25
CA ARG C 115 5.10 1.14 -49.13
C ARG C 115 4.04 0.72 -50.13
N LEU C 116 2.77 1.06 -49.88
CA LEU C 116 1.68 0.75 -50.80
C LEU C 116 1.14 1.98 -51.51
N ARG C 117 1.65 3.17 -51.19
CA ARG C 117 1.07 4.39 -51.73
C ARG C 117 1.20 4.44 -53.25
N GLU C 118 2.37 4.09 -53.78
CA GLU C 118 2.59 4.21 -55.22
C GLU C 118 1.64 3.32 -56.01
N GLN C 119 1.33 2.13 -55.49
CA GLN C 119 0.49 1.18 -56.20
C GLN C 119 -0.99 1.38 -55.92
N TYR C 120 -1.36 1.47 -54.64
CA TYR C 120 -2.76 1.51 -54.25
C TYR C 120 -3.24 2.90 -53.84
N GLY C 121 -2.34 3.86 -53.66
CA GLY C 121 -2.76 5.20 -53.26
C GLY C 121 -3.52 5.89 -54.38
N LEU C 122 -4.57 6.61 -54.00
CA LEU C 122 -5.36 7.37 -54.96
C LEU C 122 -5.49 8.83 -54.52
N ASN D 4 -7.15 10.59 -5.13
CA ASN D 4 -6.86 9.49 -6.05
C ASN D 4 -6.38 10.01 -7.39
N SER D 5 -5.91 9.10 -8.25
CA SER D 5 -5.46 9.43 -9.58
C SER D 5 -6.06 8.45 -10.58
N PHE D 6 -6.55 8.98 -11.69
CA PHE D 6 -7.20 8.17 -12.72
C PHE D 6 -6.24 7.70 -13.81
N VAL D 7 -4.99 8.16 -13.78
CA VAL D 7 -4.04 7.81 -14.83
C VAL D 7 -3.85 6.30 -14.86
N GLY D 8 -3.94 5.72 -16.05
CA GLY D 8 -3.76 4.29 -16.23
C GLY D 8 -5.03 3.46 -16.18
N LEU D 9 -6.16 4.06 -15.81
CA LEU D 9 -7.42 3.33 -15.73
C LEU D 9 -8.10 3.29 -17.10
N ARG D 10 -8.71 2.15 -17.40
CA ARG D 10 -9.42 2.00 -18.65
C ARG D 10 -10.82 2.59 -18.55
N VAL D 11 -11.30 3.15 -19.67
CA VAL D 11 -12.55 3.88 -19.69
C VAL D 11 -13.24 3.70 -21.04
N VAL D 12 -14.43 4.27 -21.17
CA VAL D 12 -15.16 4.38 -22.42
C VAL D 12 -15.56 5.84 -22.56
N ALA D 13 -15.05 6.51 -23.60
N ALA D 13 -15.07 6.51 -23.60
CA ALA D 13 -15.15 7.95 -23.72
CA ALA D 13 -15.35 7.92 -23.78
C ALA D 13 -15.88 8.34 -25.00
C ALA D 13 -15.68 8.20 -25.24
N LYS D 14 -16.81 9.29 -24.88
N LYS D 14 -16.36 9.33 -25.46
CA LYS D 14 -17.62 9.71 -26.01
CA LYS D 14 -16.77 9.75 -26.79
C LYS D 14 -16.75 10.33 -27.10
C LYS D 14 -16.04 11.02 -27.20
N TRP D 15 -17.13 10.09 -28.35
N TRP D 15 -16.17 11.35 -28.48
CA TRP D 15 -16.52 10.73 -29.50
CA TRP D 15 -15.63 12.60 -29.02
C TRP D 15 -17.39 11.91 -29.92
C TRP D 15 -16.27 12.80 -30.39
N SER D 16 -16.74 13.04 -30.21
N SER D 16 -15.66 13.64 -31.22
CA SER D 16 -17.46 14.29 -30.42
CA SER D 16 -16.18 13.91 -32.56
C SER D 16 -18.51 14.16 -31.53
C SER D 16 -17.60 14.45 -32.50
N SER D 17 -18.06 13.85 -32.74
N SER D 17 -18.31 14.41 -33.62
CA SER D 17 -18.93 13.90 -33.91
CA SER D 17 -19.66 14.96 -33.73
C SER D 17 -20.15 13.00 -33.75
C SER D 17 -20.68 13.86 -34.02
N ASN D 18 -19.96 11.67 -33.79
N ASN D 18 -20.47 12.68 -33.44
CA ASN D 18 -21.09 10.76 -33.79
CA ASN D 18 -21.43 11.58 -33.53
C ASN D 18 -21.71 10.56 -32.41
C ASN D 18 -21.94 11.12 -32.18
N GLY D 19 -20.98 10.86 -31.34
N GLY D 19 -21.06 11.01 -31.19
CA GLY D 19 -21.52 10.71 -30.00
CA GLY D 19 -21.47 10.73 -29.83
C GLY D 19 -21.45 9.30 -29.45
C GLY D 19 -21.47 9.27 -29.45
N TYR D 20 -20.44 8.53 -29.87
CA TYR D 20 -20.27 7.14 -29.46
C TYR D 20 -19.10 7.02 -28.49
N PHE D 21 -19.28 6.19 -27.46
CA PHE D 21 -18.24 5.95 -26.48
C PHE D 21 -17.39 4.77 -26.92
N TYR D 22 -16.08 4.96 -26.94
CA TYR D 22 -15.14 3.94 -27.40
C TYR D 22 -14.17 3.56 -26.29
N SER D 23 -13.71 2.31 -26.33
CA SER D 23 -12.80 1.80 -25.32
C SER D 23 -11.47 2.53 -25.38
N GLY D 24 -10.96 2.94 -24.22
CA GLY D 24 -9.73 3.69 -24.17
C GLY D 24 -9.11 3.63 -22.78
N LYS D 25 -8.11 4.49 -22.57
CA LYS D 25 -7.31 4.46 -21.36
C LYS D 25 -6.83 5.88 -21.05
N ILE D 26 -7.02 6.31 -19.81
CA ILE D 26 -6.57 7.64 -19.40
C ILE D 26 -5.05 7.61 -19.27
N THR D 27 -4.37 8.49 -20.00
CA THR D 27 -2.92 8.53 -20.00
C THR D 27 -2.34 9.73 -19.27
N ARG D 28 -3.15 10.75 -18.96
CA ARG D 28 -2.62 11.94 -18.31
C ARG D 28 -3.77 12.84 -17.90
N ASP D 29 -3.55 13.60 -16.83
CA ASP D 29 -4.47 14.66 -16.42
C ASP D 29 -3.96 15.98 -16.99
N VAL D 30 -4.75 16.59 -17.88
CA VAL D 30 -4.35 17.83 -18.53
C VAL D 30 -5.03 19.05 -17.92
N GLY D 31 -5.81 18.87 -16.86
CA GLY D 31 -6.41 19.98 -16.16
C GLY D 31 -7.65 20.51 -16.85
N ALA D 32 -8.34 21.41 -16.14
CA ALA D 32 -9.56 22.03 -16.64
C ALA D 32 -10.65 20.99 -16.91
N GLY D 33 -10.65 19.91 -16.14
CA GLY D 33 -11.63 18.86 -16.32
C GLY D 33 -11.42 18.02 -17.56
N LYS D 34 -10.23 18.05 -18.15
CA LYS D 34 -9.91 17.27 -19.33
C LYS D 34 -8.89 16.20 -18.99
N TYR D 35 -8.85 15.16 -19.81
CA TYR D 35 -7.91 14.06 -19.64
C TYR D 35 -7.36 13.64 -21.00
N LYS D 36 -6.06 13.39 -21.06
CA LYS D 36 -5.46 12.75 -22.22
C LYS D 36 -5.91 11.29 -22.27
N LEU D 37 -6.59 10.91 -23.35
N LEU D 37 -6.56 10.90 -23.36
CA LEU D 37 -7.14 9.57 -23.48
CA LEU D 37 -7.15 9.58 -23.51
C LEU D 37 -6.56 8.88 -24.71
C LEU D 37 -6.55 8.88 -24.72
N LEU D 38 -6.07 7.66 -24.51
CA LEU D 38 -5.53 6.83 -25.58
C LEU D 38 -6.56 5.75 -25.89
N PHE D 39 -7.11 5.78 -27.11
CA PHE D 39 -8.06 4.77 -27.52
C PHE D 39 -7.34 3.51 -27.99
N ASP D 40 -8.06 2.39 -27.93
CA ASP D 40 -7.46 1.09 -28.24
C ASP D 40 -6.90 1.03 -29.66
N ASP D 41 -7.34 1.92 -30.56
CA ASP D 41 -6.83 1.93 -31.93
C ASP D 41 -5.55 2.74 -32.07
N GLY D 42 -5.08 3.39 -31.01
CA GLY D 42 -3.83 4.11 -31.04
C GLY D 42 -3.96 5.62 -31.13
N TYR D 43 -5.17 6.14 -31.30
CA TYR D 43 -5.36 7.59 -31.35
C TYR D 43 -5.43 8.16 -29.95
N GLU D 44 -4.73 9.27 -29.74
CA GLU D 44 -4.65 9.92 -28.43
C GLU D 44 -5.09 11.37 -28.57
N CYS D 45 -5.93 11.83 -27.63
CA CYS D 45 -6.43 13.19 -27.65
C CYS D 45 -7.03 13.52 -26.28
N ASP D 46 -7.32 14.80 -26.08
CA ASP D 46 -7.92 15.26 -24.84
C ASP D 46 -9.42 15.15 -24.89
N VAL D 47 -10.03 14.75 -23.78
CA VAL D 47 -11.47 14.53 -23.70
C VAL D 47 -11.98 15.08 -22.37
N LEU D 48 -13.18 15.64 -22.39
CA LEU D 48 -13.79 16.17 -21.18
C LEU D 48 -14.18 15.03 -20.23
N GLY D 49 -14.14 15.33 -18.93
CA GLY D 49 -14.45 14.32 -17.94
C GLY D 49 -15.88 13.82 -18.03
N LYS D 50 -16.82 14.72 -18.32
CA LYS D 50 -18.22 14.31 -18.41
C LYS D 50 -18.48 13.40 -19.59
N ASP D 51 -17.55 13.30 -20.54
CA ASP D 51 -17.67 12.40 -21.66
C ASP D 51 -16.93 11.08 -21.44
N ILE D 52 -16.41 10.86 -20.23
CA ILE D 52 -15.66 9.66 -19.90
C ILE D 52 -16.46 8.84 -18.91
N LEU D 53 -16.50 7.52 -19.13
CA LEU D 53 -17.18 6.59 -18.24
C LEU D 53 -16.14 5.66 -17.64
N LEU D 54 -16.07 5.61 -16.32
CA LEU D 54 -15.12 4.76 -15.61
CA LEU D 54 -15.11 4.75 -15.62
C LEU D 54 -15.68 3.34 -15.55
N CYS D 55 -15.58 2.63 -16.67
CA CYS D 55 -16.06 1.27 -16.80
C CYS D 55 -14.99 0.30 -17.28
N ASP D 56 -14.51 -0.54 -16.36
CA ASP D 56 -13.59 -1.62 -16.72
C ASP D 56 -14.04 -2.78 -15.85
N PRO D 57 -14.85 -3.71 -16.40
CA PRO D 57 -15.39 -3.75 -17.76
C PRO D 57 -16.74 -3.03 -17.76
N ILE D 58 -17.35 -2.95 -18.95
CA ILE D 58 -18.75 -2.51 -19.02
C ILE D 58 -19.60 -3.49 -18.21
N PRO D 59 -20.39 -3.04 -17.25
CA PRO D 59 -21.07 -3.97 -16.35
C PRO D 59 -22.06 -4.88 -17.07
N LEU D 60 -22.34 -6.02 -16.45
CA LEU D 60 -23.31 -6.96 -16.98
C LEU D 60 -24.68 -6.29 -17.14
N ASP D 61 -25.46 -6.82 -18.07
CA ASP D 61 -26.82 -6.38 -18.35
C ASP D 61 -26.88 -4.96 -18.92
N THR D 62 -25.76 -4.44 -19.41
CA THR D 62 -25.76 -3.15 -20.09
C THR D 62 -26.06 -3.33 -21.57
N GLU D 63 -26.91 -2.47 -22.10
CA GLU D 63 -27.18 -2.47 -23.54
C GLU D 63 -26.04 -1.75 -24.24
N VAL D 64 -25.41 -2.42 -25.19
CA VAL D 64 -24.24 -1.90 -25.88
C VAL D 64 -24.44 -2.07 -27.39
N THR D 65 -23.46 -1.61 -28.15
CA THR D 65 -23.40 -1.81 -29.59
C THR D 65 -22.17 -2.64 -29.89
N ALA D 66 -22.36 -3.76 -30.60
CA ALA D 66 -21.30 -4.70 -30.90
C ALA D 66 -20.90 -4.58 -32.36
N LEU D 67 -19.63 -4.26 -32.59
CA LEU D 67 -19.14 -4.03 -33.95
C LEU D 67 -18.77 -5.35 -34.63
N SER D 68 -19.21 -5.50 -35.88
CA SER D 68 -18.73 -6.57 -36.74
CA SER D 68 -18.77 -6.58 -36.75
C SER D 68 -18.72 -6.04 -38.18
N GLU D 69 -18.05 -6.79 -39.06
CA GLU D 69 -17.85 -6.31 -40.42
C GLU D 69 -19.17 -5.89 -41.05
N ASP D 70 -19.23 -4.64 -41.49
CA ASP D 70 -20.42 -4.03 -42.09
C ASP D 70 -21.57 -3.89 -41.10
N GLU D 71 -21.28 -3.97 -39.80
CA GLU D 71 -22.28 -3.80 -38.75
C GLU D 71 -21.84 -2.63 -37.87
N TYR D 72 -22.62 -1.55 -37.88
CA TYR D 72 -22.29 -0.36 -37.14
C TYR D 72 -23.30 -0.01 -36.05
N PHE D 73 -24.48 -0.64 -36.05
CA PHE D 73 -25.54 -0.27 -35.11
C PHE D 73 -26.18 -1.51 -34.48
N SER D 74 -25.49 -2.64 -34.45
CA SER D 74 -26.04 -3.86 -33.88
CA SER D 74 -26.04 -3.86 -33.88
C SER D 74 -26.04 -3.77 -32.35
N ALA D 75 -27.23 -3.78 -31.76
CA ALA D 75 -27.37 -3.64 -30.32
C ALA D 75 -27.48 -5.02 -29.66
N GLY D 76 -27.05 -5.08 -28.40
CA GLY D 76 -27.12 -6.30 -27.63
C GLY D 76 -26.93 -5.99 -26.15
N VAL D 77 -27.04 -7.04 -25.34
CA VAL D 77 -26.92 -6.92 -23.89
C VAL D 77 -25.74 -7.73 -23.42
N VAL D 78 -24.95 -7.15 -22.50
CA VAL D 78 -23.81 -7.86 -21.94
C VAL D 78 -24.30 -8.91 -20.96
N LYS D 79 -23.88 -10.16 -21.17
CA LYS D 79 -24.25 -11.26 -20.29
C LYS D 79 -23.05 -12.04 -19.75
N GLY D 80 -21.83 -11.64 -20.07
CA GLY D 80 -20.67 -12.33 -19.55
C GLY D 80 -19.39 -11.60 -19.88
N HIS D 81 -18.36 -11.88 -19.07
CA HIS D 81 -17.01 -11.41 -19.28
C HIS D 81 -16.06 -12.60 -19.23
N ARG D 82 -14.94 -12.49 -19.93
CA ARG D 82 -13.95 -13.56 -19.94
C ARG D 82 -12.58 -12.98 -20.27
N LYS D 83 -11.59 -13.37 -19.49
CA LYS D 83 -10.19 -13.02 -19.74
C LYS D 83 -9.49 -14.21 -20.38
N GLU D 84 -8.72 -13.95 -21.42
N GLU D 84 -8.72 -13.95 -21.42
CA GLU D 84 -8.00 -15.00 -22.12
CA GLU D 84 -8.00 -15.00 -22.12
C GLU D 84 -6.71 -14.40 -22.67
C GLU D 84 -6.71 -14.40 -22.67
N SER D 85 -5.57 -14.83 -22.12
CA SER D 85 -4.26 -14.33 -22.54
C SER D 85 -4.16 -12.83 -22.32
N GLY D 86 -4.73 -12.34 -21.21
CA GLY D 86 -4.64 -10.94 -20.87
C GLY D 86 -5.53 -10.03 -21.67
N GLU D 87 -6.52 -10.56 -22.37
CA GLU D 87 -7.44 -9.77 -23.17
C GLU D 87 -8.87 -9.97 -22.66
N LEU D 88 -9.66 -8.90 -22.68
CA LEU D 88 -11.04 -8.96 -22.24
C LEU D 88 -11.95 -9.33 -23.41
N TYR D 89 -12.93 -10.19 -23.13
CA TYR D 89 -13.94 -10.58 -24.10
C TYR D 89 -15.31 -10.36 -23.50
N TYR D 90 -16.22 -9.81 -24.30
CA TYR D 90 -17.61 -9.59 -23.90
C TYR D 90 -18.50 -10.64 -24.55
N SER D 91 -19.41 -11.21 -23.76
CA SER D 91 -20.45 -12.09 -24.28
C SER D 91 -21.71 -11.26 -24.45
N ILE D 92 -22.12 -11.06 -25.70
CA ILE D 92 -23.24 -10.18 -26.04
C ILE D 92 -24.42 -11.04 -26.47
N GLU D 93 -25.57 -10.82 -25.86
CA GLU D 93 -26.78 -11.53 -26.19
C GLU D 93 -27.63 -10.71 -27.14
N LYS D 94 -28.12 -11.35 -28.20
CA LYS D 94 -29.01 -10.69 -29.16
C LYS D 94 -29.92 -11.76 -29.75
N GLU D 95 -31.24 -11.56 -29.60
CA GLU D 95 -32.23 -12.50 -30.13
C GLU D 95 -32.03 -13.90 -29.56
N GLY D 96 -31.80 -13.97 -28.24
CA GLY D 96 -31.70 -15.25 -27.57
C GLY D 96 -30.42 -16.02 -27.81
N GLN D 97 -29.45 -15.43 -28.51
CA GLN D 97 -28.17 -16.10 -28.77
C GLN D 97 -27.04 -15.19 -28.36
N ARG D 98 -25.96 -15.80 -27.86
CA ARG D 98 -24.81 -15.06 -27.35
C ARG D 98 -23.61 -15.27 -28.27
N LYS D 99 -22.85 -14.20 -28.49
CA LYS D 99 -21.62 -14.24 -29.28
C LYS D 99 -20.52 -13.51 -28.53
N TRP D 100 -19.28 -13.85 -28.87
CA TRP D 100 -18.10 -13.30 -28.19
C TRP D 100 -17.50 -12.17 -29.00
N TYR D 101 -17.24 -11.05 -28.33
CA TYR D 101 -16.63 -9.87 -28.94
C TYR D 101 -15.45 -9.44 -28.09
N LYS D 102 -14.38 -8.99 -28.74
CA LYS D 102 -13.26 -8.42 -28.01
C LYS D 102 -13.63 -7.03 -27.49
N ARG D 103 -13.01 -6.66 -26.37
CA ARG D 103 -13.26 -5.37 -25.73
C ARG D 103 -13.37 -4.26 -26.76
N MET D 104 -12.40 -4.20 -27.67
CA MET D 104 -12.30 -3.10 -28.61
C MET D 104 -13.54 -2.95 -29.48
N ALA D 105 -14.30 -4.01 -29.68
CA ALA D 105 -15.44 -4.00 -30.60
C ALA D 105 -16.75 -3.63 -29.92
N VAL D 106 -16.76 -3.44 -28.60
CA VAL D 106 -17.98 -3.09 -27.87
C VAL D 106 -17.95 -1.58 -27.60
N ILE D 107 -18.94 -0.88 -28.14
CA ILE D 107 -19.05 0.56 -28.01
C ILE D 107 -20.44 0.90 -27.48
N LEU D 108 -20.66 2.18 -27.21
CA LEU D 108 -21.92 2.66 -26.67
C LEU D 108 -22.40 3.86 -27.48
N SER D 109 -23.64 3.80 -27.95
CA SER D 109 -24.27 4.97 -28.54
C SER D 109 -24.48 6.03 -27.46
N LEU D 110 -24.83 7.24 -27.90
CA LEU D 110 -25.09 8.33 -26.96
C LEU D 110 -26.17 7.92 -25.94
N GLU D 111 -27.29 7.39 -26.43
CA GLU D 111 -28.34 6.95 -25.52
C GLU D 111 -27.84 5.87 -24.58
N GLN D 112 -27.10 4.88 -25.10
CA GLN D 112 -26.61 3.81 -24.26
C GLN D 112 -25.61 4.32 -23.23
N GLY D 113 -24.74 5.25 -23.63
CA GLY D 113 -23.76 5.80 -22.69
C GLY D 113 -24.39 6.66 -21.62
N ASN D 114 -25.47 7.37 -21.95
CA ASN D 114 -26.13 8.21 -20.96
C ASN D 114 -26.68 7.39 -19.80
N ARG D 115 -27.07 6.14 -20.06
CA ARG D 115 -27.58 5.28 -19.00
C ARG D 115 -26.53 4.98 -17.94
N LEU D 116 -25.24 5.14 -18.28
CA LEU D 116 -24.16 4.91 -17.34
C LEU D 116 -23.53 6.20 -16.80
N ARG D 117 -23.92 7.35 -17.34
CA ARG D 117 -23.21 8.59 -17.01
C ARG D 117 -23.32 8.90 -15.52
N GLU D 118 -24.49 8.70 -14.93
CA GLU D 118 -24.69 9.07 -13.52
C GLU D 118 -23.77 8.26 -12.61
N GLN D 119 -23.67 6.95 -12.84
CA GLN D 119 -22.94 6.09 -11.91
C GLN D 119 -21.45 6.08 -12.19
N TYR D 120 -21.04 6.14 -13.46
CA TYR D 120 -19.65 5.97 -13.84
C TYR D 120 -19.02 7.20 -14.47
N GLY D 121 -19.79 8.26 -14.70
CA GLY D 121 -19.23 9.42 -15.36
C GLY D 121 -18.25 10.18 -14.48
N LEU D 122 -17.33 10.88 -15.14
CA LEU D 122 -16.37 11.76 -14.47
C LEU D 122 -16.77 13.24 -14.58
N GLY D 123 -18.07 13.51 -14.68
CA GLY D 123 -18.55 14.88 -14.80
C GLY D 123 -18.01 15.80 -13.73
N MET E 3 4.27 8.90 -13.61
N MET E 3 4.51 8.45 -14.60
CA MET E 3 3.36 9.54 -14.55
CA MET E 3 3.47 9.48 -14.60
C MET E 3 3.84 10.93 -14.91
C MET E 3 4.05 10.83 -15.03
N ASN E 4 3.53 11.37 -16.14
CA ASN E 4 3.94 12.66 -16.64
C ASN E 4 2.84 13.71 -16.52
N SER E 5 1.92 13.52 -15.57
CA SER E 5 0.85 14.48 -15.33
C SER E 5 1.39 15.58 -14.44
N PHE E 6 1.87 16.65 -15.07
CA PHE E 6 2.47 17.77 -14.34
C PHE E 6 1.44 18.73 -13.77
N VAL E 7 0.16 18.56 -14.10
CA VAL E 7 -0.86 19.47 -13.61
C VAL E 7 -0.93 19.38 -12.09
N GLY E 8 -0.85 20.54 -11.43
CA GLY E 8 -0.93 20.63 -10.00
C GLY E 8 0.39 20.79 -9.29
N LEU E 9 1.50 20.53 -9.97
CA LEU E 9 2.82 20.62 -9.34
C LEU E 9 3.28 22.07 -9.29
N ARG E 10 3.91 22.44 -8.17
CA ARG E 10 4.52 23.75 -8.03
C ARG E 10 5.84 23.78 -8.78
N VAL E 11 6.16 24.92 -9.38
CA VAL E 11 7.36 25.05 -10.21
C VAL E 11 7.86 26.48 -10.15
N VAL E 12 8.93 26.75 -10.89
CA VAL E 12 9.43 28.11 -11.11
CA VAL E 12 9.44 28.10 -11.11
C VAL E 12 9.68 28.24 -12.61
N ALA E 13 9.08 29.25 -13.22
N ALA E 13 9.10 29.27 -13.21
CA ALA E 13 9.01 29.34 -14.68
CA ALA E 13 9.19 29.44 -14.66
C ALA E 13 9.54 30.69 -15.16
C ALA E 13 9.10 30.91 -15.01
N LYS E 14 10.38 30.65 -16.20
N LYS E 14 9.31 31.20 -16.29
CA LYS E 14 10.94 31.87 -16.76
CA LYS E 14 9.22 32.54 -16.84
C LYS E 14 9.84 32.78 -17.28
C LYS E 14 8.00 32.67 -17.72
N TRP E 15 10.02 34.07 -17.08
N TRP E 15 7.71 33.92 -18.11
CA TRP E 15 9.11 35.09 -17.57
CA TRP E 15 6.63 34.18 -19.04
C TRP E 15 9.69 35.72 -18.83
C TRP E 15 6.96 35.27 -20.06
N SER E 16 8.86 35.86 -19.87
N SER E 16 8.03 36.04 -19.86
CA SER E 16 9.33 36.38 -21.14
CA SER E 16 8.43 37.10 -20.77
C SER E 16 9.91 37.79 -20.95
C SER E 16 9.73 36.69 -21.48
N SER E 17 10.80 38.16 -21.87
N SER E 17 10.38 37.68 -22.11
CA SER E 17 11.43 39.47 -21.86
CA SER E 17 11.60 37.40 -22.86
C SER E 17 12.36 39.61 -20.67
C SER E 17 12.83 37.40 -21.96
N ASN E 18 11.80 39.80 -19.47
N ASN E 18 13.12 38.54 -21.34
CA ASN E 18 12.62 39.97 -18.28
CA ASN E 18 14.27 38.69 -20.45
C ASN E 18 13.61 38.83 -18.11
C ASN E 18 13.87 38.65 -18.98
N GLY E 19 13.14 37.59 -18.23
N GLY E 19 12.82 37.91 -18.65
CA GLY E 19 14.01 36.44 -18.18
CA GLY E 19 12.35 37.84 -17.28
C GLY E 19 14.22 35.82 -16.81
C GLY E 19 13.10 36.80 -16.47
N TYR E 20 13.36 36.15 -15.84
N TYR E 20 12.75 36.75 -15.18
CA TYR E 20 13.46 35.61 -14.50
CA TYR E 20 13.29 35.77 -14.25
C TYR E 20 12.45 34.49 -14.29
C TYR E 20 12.33 34.60 -14.10
N PHE E 21 12.77 33.58 -13.38
CA PHE E 21 11.91 32.46 -13.03
C PHE E 21 11.17 32.80 -11.75
N TYR E 22 9.85 32.64 -11.77
CA TYR E 22 9.01 33.00 -10.63
C TYR E 22 8.20 31.80 -10.16
N SER E 23 7.96 31.76 -8.85
CA SER E 23 7.23 30.66 -8.24
C SER E 23 5.79 30.62 -8.74
N GLY E 24 5.34 29.43 -9.12
CA GLY E 24 4.01 29.26 -9.65
C GLY E 24 3.57 27.81 -9.59
N LYS E 25 2.43 27.54 -10.23
CA LYS E 25 1.82 26.22 -10.21
C LYS E 25 1.21 25.93 -11.57
N ILE E 26 1.45 24.74 -12.10
CA ILE E 26 0.88 24.35 -13.38
C ILE E 26 -0.60 24.04 -13.19
N THR E 27 -1.44 24.57 -14.10
CA THR E 27 -2.87 24.37 -14.01
C THR E 27 -3.45 23.55 -15.16
N ARG E 28 -2.87 23.63 -16.36
N ARG E 28 -2.87 23.63 -16.36
CA ARG E 28 -3.34 22.86 -17.49
CA ARG E 28 -3.34 22.85 -17.50
C ARG E 28 -2.15 22.38 -18.32
C ARG E 28 -2.16 22.40 -18.33
N ASP E 29 -2.40 21.36 -19.13
CA ASP E 29 -1.42 20.82 -20.08
C ASP E 29 -2.02 21.01 -21.47
N VAL E 30 -1.68 22.12 -22.11
CA VAL E 30 -2.29 22.48 -23.39
C VAL E 30 -1.51 21.88 -24.55
N GLY E 31 -0.55 21.00 -24.24
CA GLY E 31 0.23 20.34 -25.27
C GLY E 31 1.08 21.30 -26.08
N ALA E 32 1.77 20.78 -27.08
CA ALA E 32 2.67 21.57 -27.92
C ALA E 32 3.78 22.21 -27.09
N GLY E 33 4.19 21.53 -26.02
CA GLY E 33 5.22 22.07 -25.14
C GLY E 33 4.80 23.27 -24.34
N LYS E 34 3.49 23.55 -24.25
CA LYS E 34 2.98 24.70 -23.53
C LYS E 34 2.15 24.23 -22.33
N TYR E 35 2.11 25.09 -21.30
CA TYR E 35 1.38 24.81 -20.08
C TYR E 35 0.78 26.10 -19.54
N LYS E 36 -0.42 25.99 -18.96
CA LYS E 36 -0.99 27.10 -18.20
C LYS E 36 -0.34 27.13 -16.82
N LEU E 37 0.22 28.26 -16.45
N LEU E 37 0.19 28.28 -16.45
CA LEU E 37 0.90 28.42 -15.17
CA LEU E 37 0.92 28.46 -15.20
C LEU E 37 0.27 29.56 -14.39
C LEU E 37 0.27 29.57 -14.40
N LEU E 38 -0.05 29.29 -13.13
CA LEU E 38 -0.61 30.28 -12.22
C LEU E 38 0.50 30.71 -11.28
N PHE E 39 0.95 31.95 -11.42
CA PHE E 39 1.99 32.48 -10.55
C PHE E 39 1.40 32.88 -9.20
N ASP E 40 2.26 32.83 -8.18
CA ASP E 40 1.81 33.05 -6.81
C ASP E 40 1.14 34.41 -6.60
N ASP E 41 1.28 35.33 -7.55
CA ASP E 41 0.63 36.64 -7.45
C ASP E 41 -0.75 36.66 -8.08
N GLY E 42 -1.23 35.52 -8.59
CA GLY E 42 -2.56 35.44 -9.15
C GLY E 42 -2.63 35.57 -10.66
N TYR E 43 -1.52 35.81 -11.34
CA TYR E 43 -1.52 35.95 -12.79
C TYR E 43 -1.32 34.59 -13.44
N GLU E 44 -2.13 34.32 -14.46
CA GLU E 44 -2.08 33.05 -15.17
C GLU E 44 -1.86 33.31 -16.66
N CYS E 45 -1.01 32.49 -17.28
CA CYS E 45 -0.72 32.61 -18.70
C CYS E 45 0.00 31.35 -19.16
N ASP E 46 0.17 31.23 -20.47
CA ASP E 46 0.83 30.07 -21.06
C ASP E 46 2.34 30.23 -21.04
N VAL E 47 3.04 29.12 -20.80
CA VAL E 47 4.49 29.11 -20.73
C VAL E 47 5.00 27.84 -21.41
N LEU E 48 6.19 27.95 -22.00
CA LEU E 48 6.80 26.81 -22.68
C LEU E 48 7.48 25.89 -21.67
N GLY E 49 7.51 24.60 -21.99
CA GLY E 49 8.12 23.63 -21.10
C GLY E 49 9.58 23.89 -20.84
N LYS E 50 10.32 24.28 -21.89
CA LYS E 50 11.74 24.58 -21.72
C LYS E 50 11.98 25.73 -20.76
N ASP E 51 10.95 26.50 -20.41
CA ASP E 51 11.07 27.62 -19.49
C ASP E 51 10.57 27.29 -18.09
N ILE E 52 10.26 26.02 -17.82
CA ILE E 52 9.71 25.59 -16.54
C ILE E 52 10.73 24.71 -15.85
N LEU E 53 11.01 25.01 -14.59
CA LEU E 53 11.87 24.19 -13.75
C LEU E 53 11.01 23.53 -12.69
N LEU E 54 11.04 22.19 -12.66
CA LEU E 54 10.20 21.42 -11.74
C LEU E 54 10.91 21.32 -10.39
N CYS E 55 10.83 22.41 -9.62
CA CYS E 55 11.47 22.52 -8.33
C CYS E 55 10.49 22.89 -7.22
N ASP E 56 10.22 21.96 -6.33
CA ASP E 56 9.40 22.22 -5.15
C ASP E 56 10.04 21.38 -4.05
N PRO E 57 10.90 21.97 -3.22
CA PRO E 57 11.32 23.37 -3.18
C PRO E 57 12.55 23.50 -4.06
N ILE E 58 13.05 24.72 -4.23
CA ILE E 58 14.34 24.91 -4.90
C ILE E 58 15.42 24.20 -4.09
N PRO E 59 16.29 23.40 -4.71
CA PRO E 59 17.19 22.55 -3.91
C PRO E 59 18.14 23.37 -3.05
N LEU E 60 18.65 22.72 -2.01
CA LEU E 60 19.65 23.34 -1.16
C LEU E 60 20.92 23.62 -1.95
N ASP E 61 21.66 24.64 -1.51
CA ASP E 61 22.91 25.09 -2.13
C ASP E 61 22.70 25.71 -3.50
N THR E 62 21.46 26.00 -3.88
CA THR E 62 21.19 26.66 -5.15
C THR E 62 21.37 28.17 -5.00
N GLU E 63 22.08 28.78 -5.95
CA GLU E 63 22.19 30.23 -5.98
C GLU E 63 20.90 30.82 -6.52
N VAL E 64 20.30 31.74 -5.76
CA VAL E 64 19.02 32.32 -6.08
C VAL E 64 19.10 33.83 -5.93
N THR E 65 17.99 34.49 -6.24
CA THR E 65 17.83 35.92 -6.04
C THR E 65 16.69 36.13 -5.04
N ALA E 66 17.00 36.77 -3.92
CA ALA E 66 16.03 36.96 -2.85
C ALA E 66 15.46 38.37 -2.93
N LEU E 67 14.14 38.46 -3.09
CA LEU E 67 13.50 39.75 -3.26
C LEU E 67 13.26 40.43 -1.92
N SER E 68 13.44 41.75 -1.90
CA SER E 68 13.11 42.59 -0.77
CA SER E 68 13.11 42.59 -0.77
C SER E 68 12.93 44.01 -1.27
N GLU E 69 12.28 44.83 -0.44
CA GLU E 69 11.94 46.19 -0.86
C GLU E 69 13.15 46.91 -1.43
N ASP E 70 13.01 47.41 -2.66
CA ASP E 70 14.05 48.15 -3.38
C ASP E 70 15.25 47.28 -3.74
N GLU E 71 15.12 45.97 -3.64
CA GLU E 71 16.18 45.03 -4.02
C GLU E 71 15.65 44.11 -5.09
N TYR E 72 16.32 44.09 -6.24
CA TYR E 72 15.89 43.29 -7.39
C TYR E 72 16.94 42.33 -7.90
N PHE E 73 18.19 42.41 -7.40
CA PHE E 73 19.26 41.55 -7.89
C PHE E 73 20.12 41.00 -6.76
N SER E 74 19.62 40.99 -5.53
CA SER E 74 20.39 40.48 -4.40
C SER E 74 20.48 38.96 -4.51
N ALA E 75 21.70 38.45 -4.70
CA ALA E 75 21.92 37.03 -4.83
C ALA E 75 22.18 36.39 -3.48
N GLY E 76 21.95 35.09 -3.42
CA GLY E 76 22.19 34.33 -2.19
C GLY E 76 22.13 32.84 -2.48
N VAL E 77 22.43 32.06 -1.45
CA VAL E 77 22.48 30.60 -1.55
C VAL E 77 21.47 30.02 -0.57
N VAL E 78 20.68 29.05 -1.04
CA VAL E 78 19.71 28.38 -0.19
C VAL E 78 20.45 27.43 0.75
N LYS E 79 20.24 27.59 2.05
CA LYS E 79 20.85 26.75 3.06
C LYS E 79 19.85 26.09 3.99
N GLY E 80 18.55 26.30 3.78
CA GLY E 80 17.55 25.72 4.65
C GLY E 80 16.13 25.90 4.15
N HIS E 81 15.27 24.95 4.50
CA HIS E 81 13.85 25.00 4.20
C HIS E 81 13.07 24.88 5.50
N ARG E 82 11.96 25.62 5.60
CA ARG E 82 11.10 25.55 6.76
C ARG E 82 9.64 25.69 6.32
N LYS E 83 8.78 24.87 6.91
CA LYS E 83 7.35 24.92 6.65
C LYS E 83 6.64 25.34 7.93
N GLU E 84 5.85 26.41 7.85
CA GLU E 84 5.09 26.92 8.98
C GLU E 84 3.68 27.26 8.50
N SER E 85 2.68 26.63 9.13
CA SER E 85 1.28 26.91 8.82
C SER E 85 0.99 26.73 7.33
N GLY E 86 1.55 25.66 6.75
CA GLY E 86 1.32 25.37 5.36
C GLY E 86 2.00 26.33 4.40
N GLU E 87 3.04 27.02 4.83
CA GLU E 87 3.78 27.96 3.99
C GLU E 87 5.26 27.61 3.99
N LEU E 88 5.87 27.69 2.82
CA LEU E 88 7.29 27.39 2.68
C LEU E 88 8.13 28.64 2.90
N TYR E 89 9.21 28.49 3.67
CA TYR E 89 10.17 29.55 3.90
C TYR E 89 11.56 29.07 3.46
N TYR E 90 12.31 29.96 2.81
CA TYR E 90 13.68 29.69 2.43
C TYR E 90 14.65 30.41 3.36
N SER E 91 15.72 29.73 3.74
CA SER E 91 16.81 30.33 4.49
C SER E 91 17.93 30.64 3.49
N ILE E 92 18.11 31.93 3.20
CA ILE E 92 19.06 32.37 2.19
C ILE E 92 20.30 32.92 2.89
N GLU E 93 21.47 32.47 2.44
CA GLU E 93 22.74 32.90 3.00
C GLU E 93 23.39 33.93 2.08
N LYS E 94 23.85 35.03 2.67
CA LYS E 94 24.57 36.05 1.93
C LYS E 94 25.55 36.74 2.86
N GLU E 95 26.82 36.79 2.46
CA GLU E 95 27.86 37.41 3.26
C GLU E 95 27.94 36.81 4.66
N GLY E 96 27.88 35.48 4.74
CA GLY E 96 28.00 34.78 6.00
C GLY E 96 26.83 34.93 6.94
N GLN E 97 25.73 35.53 6.48
N GLN E 97 25.73 35.52 6.49
CA GLN E 97 24.54 35.71 7.30
CA GLN E 97 24.54 35.71 7.31
C GLN E 97 23.35 35.08 6.58
C GLN E 97 23.33 35.11 6.59
N ARG E 98 22.47 34.45 7.36
CA ARG E 98 21.29 33.79 6.82
C ARG E 98 20.03 34.55 7.21
N LYS E 99 19.10 34.67 6.25
CA LYS E 99 17.85 35.35 6.48
C LYS E 99 16.71 34.55 5.85
N TRP E 100 15.53 34.64 6.46
CA TRP E 100 14.36 33.90 6.03
C TRP E 100 13.59 34.71 4.99
N TYR E 101 13.18 34.04 3.91
CA TYR E 101 12.35 34.63 2.88
C TYR E 101 11.18 33.70 2.57
N LYS E 102 10.02 34.27 2.30
CA LYS E 102 8.88 33.46 1.89
C LYS E 102 9.06 32.96 0.46
N ARG E 103 8.33 31.89 0.13
CA ARG E 103 8.52 31.22 -1.16
C ARG E 103 8.44 32.20 -2.32
N MET E 104 7.42 33.05 -2.34
CA MET E 104 7.16 33.87 -3.52
C MET E 104 8.24 34.92 -3.74
N ALA E 105 9.08 35.20 -2.75
CA ALA E 105 10.12 36.20 -2.88
C ALA E 105 11.44 35.64 -3.40
N VAL E 106 11.54 34.32 -3.59
CA VAL E 106 12.75 33.69 -4.10
C VAL E 106 12.56 33.45 -5.60
N ILE E 107 13.45 34.03 -6.40
CA ILE E 107 13.38 33.94 -7.85
C ILE E 107 14.76 33.56 -8.38
N LEU E 108 14.82 33.29 -9.69
CA LEU E 108 16.06 32.88 -10.35
C LEU E 108 16.26 33.72 -11.60
N SER E 109 17.45 34.28 -11.75
CA SER E 109 17.83 34.93 -12.99
C SER E 109 18.01 33.89 -14.09
N LEU E 110 18.20 34.37 -15.31
CA LEU E 110 18.41 33.46 -16.44
C LEU E 110 19.61 32.55 -16.17
N GLU E 111 20.73 33.13 -15.74
CA GLU E 111 21.90 32.33 -15.44
C GLU E 111 21.62 31.34 -14.31
N GLN E 112 21.01 31.82 -13.22
CA GLN E 112 20.73 30.95 -12.09
C GLN E 112 19.77 29.83 -12.48
N GLY E 113 18.81 30.12 -13.34
CA GLY E 113 17.86 29.10 -13.77
C GLY E 113 18.49 28.05 -14.65
N ASN E 114 19.42 28.46 -15.52
CA ASN E 114 20.06 27.51 -16.43
C ASN E 114 20.86 26.46 -15.67
N ARG E 115 21.35 26.79 -14.48
CA ARG E 115 22.07 25.82 -13.67
C ARG E 115 21.18 24.69 -13.18
N LEU E 116 19.86 24.82 -13.30
CA LEU E 116 18.92 23.76 -12.93
C LEU E 116 18.19 23.20 -14.14
N ARG E 117 18.44 23.72 -15.34
CA ARG E 117 17.67 23.33 -16.51
C ARG E 117 17.82 21.84 -16.80
N GLU E 118 19.08 21.36 -16.85
CA GLU E 118 19.33 19.98 -17.26
C GLU E 118 18.62 18.99 -16.35
N GLN E 119 18.57 19.27 -15.04
CA GLN E 119 18.03 18.31 -14.09
C GLN E 119 16.53 18.49 -13.87
N TYR E 120 16.04 19.72 -13.79
CA TYR E 120 14.65 19.98 -13.44
C TYR E 120 13.83 20.57 -14.59
N GLY E 121 14.47 20.96 -15.70
CA GLY E 121 13.72 21.54 -16.80
C GLY E 121 12.82 20.51 -17.46
N LEU E 122 11.68 20.99 -17.96
CA LEU E 122 10.74 20.14 -18.69
C LEU E 122 11.15 20.02 -20.16
N SER F 5 6.82 65.97 -11.07
CA SER F 5 7.29 64.73 -11.69
C SER F 5 7.00 63.53 -10.81
N PHE F 6 6.45 62.47 -11.41
CA PHE F 6 6.11 61.25 -10.70
C PHE F 6 7.20 60.18 -10.79
N VAL F 7 8.31 60.49 -11.45
CA VAL F 7 9.39 59.52 -11.58
C VAL F 7 10.00 59.27 -10.20
N GLY F 8 10.12 58.00 -9.82
CA GLY F 8 10.67 57.60 -8.55
C GLY F 8 9.63 57.34 -7.48
N LEU F 9 8.37 57.70 -7.71
CA LEU F 9 7.32 57.52 -6.72
C LEU F 9 6.73 56.13 -6.82
N ARG F 10 6.50 55.51 -5.66
CA ARG F 10 5.90 54.19 -5.60
C ARG F 10 4.39 54.29 -5.82
N VAL F 11 3.82 53.23 -6.40
CA VAL F 11 2.41 53.23 -6.75
C VAL F 11 1.86 51.81 -6.68
N VAL F 12 0.58 51.66 -7.00
CA VAL F 12 -0.05 50.36 -7.24
C VAL F 12 -0.82 50.49 -8.55
N ALA F 13 -0.51 49.60 -9.50
N ALA F 13 -0.49 49.63 -9.51
CA ALA F 13 -1.04 49.76 -10.84
CA ALA F 13 -0.98 49.77 -10.87
C ALA F 13 -1.41 48.40 -11.43
C ALA F 13 -1.63 48.48 -11.35
N LYS F 14 -2.31 48.44 -12.41
N LYS F 14 -2.79 48.60 -12.00
CA LYS F 14 -2.73 47.27 -13.18
CA LYS F 14 -3.48 47.45 -12.54
C LYS F 14 -2.07 47.35 -14.56
C LYS F 14 -2.56 46.67 -13.48
N TRP F 15 -1.30 46.33 -14.90
N TRP F 15 -2.85 45.38 -13.62
CA TRP F 15 -0.58 46.30 -16.16
CA TRP F 15 -1.98 44.50 -14.40
C TRP F 15 -1.22 45.40 -17.22
C TRP F 15 -2.58 44.19 -15.76
N SER F 16 -1.97 44.38 -16.80
N SER F 16 -3.38 43.13 -15.85
CA SER F 16 -2.64 43.47 -17.71
CA SER F 16 -3.96 42.70 -17.12
C SER F 16 -4.15 43.69 -17.65
C SER F 16 -5.15 43.58 -17.46
N SER F 17 -4.85 42.99 -18.54
N SER F 17 -5.87 43.22 -18.52
CA SER F 17 -6.31 43.05 -18.58
CA SER F 17 -7.07 43.97 -18.87
C SER F 17 -6.97 42.10 -17.59
C SER F 17 -8.12 43.89 -17.77
N ASN F 18 -6.26 41.72 -16.53
N ASN F 18 -8.10 42.82 -16.99
CA ASN F 18 -6.82 40.80 -15.53
CA ASN F 18 -9.04 42.65 -15.88
C ASN F 18 -7.43 41.53 -14.34
C ASN F 18 -8.32 41.92 -14.75
N GLY F 19 -6.93 42.72 -14.02
N GLY F 19 -7.15 42.43 -14.35
CA GLY F 19 -7.59 43.56 -13.04
CA GLY F 19 -6.36 41.80 -13.30
C GLY F 19 -6.76 43.98 -11.84
C GLY F 19 -6.38 42.58 -12.00
N TYR F 20 -5.95 43.06 -11.30
N TYR F 20 -5.27 42.53 -11.26
CA TYR F 20 -5.32 43.31 -10.02
CA TYR F 20 -5.15 43.18 -9.97
C TYR F 20 -4.25 44.39 -10.11
C TYR F 20 -4.12 44.29 -10.04
N PHE F 21 -4.15 45.18 -9.05
CA PHE F 21 -3.15 46.24 -8.93
C PHE F 21 -2.02 45.73 -8.04
N TYR F 22 -0.77 45.91 -8.49
CA TYR F 22 0.38 45.39 -7.79
C TYR F 22 1.33 46.52 -7.41
N SER F 23 2.07 46.32 -6.32
N SER F 23 2.09 46.31 -6.34
CA SER F 23 3.01 47.34 -5.86
CA SER F 23 3.02 47.32 -5.85
C SER F 23 4.13 47.52 -6.88
C SER F 23 4.15 47.52 -6.86
N GLY F 24 4.46 48.77 -7.14
CA GLY F 24 5.49 49.08 -8.11
C GLY F 24 6.03 50.49 -7.92
N LYS F 25 6.69 50.98 -8.97
CA LYS F 25 7.41 52.23 -8.91
C LYS F 25 7.51 52.80 -10.32
N ILE F 26 7.21 54.10 -10.46
CA ILE F 26 7.32 54.76 -11.76
C ILE F 26 8.78 55.09 -12.03
N THR F 27 9.25 54.70 -13.22
CA THR F 27 10.63 54.96 -13.62
C THR F 27 10.76 55.93 -14.78
N ARG F 28 9.71 56.11 -15.59
CA ARG F 28 9.76 57.01 -16.73
C ARG F 28 8.38 57.53 -17.04
N ASP F 29 8.34 58.72 -17.64
CA ASP F 29 7.15 59.25 -18.28
C ASP F 29 7.32 59.02 -19.77
N VAL F 30 6.58 58.06 -20.32
CA VAL F 30 6.69 57.69 -21.73
C VAL F 30 5.66 58.40 -22.59
N GLY F 31 5.00 59.43 -22.07
CA GLY F 31 4.04 60.19 -22.86
C GLY F 31 2.81 59.37 -23.23
N ALA F 32 1.91 60.02 -23.96
CA ALA F 32 0.66 59.40 -24.41
C ALA F 32 -0.16 58.89 -23.23
N GLY F 33 -0.09 59.58 -22.10
CA GLY F 33 -0.81 59.15 -20.91
C GLY F 33 -0.35 57.81 -20.38
N LYS F 34 0.93 57.48 -20.52
CA LYS F 34 1.48 56.22 -20.07
C LYS F 34 2.74 56.45 -19.26
N TYR F 35 3.05 55.49 -18.39
CA TYR F 35 4.25 55.53 -17.57
C TYR F 35 4.90 54.16 -17.56
N LYS F 36 6.23 54.13 -17.57
CA LYS F 36 6.95 52.88 -17.39
C LYS F 36 7.04 52.57 -15.91
N LEU F 37 6.61 51.37 -15.54
CA LEU F 37 6.58 50.95 -14.15
CA LEU F 37 6.59 50.95 -14.14
C LEU F 37 7.58 49.83 -13.89
N LEU F 38 8.02 49.73 -12.64
CA LEU F 38 8.92 48.68 -12.18
C LEU F 38 8.25 48.04 -10.98
N PHE F 39 7.60 46.90 -11.19
CA PHE F 39 6.96 46.20 -10.09
C PHE F 39 8.00 45.61 -9.15
N ASP F 40 7.56 45.33 -7.92
CA ASP F 40 8.48 44.88 -6.89
C ASP F 40 9.13 43.54 -7.24
N ASP F 41 8.58 42.78 -8.17
CA ASP F 41 9.16 41.50 -8.56
C ASP F 41 10.22 41.65 -9.65
N GLY F 42 10.49 42.88 -10.10
CA GLY F 42 11.50 43.11 -11.11
C GLY F 42 10.97 43.29 -12.52
N TYR F 43 9.70 43.00 -12.76
CA TYR F 43 9.13 43.15 -14.08
C TYR F 43 8.75 44.60 -14.34
N GLU F 44 8.97 45.05 -15.57
CA GLU F 44 8.74 46.45 -15.92
C GLU F 44 8.09 46.55 -17.29
N CYS F 45 7.09 47.42 -17.40
CA CYS F 45 6.36 47.63 -18.64
C CYS F 45 5.66 48.99 -18.58
N ASP F 46 5.13 49.40 -19.72
CA ASP F 46 4.37 50.64 -19.79
C ASP F 46 2.93 50.41 -19.37
N VAL F 47 2.36 51.38 -18.66
CA VAL F 47 1.03 51.24 -18.08
C VAL F 47 0.28 52.57 -18.23
N LEU F 48 -1.00 52.48 -18.57
CA LEU F 48 -1.83 53.67 -18.69
C LEU F 48 -1.95 54.37 -17.33
N GLY F 49 -2.03 55.70 -17.37
CA GLY F 49 -2.11 56.47 -16.14
C GLY F 49 -3.38 56.19 -15.36
N LYS F 50 -4.49 55.95 -16.06
CA LYS F 50 -5.75 55.69 -15.37
C LYS F 50 -5.70 54.40 -14.58
N ASP F 51 -4.75 53.51 -14.87
CA ASP F 51 -4.60 52.25 -14.17
C ASP F 51 -3.53 52.31 -13.08
N ILE F 52 -3.02 53.51 -12.76
CA ILE F 52 -1.97 53.69 -11.77
C ILE F 52 -2.56 54.42 -10.57
N LEU F 53 -2.32 53.89 -9.38
CA LEU F 53 -2.78 54.49 -8.13
C LEU F 53 -1.56 55.03 -7.39
N LEU F 54 -1.52 56.35 -7.18
CA LEU F 54 -0.40 57.00 -6.52
C LEU F 54 -0.59 56.86 -5.01
N CYS F 55 -0.15 55.71 -4.50
CA CYS F 55 -0.28 55.37 -3.07
C CYS F 55 1.01 54.82 -2.49
N ASP F 56 1.61 55.56 -1.57
CA ASP F 56 2.81 55.11 -0.88
C ASP F 56 2.72 55.71 0.52
N PRO F 57 2.24 54.95 1.52
CA PRO F 57 1.77 53.56 1.44
C PRO F 57 0.30 53.59 1.03
N ILE F 58 -0.30 52.42 0.91
CA ILE F 58 -1.75 52.35 0.70
C ILE F 58 -2.44 52.95 1.92
N PRO F 59 -3.42 53.84 1.74
CA PRO F 59 -4.01 54.52 2.90
C PRO F 59 -4.60 53.55 3.91
N LEU F 60 -4.69 54.02 5.15
CA LEU F 60 -5.27 53.22 6.22
C LEU F 60 -6.76 53.00 5.99
N ASP F 61 -7.28 51.91 6.53
CA ASP F 61 -8.68 51.50 6.42
C ASP F 61 -9.06 51.08 5.00
N THR F 62 -8.08 50.92 4.12
CA THR F 62 -8.36 50.47 2.75
C THR F 62 -8.56 48.96 2.74
N GLU F 63 -9.57 48.53 1.98
CA GLU F 63 -9.76 47.10 1.75
C GLU F 63 -8.79 46.64 0.67
N VAL F 64 -8.07 45.55 0.95
CA VAL F 64 -7.01 45.07 0.08
C VAL F 64 -7.11 43.55 0.01
N THR F 65 -6.19 42.95 -0.75
CA THR F 65 -6.06 41.51 -0.87
C THR F 65 -4.66 41.13 -0.42
N ALA F 66 -4.57 40.27 0.60
CA ALA F 66 -3.31 39.87 1.19
C ALA F 66 -2.91 38.51 0.66
N LEU F 67 -1.76 38.44 -0.01
CA LEU F 67 -1.30 37.20 -0.62
C LEU F 67 -0.58 36.31 0.39
N SER F 68 -0.92 35.03 0.36
CA SER F 68 -0.18 34.01 1.09
C SER F 68 -0.22 32.74 0.25
N GLU F 69 0.66 31.79 0.61
CA GLU F 69 0.79 30.57 -0.19
C GLU F 69 -0.56 29.90 -0.37
N ASP F 70 -0.96 29.74 -1.64
CA ASP F 70 -2.21 29.09 -2.04
C ASP F 70 -3.44 29.93 -1.74
N GLU F 71 -3.28 31.22 -1.50
N GLU F 71 -3.27 31.23 -1.51
CA GLU F 71 -4.38 32.14 -1.27
CA GLU F 71 -4.38 32.14 -1.27
C GLU F 71 -4.21 33.35 -2.18
C GLU F 71 -4.22 33.35 -2.18
N TYR F 72 -5.13 33.51 -3.14
CA TYR F 72 -5.07 34.59 -4.10
C TYR F 72 -6.21 35.59 -3.95
N PHE F 73 -7.16 35.35 -3.03
CA PHE F 73 -8.33 36.21 -2.92
C PHE F 73 -8.66 36.55 -1.48
N SER F 74 -7.72 36.39 -0.55
CA SER F 74 -7.99 36.72 0.85
C SER F 74 -8.05 38.23 1.01
N ALA F 75 -9.23 38.74 1.37
CA ALA F 75 -9.43 40.18 1.53
C ALA F 75 -9.23 40.58 2.99
N GLY F 76 -8.84 41.84 3.18
CA GLY F 76 -8.63 42.38 4.51
C GLY F 76 -8.62 43.89 4.44
N VAL F 77 -8.42 44.51 5.61
CA VAL F 77 -8.45 45.95 5.75
C VAL F 77 -7.13 46.41 6.38
N VAL F 78 -6.49 47.39 5.76
CA VAL F 78 -5.24 47.94 6.29
C VAL F 78 -5.55 48.71 7.56
N LYS F 79 -4.89 48.33 8.67
CA LYS F 79 -5.10 49.00 9.95
C LYS F 79 -3.81 49.53 10.58
N GLY F 80 -2.68 49.43 9.89
CA GLY F 80 -1.44 49.92 10.46
C GLY F 80 -0.32 49.86 9.45
N HIS F 81 0.68 50.71 9.68
CA HIS F 81 1.91 50.75 8.89
C HIS F 81 3.10 50.59 9.83
N ARG F 82 4.12 49.90 9.36
CA ARG F 82 5.32 49.69 10.17
C ARG F 82 6.53 49.63 9.26
N LYS F 83 7.65 50.14 9.77
CA LYS F 83 8.90 50.22 9.03
C LYS F 83 9.98 49.48 9.81
N GLU F 84 10.51 48.40 9.22
CA GLU F 84 11.56 47.62 9.84
C GLU F 84 12.68 47.41 8.83
N SER F 85 13.88 47.88 9.17
CA SER F 85 15.06 47.71 8.32
C SER F 85 14.78 48.24 6.92
N GLY F 86 14.15 49.41 6.85
CA GLY F 86 13.86 50.04 5.57
C GLY F 86 12.84 49.32 4.73
N GLU F 87 11.97 48.50 5.35
CA GLU F 87 10.96 47.74 4.62
C GLU F 87 9.60 48.02 5.23
N LEU F 88 8.62 48.28 4.37
CA LEU F 88 7.26 48.56 4.81
C LEU F 88 6.50 47.27 5.09
N TYR F 89 5.74 47.27 6.18
CA TYR F 89 4.88 46.16 6.54
C TYR F 89 3.47 46.68 6.76
N TYR F 90 2.48 45.92 6.28
CA TYR F 90 1.08 46.27 6.45
C TYR F 90 0.45 45.40 7.52
N SER F 91 -0.33 46.03 8.41
CA SER F 91 -1.14 45.30 9.38
C SER F 91 -2.53 45.12 8.79
N ILE F 92 -2.84 43.90 8.37
CA ILE F 92 -4.10 43.59 7.70
C ILE F 92 -5.03 42.93 8.70
N GLU F 93 -6.25 43.45 8.79
CA GLU F 93 -7.27 42.90 9.67
C GLU F 93 -8.25 42.05 8.87
N LYS F 94 -8.58 40.88 9.42
CA LYS F 94 -9.56 39.99 8.81
C LYS F 94 -10.20 39.17 9.92
N GLU F 95 -11.51 39.31 10.09
CA GLU F 95 -12.27 38.57 11.09
C GLU F 95 -11.71 38.84 12.49
N GLY F 96 -11.53 40.13 12.81
CA GLY F 96 -11.15 40.56 14.14
C GLY F 96 -9.71 40.36 14.51
N GLN F 97 -8.92 39.67 13.68
N GLN F 97 -8.92 39.68 13.67
CA GLN F 97 -7.51 39.43 13.95
CA GLN F 97 -7.51 39.43 13.95
C GLN F 97 -6.65 40.12 12.92
C GLN F 97 -6.65 40.13 12.91
N ARG F 98 -5.48 40.58 13.35
CA ARG F 98 -4.53 41.28 12.49
C ARG F 98 -3.27 40.46 12.29
N LYS F 99 -2.69 40.60 11.09
CA LYS F 99 -1.46 39.91 10.74
C LYS F 99 -0.60 40.82 9.88
N TRP F 100 0.71 40.65 9.98
CA TRP F 100 1.66 41.48 9.26
C TRP F 100 2.00 40.86 7.91
N TYR F 101 1.91 41.67 6.85
CA TYR F 101 2.29 41.26 5.51
C TYR F 101 3.31 42.25 4.97
N LYS F 102 4.27 41.75 4.18
CA LYS F 102 5.20 42.63 3.53
C LYS F 102 4.51 43.41 2.42
N ARG F 103 5.15 44.51 2.00
CA ARG F 103 4.55 45.39 1.01
C ARG F 103 4.19 44.64 -0.27
N MET F 104 5.10 43.81 -0.77
N MET F 104 5.10 43.81 -0.76
CA MET F 104 4.87 43.16 -2.05
CA MET F 104 4.89 43.14 -2.04
C MET F 104 3.67 42.21 -2.04
C MET F 104 3.68 42.22 -2.04
N ALA F 105 3.27 41.74 -0.87
CA ALA F 105 2.16 40.78 -0.77
C ALA F 105 0.79 41.45 -0.72
N VAL F 106 0.72 42.78 -0.65
CA VAL F 106 -0.54 43.50 -0.54
C VAL F 106 -0.92 44.02 -1.92
N ILE F 107 -2.04 43.51 -2.45
CA ILE F 107 -2.50 43.86 -3.78
C ILE F 107 -3.96 44.28 -3.69
N LEU F 108 -4.48 44.76 -4.82
CA LEU F 108 -5.85 45.23 -4.91
C LEU F 108 -6.55 44.60 -6.10
N SER F 109 -7.80 44.17 -5.89
CA SER F 109 -8.63 43.71 -6.98
C SER F 109 -9.23 44.90 -7.73
N LEU F 110 -9.91 44.60 -8.83
CA LEU F 110 -10.50 45.66 -9.64
C LEU F 110 -11.45 46.52 -8.82
N GLU F 111 -12.38 45.88 -8.09
CA GLU F 111 -13.30 46.63 -7.26
C GLU F 111 -12.56 47.41 -6.19
N GLN F 112 -11.61 46.75 -5.51
CA GLN F 112 -10.83 47.43 -4.48
C GLN F 112 -10.05 48.60 -5.07
N GLY F 113 -9.57 48.45 -6.31
CA GLY F 113 -8.83 49.53 -6.93
C GLY F 113 -9.71 50.71 -7.33
N ASN F 114 -10.92 50.42 -7.81
CA ASN F 114 -11.82 51.48 -8.21
C ASN F 114 -12.14 52.42 -7.04
N ARG F 115 -12.18 51.89 -5.82
CA ARG F 115 -12.51 52.71 -4.67
C ARG F 115 -11.45 53.76 -4.37
N LEU F 116 -10.24 53.61 -4.91
CA LEU F 116 -9.20 54.61 -4.78
C LEU F 116 -8.87 55.30 -6.09
N ARG F 117 -9.49 54.89 -7.19
CA ARG F 117 -9.15 55.43 -8.50
C ARG F 117 -9.47 56.92 -8.58
N GLU F 118 -10.63 57.33 -8.05
N GLU F 118 -10.63 57.33 -8.05
CA GLU F 118 -11.04 58.72 -8.16
CA GLU F 118 -11.04 58.72 -8.16
C GLU F 118 -10.13 59.64 -7.35
C GLU F 118 -10.14 59.65 -7.34
N GLN F 119 -9.59 59.17 -6.22
CA GLN F 119 -8.76 60.00 -5.37
C GLN F 119 -7.28 59.91 -5.71
N TYR F 120 -6.80 58.75 -6.14
CA TYR F 120 -5.38 58.54 -6.38
C TYR F 120 -5.04 58.19 -7.82
N GLY F 121 -6.03 58.05 -8.69
CA GLY F 121 -5.76 57.65 -10.06
C GLY F 121 -5.03 58.73 -10.83
N LEU F 122 -4.11 58.31 -11.70
CA LEU F 122 -3.35 59.22 -12.55
C LEU F 122 -3.91 59.29 -13.97
N GLY F 123 -5.21 59.05 -14.13
CA GLY F 123 -5.83 59.11 -15.44
C GLY F 123 -5.65 60.45 -16.11
N MET G 3 4.46 4.25 38.20
CA MET G 3 5.18 3.04 38.61
C MET G 3 6.34 2.78 37.67
N ASN G 4 7.11 1.73 37.97
CA ASN G 4 8.26 1.38 37.15
C ASN G 4 7.81 0.73 35.84
N SER G 5 8.78 0.32 35.04
N SER G 5 8.78 0.32 35.04
CA SER G 5 8.48 -0.30 33.76
CA SER G 5 8.48 -0.31 33.76
C SER G 5 7.99 -1.73 33.96
C SER G 5 7.98 -1.73 33.96
N PHE G 6 7.44 -2.30 32.88
CA PHE G 6 6.92 -3.66 32.90
C PHE G 6 7.86 -4.67 32.25
N VAL G 7 9.01 -4.22 31.74
CA VAL G 7 9.96 -5.15 31.13
C VAL G 7 10.45 -6.13 32.17
N GLY G 8 10.49 -7.41 31.79
CA GLY G 8 10.96 -8.46 32.68
C GLY G 8 9.88 -9.09 33.53
N LEU G 9 8.68 -8.54 33.54
CA LEU G 9 7.58 -9.08 34.35
C LEU G 9 6.88 -10.20 33.59
N ARG G 10 6.49 -11.24 34.32
CA ARG G 10 5.75 -12.33 33.72
C ARG G 10 4.27 -11.98 33.61
N VAL G 11 3.64 -12.47 32.54
CA VAL G 11 2.25 -12.14 32.25
C VAL G 11 1.57 -13.32 31.57
N VAL G 12 0.28 -13.16 31.28
CA VAL G 12 -0.46 -14.05 30.40
C VAL G 12 -1.13 -13.19 29.34
N ALA G 13 -0.89 -13.50 28.07
N ALA G 13 -0.87 -13.48 28.08
CA ALA G 13 -1.41 -12.68 26.99
CA ALA G 13 -1.25 -12.60 26.98
C ALA G 13 -1.75 -13.56 25.79
C ALA G 13 -2.11 -13.34 25.96
N LYS G 14 -2.59 -13.03 24.92
N LYS G 14 -3.19 -12.71 25.54
CA LYS G 14 -2.97 -13.67 23.67
CA LYS G 14 -4.08 -13.29 24.54
C LYS G 14 -2.39 -12.91 22.49
C LYS G 14 -3.30 -13.61 23.27
N TRP G 15 -1.96 -13.64 21.47
N TRP G 15 -3.85 -14.53 22.47
CA TRP G 15 -1.31 -13.05 20.30
CA TRP G 15 -3.23 -14.96 21.23
C TRP G 15 -2.08 -13.23 19.01
C TRP G 15 -4.08 -14.68 19.99
N SER G 16 -3.08 -14.11 18.97
N SER G 16 -5.39 -14.50 20.13
CA SER G 16 -3.90 -14.32 17.79
CA SER G 16 -6.26 -14.15 19.02
C SER G 16 -5.27 -13.66 18.00
C SER G 16 -6.32 -15.27 17.98
N SER G 17 -6.18 -13.87 17.05
N SER G 17 -7.40 -15.30 17.20
CA SER G 17 -7.48 -13.23 17.09
CA SER G 17 -7.59 -16.34 16.19
C SER G 17 -8.48 -14.01 17.96
C SER G 17 -7.53 -17.72 16.84
N ASN G 18 -8.46 -15.35 17.88
N ASN G 18 -8.64 -18.16 17.43
CA ASN G 18 -9.37 -16.19 18.63
CA ASN G 18 -8.64 -19.37 18.24
C ASN G 18 -8.60 -17.15 19.55
C ASN G 18 -7.53 -19.30 19.29
N GLY G 19 -7.39 -16.77 19.95
N GLY G 19 -7.33 -18.10 19.83
CA GLY G 19 -6.57 -17.62 20.78
CA GLY G 19 -6.21 -17.82 20.71
C GLY G 19 -6.79 -17.39 22.26
C GLY G 19 -6.66 -17.63 22.15
N TYR G 20 -6.12 -18.21 23.06
N TYR G 20 -5.96 -18.30 23.05
CA TYR G 20 -6.18 -18.12 24.51
CA TYR G 20 -6.14 -18.14 24.48
C TYR G 20 -5.06 -17.21 25.03
C TYR G 20 -4.99 -17.28 25.03
N PHE G 21 -5.00 -17.05 26.34
CA PHE G 21 -3.92 -16.34 26.99
C PHE G 21 -2.88 -17.37 27.44
N TYR G 22 -1.61 -17.09 27.12
CA TYR G 22 -0.52 -18.02 27.41
C TYR G 22 0.54 -17.35 28.28
N SER G 23 1.17 -18.17 29.12
CA SER G 23 2.22 -17.68 30.00
C SER G 23 3.40 -17.14 29.20
N GLY G 24 3.89 -15.98 29.60
CA GLY G 24 5.00 -15.36 28.92
C GLY G 24 5.63 -14.28 29.77
N LYS G 25 6.42 -13.44 29.11
N LYS G 25 6.41 -13.42 29.13
CA LYS G 25 7.25 -12.45 29.79
CA LYS G 25 7.05 -12.31 29.83
C LYS G 25 7.51 -11.28 28.86
C LYS G 25 7.21 -11.14 28.88
N ILE G 26 7.18 -10.08 29.31
N ILE G 26 7.40 -9.96 29.46
CA ILE G 26 7.40 -8.88 28.51
CA ILE G 26 7.60 -8.73 28.69
C ILE G 26 8.89 -8.59 28.42
C ILE G 26 9.10 -8.50 28.55
N THR G 27 9.37 -8.35 27.20
N THR G 27 9.52 -8.16 27.33
CA THR G 27 10.79 -8.10 26.95
CA THR G 27 10.94 -7.92 27.04
C THR G 27 11.09 -6.69 26.49
C THR G 27 11.23 -6.54 26.51
N ARG G 28 10.23 -6.11 25.64
N ARG G 28 10.27 -5.87 25.88
CA ARG G 28 10.43 -4.75 25.16
CA ARG G 28 10.49 -4.54 25.32
C ARG G 28 9.11 -3.98 25.21
C ARG G 28 9.19 -3.76 25.33
N ASP G 29 9.22 -2.66 25.29
N ASP G 29 9.33 -2.44 25.33
CA ASP G 29 8.09 -1.74 25.20
CA ASP G 29 8.20 -1.51 25.24
C ASP G 29 8.20 -1.00 23.87
C ASP G 29 8.26 -0.86 23.86
N VAL G 30 7.54 -1.53 22.85
N VAL G 30 7.66 -1.54 22.87
CA VAL G 30 7.66 -1.04 21.48
CA VAL G 30 7.66 -1.06 21.49
C VAL G 30 6.74 0.14 21.26
C VAL G 30 6.87 0.22 21.33
N GLY G 31 6.05 0.60 22.31
CA GLY G 31 5.21 1.76 22.21
C GLY G 31 4.00 1.51 21.32
N ALA G 32 3.19 2.56 21.17
CA ALA G 32 1.94 2.49 20.41
C ALA G 32 0.96 1.50 21.03
N GLY G 33 1.03 1.33 22.34
CA GLY G 33 0.17 0.38 23.03
C GLY G 33 0.52 -1.07 22.76
N LYS G 34 1.77 -1.35 22.43
CA LYS G 34 2.21 -2.72 22.15
C LYS G 34 3.47 -3.03 22.94
N TYR G 35 3.61 -4.31 23.31
N TYR G 35 3.60 -4.31 23.33
CA TYR G 35 4.78 -4.82 24.00
CA TYR G 35 4.73 -4.77 24.13
C TYR G 35 5.28 -6.06 23.28
C TYR G 35 5.18 -6.11 23.58
N LYS G 36 6.59 -6.27 23.32
N LYS G 36 6.46 -6.20 23.20
CA LYS G 36 7.20 -7.47 22.76
CA LYS G 36 7.01 -7.45 22.70
C LYS G 36 7.23 -8.55 23.85
C LYS G 36 7.06 -8.48 23.81
N LEU G 37 6.53 -9.65 23.60
N LEU G 37 6.45 -9.64 23.59
N LEU G 37 6.28 -9.74 23.49
CA LEU G 37 6.32 -10.68 24.60
CA LEU G 37 6.35 -10.69 24.58
CA LEU G 37 6.31 -10.70 24.58
C LEU G 37 7.02 -11.97 24.18
C LEU G 37 7.16 -11.90 24.14
C LEU G 37 7.02 -11.98 24.18
N LEU G 38 7.70 -12.60 25.13
CA LEU G 38 8.41 -13.86 24.93
C LEU G 38 7.62 -14.94 25.66
N PHE G 39 6.89 -15.76 24.91
CA PHE G 39 6.12 -16.84 25.52
C PHE G 39 7.07 -17.93 26.00
N ASP G 40 6.57 -18.72 26.97
CA ASP G 40 7.41 -19.74 27.60
C ASP G 40 7.93 -20.77 26.61
N ASP G 41 7.25 -20.94 25.46
CA ASP G 41 7.70 -21.89 24.46
C ASP G 41 8.80 -21.33 23.56
N GLY G 42 9.21 -20.09 23.77
CA GLY G 42 10.29 -19.49 23.02
C GLY G 42 9.85 -18.56 21.91
N TYR G 43 8.59 -18.65 21.49
CA TYR G 43 8.10 -17.77 20.45
C TYR G 43 7.98 -16.34 20.96
N GLU G 44 8.21 -15.38 20.07
CA GLU G 44 8.26 -13.98 20.45
C GLU G 44 7.55 -13.14 19.41
N CYS G 45 6.80 -12.14 19.86
CA CYS G 45 6.08 -11.24 18.96
C CYS G 45 5.54 -10.06 19.77
N ASP G 46 4.96 -9.10 19.05
CA ASP G 46 4.35 -7.94 19.66
C ASP G 46 2.87 -8.21 19.95
N VAL G 47 2.39 -7.63 21.05
CA VAL G 47 1.01 -7.83 21.49
C VAL G 47 0.48 -6.53 22.07
N LEU G 48 -0.81 -6.28 21.85
CA LEU G 48 -1.44 -5.07 22.38
C LEU G 48 -1.60 -5.16 23.90
N GLY G 49 -1.42 -4.03 24.56
CA GLY G 49 -1.51 -4.00 26.01
C GLY G 49 -2.83 -4.54 26.54
N LYS G 50 -3.94 -4.16 25.89
CA LYS G 50 -5.24 -4.63 26.34
C LYS G 50 -5.34 -6.15 26.34
N ASP G 51 -4.48 -6.83 25.59
CA ASP G 51 -4.47 -8.28 25.52
C ASP G 51 -3.47 -8.92 26.48
N ILE G 52 -2.92 -8.14 27.41
CA ILE G 52 -1.92 -8.63 28.36
C ILE G 52 -2.49 -8.55 29.76
N LEU G 53 -2.42 -9.66 30.48
CA LEU G 53 -2.83 -9.72 31.89
C LEU G 53 -1.58 -9.76 32.74
N LEU G 54 -1.37 -8.71 33.54
CA LEU G 54 -0.19 -8.60 34.39
C LEU G 54 -0.47 -9.29 35.72
N CYS G 55 -0.37 -10.61 35.71
CA CYS G 55 -0.53 -11.40 36.93
C CYS G 55 0.44 -12.57 36.97
N ASP G 56 1.24 -12.63 38.03
CA ASP G 56 2.25 -13.68 38.20
C ASP G 56 2.24 -13.89 39.71
N PRO G 57 1.67 -15.00 40.19
CA PRO G 57 1.09 -16.12 39.44
C PRO G 57 -0.36 -15.75 39.11
N ILE G 58 -1.04 -16.64 38.40
CA ILE G 58 -2.50 -16.50 38.26
C ILE G 58 -3.12 -16.61 39.64
N PRO G 59 -3.99 -15.69 40.04
CA PRO G 59 -4.48 -15.69 41.42
C PRO G 59 -5.30 -16.94 41.74
N LEU G 60 -5.35 -17.25 43.03
CA LEU G 60 -6.14 -18.39 43.50
C LEU G 60 -7.61 -18.21 43.16
N ASP G 61 -8.32 -19.33 43.04
CA ASP G 61 -9.75 -19.34 42.73
C ASP G 61 -10.06 -18.79 41.35
N THR G 62 -9.05 -18.70 40.48
CA THR G 62 -9.26 -18.31 39.10
C THR G 62 -9.61 -19.53 38.26
N GLU G 63 -10.62 -19.39 37.41
CA GLU G 63 -10.95 -20.45 36.46
C GLU G 63 -9.96 -20.41 35.30
N VAL G 64 -9.35 -21.56 35.00
CA VAL G 64 -8.30 -21.67 34.00
C VAL G 64 -8.57 -22.89 33.13
N THR G 65 -7.72 -23.08 32.13
CA THR G 65 -7.72 -24.26 31.28
C THR G 65 -6.37 -24.94 31.41
N ALA G 66 -6.37 -26.19 31.86
CA ALA G 66 -5.14 -26.92 32.15
C ALA G 66 -4.86 -27.89 31.01
N LEU G 67 -3.69 -27.73 30.38
CA LEU G 67 -3.35 -28.51 29.20
C LEU G 67 -2.79 -29.87 29.61
N SER G 68 -3.27 -30.91 28.94
CA SER G 68 -2.68 -32.24 29.04
C SER G 68 -2.83 -32.91 27.68
N GLU G 69 -2.09 -33.99 27.47
CA GLU G 69 -2.04 -34.62 26.16
C GLU G 69 -3.45 -34.99 25.69
N ASP G 70 -3.80 -34.51 24.49
CA ASP G 70 -5.10 -34.76 23.88
C ASP G 70 -6.25 -34.12 24.66
N GLU G 71 -5.96 -33.03 25.37
CA GLU G 71 -6.99 -32.27 26.08
C GLU G 71 -6.66 -30.80 25.96
N TYR G 72 -7.57 -30.04 25.34
CA TYR G 72 -7.36 -28.64 25.06
C TYR G 72 -8.36 -27.71 25.74
N PHE G 73 -9.41 -28.25 26.37
CA PHE G 73 -10.47 -27.42 26.95
C PHE G 73 -10.82 -27.83 28.37
N SER G 74 -9.95 -28.59 29.03
CA SER G 74 -10.22 -29.04 30.39
C SER G 74 -10.19 -27.84 31.33
N ALA G 75 -11.36 -27.43 31.81
CA ALA G 75 -11.44 -26.30 32.72
C ALA G 75 -11.14 -26.75 34.15
N GLY G 76 -10.80 -25.76 34.99
CA GLY G 76 -10.49 -26.02 36.38
C GLY G 76 -10.28 -24.72 37.12
N VAL G 77 -10.16 -24.83 38.44
CA VAL G 77 -10.00 -23.67 39.31
C VAL G 77 -8.67 -23.79 40.03
N VAL G 78 -7.93 -22.69 40.07
CA VAL G 78 -6.64 -22.66 40.76
C VAL G 78 -6.91 -22.68 42.27
N LYS G 79 -6.36 -23.69 42.94
CA LYS G 79 -6.55 -23.83 44.38
C LYS G 79 -5.24 -23.85 45.16
N GLY G 80 -4.10 -23.80 44.48
CA GLY G 80 -2.83 -23.81 45.19
C GLY G 80 -1.68 -23.40 44.30
N HIS G 81 -0.61 -22.94 44.94
CA HIS G 81 0.65 -22.61 44.29
C HIS G 81 1.77 -23.36 44.99
N ARG G 82 2.81 -23.70 44.25
CA ARG G 82 3.94 -24.44 44.82
C ARG G 82 5.19 -24.16 44.02
N LYS G 83 6.30 -23.97 44.73
CA LYS G 83 7.61 -23.77 44.13
C LYS G 83 8.47 -25.01 44.37
N GLU G 84 9.11 -25.49 43.30
N GLU G 84 9.10 -25.51 43.31
CA GLU G 84 9.98 -26.67 43.41
CA GLU G 84 9.98 -26.66 43.42
C GLU G 84 11.12 -26.48 42.42
C GLU G 84 11.12 -26.48 42.42
N SER G 85 12.32 -26.23 42.92
CA SER G 85 13.50 -26.03 42.08
C SER G 85 13.32 -24.83 41.16
N GLY G 86 12.80 -23.74 41.72
CA GLY G 86 12.64 -22.51 40.96
C GLY G 86 11.57 -22.55 39.89
N GLU G 87 10.70 -23.55 39.90
CA GLU G 87 9.63 -23.67 38.92
C GLU G 87 8.28 -23.59 39.62
N LEU G 88 7.35 -22.87 39.01
CA LEU G 88 6.02 -22.68 39.56
C LEU G 88 5.10 -23.82 39.11
N TYR G 89 4.36 -24.38 40.07
CA TYR G 89 3.34 -25.39 39.80
C TYR G 89 2.00 -24.87 40.28
N TYR G 90 0.95 -25.19 39.52
CA TYR G 90 -0.42 -24.85 39.87
C TYR G 90 -1.18 -26.10 40.31
N SER G 91 -1.95 -25.97 41.38
CA SER G 91 -2.87 -27.02 41.82
C SER G 91 -4.25 -26.70 41.26
N ILE G 92 -4.70 -27.48 40.29
CA ILE G 92 -5.96 -27.24 39.59
C ILE G 92 -6.98 -28.25 40.08
N GLU G 93 -8.14 -27.76 40.50
CA GLU G 93 -9.22 -28.61 40.98
C GLU G 93 -10.27 -28.78 39.88
N LYS G 94 -10.68 -30.02 39.66
CA LYS G 94 -11.70 -30.33 38.67
C LYS G 94 -12.48 -31.54 39.16
N GLU G 95 -13.79 -31.40 39.30
CA GLU G 95 -14.67 -32.48 39.72
C GLU G 95 -14.23 -33.03 41.08
N GLY G 96 -13.95 -32.12 42.01
CA GLY G 96 -13.60 -32.48 43.36
C GLY G 96 -12.21 -33.03 43.56
N GLN G 97 -11.39 -33.09 42.52
CA GLN G 97 -10.03 -33.62 42.62
C GLN G 97 -9.04 -32.58 42.12
N ARG G 98 -7.84 -32.59 42.71
CA ARG G 98 -6.81 -31.61 42.39
C ARG G 98 -5.62 -32.30 41.75
N LYS G 99 -5.02 -31.62 40.76
CA LYS G 99 -3.85 -32.12 40.05
C LYS G 99 -2.86 -30.98 39.87
N TRP G 100 -1.59 -31.34 39.76
CA TRP G 100 -0.52 -30.36 39.59
C TRP G 100 -0.19 -30.20 38.11
N TYR G 101 0.00 -28.94 37.70
CA TYR G 101 0.40 -28.60 36.34
C TYR G 101 1.55 -27.60 36.40
N LYS G 102 2.47 -27.71 35.45
CA LYS G 102 3.52 -26.70 35.34
C LYS G 102 2.94 -25.40 34.80
N ARG G 103 3.60 -24.30 35.13
CA ARG G 103 3.12 -22.98 34.74
C ARG G 103 2.72 -22.93 33.26
N MET G 104 3.62 -23.41 32.39
N MET G 104 3.63 -23.40 32.40
CA MET G 104 3.38 -23.28 30.96
CA MET G 104 3.42 -23.31 30.96
C MET G 104 2.14 -24.03 30.50
C MET G 104 2.13 -24.01 30.52
N ALA G 105 1.63 -24.96 31.29
CA ALA G 105 0.46 -25.74 30.92
C ALA G 105 -0.87 -25.09 31.30
N VAL G 106 -0.84 -24.01 32.07
CA VAL G 106 -2.06 -23.34 32.53
C VAL G 106 -2.32 -22.13 31.63
N ILE G 107 -3.45 -22.14 30.94
CA ILE G 107 -3.82 -21.09 30.00
C ILE G 107 -5.22 -20.61 30.35
N LEU G 108 -5.62 -19.49 29.75
CA LEU G 108 -6.92 -18.88 29.99
C LEU G 108 -7.62 -18.65 28.67
N SER G 109 -8.85 -19.14 28.55
CA SER G 109 -9.66 -18.86 27.37
C SER G 109 -10.08 -17.39 27.37
N LEU G 110 -10.67 -16.97 26.25
CA LEU G 110 -11.09 -15.58 26.12
C LEU G 110 -12.03 -15.18 27.25
N GLU G 111 -13.03 -16.01 27.53
CA GLU G 111 -13.96 -15.72 28.62
C GLU G 111 -13.22 -15.71 29.96
N GLN G 112 -12.40 -16.74 30.21
CA GLN G 112 -11.65 -16.78 31.46
C GLN G 112 -10.74 -15.58 31.61
N GLY G 113 -10.09 -15.16 30.53
CA GLY G 113 -9.21 -14.00 30.60
C GLY G 113 -9.94 -12.71 30.89
N ASN G 114 -11.17 -12.58 30.35
CA ASN G 114 -11.93 -11.36 30.57
C ASN G 114 -12.22 -11.15 32.05
N ARG G 115 -12.43 -12.22 32.80
CA ARG G 115 -12.71 -12.08 34.23
C ARG G 115 -11.54 -11.47 34.99
N LEU G 116 -10.34 -11.44 34.39
CA LEU G 116 -9.20 -10.78 34.98
C LEU G 116 -8.83 -9.47 34.30
N ARG G 117 -9.34 -9.22 33.08
CA ARG G 117 -8.93 -8.05 32.32
C ARG G 117 -9.19 -6.77 33.10
N GLU G 118 -10.33 -6.70 33.78
N GLU G 118 -10.33 -6.70 33.79
CA GLU G 118 -10.70 -5.47 34.49
CA GLU G 118 -10.70 -5.47 34.50
C GLU G 118 -9.66 -5.11 35.55
C GLU G 118 -9.69 -5.13 35.58
N GLN G 119 -9.09 -6.12 36.21
N GLN G 119 -9.07 -6.12 36.21
CA GLN G 119 -8.16 -5.87 37.30
CA GLN G 119 -8.16 -5.90 37.32
C GLN G 119 -6.70 -5.89 36.83
C GLN G 119 -6.70 -5.98 36.93
N TYR G 120 -6.34 -6.84 35.98
CA TYR G 120 -4.95 -7.05 35.61
C TYR G 120 -4.60 -6.63 34.18
N GLY G 121 -5.59 -6.26 33.37
CA GLY G 121 -5.29 -5.92 31.99
C GLY G 121 -4.41 -4.69 31.88
N LEU G 122 -3.58 -4.68 30.84
CA LEU G 122 -2.73 -3.54 30.53
C LEU G 122 -3.35 -2.61 29.50
N GLY G 123 -4.67 -2.65 29.33
CA GLY G 123 -5.34 -1.79 28.38
C GLY G 123 -5.37 -0.35 28.83
N ASN H 4 -3.31 -43.75 3.20
CA ASN H 4 -3.35 -42.68 2.22
C ASN H 4 -3.90 -41.39 2.84
N SER H 5 -3.48 -41.11 4.07
CA SER H 5 -3.92 -39.91 4.78
C SER H 5 -3.06 -39.73 6.02
N PHE H 6 -2.68 -38.48 6.29
CA PHE H 6 -1.87 -38.15 7.46
C PHE H 6 -2.71 -37.53 8.56
N VAL H 7 -4.01 -37.33 8.32
CA VAL H 7 -4.87 -36.71 9.33
C VAL H 7 -4.93 -37.60 10.55
N GLY H 8 -4.78 -36.99 11.72
CA GLY H 8 -4.83 -37.70 12.98
C GLY H 8 -3.48 -38.10 13.54
N LEU H 9 -2.43 -38.05 12.73
CA LEU H 9 -1.10 -38.45 13.19
C LEU H 9 -0.40 -37.29 13.89
N ARG H 10 0.25 -37.60 15.01
CA ARG H 10 0.98 -36.58 15.75
C ARG H 10 2.34 -36.35 15.12
N VAL H 11 2.80 -35.09 15.16
CA VAL H 11 4.04 -34.71 14.50
C VAL H 11 4.73 -33.60 15.26
N VAL H 12 5.90 -33.19 14.78
CA VAL H 12 6.58 -31.99 15.25
C VAL H 12 6.80 -31.10 14.02
N ALA H 13 6.22 -29.90 14.05
N ALA H 13 6.21 -29.91 14.04
CA ALA H 13 6.22 -29.03 12.88
CA ALA H 13 6.19 -29.02 12.89
C ALA H 13 6.66 -27.63 13.26
C ALA H 13 6.83 -27.68 13.24
N LYS H 14 7.18 -26.91 12.27
N LYS H 14 7.51 -27.10 12.25
CA LYS H 14 7.59 -25.52 12.41
CA LYS H 14 8.21 -25.84 12.42
C LYS H 14 6.59 -24.64 11.68
C LYS H 14 7.23 -24.67 12.35
N TRP H 15 6.08 -23.63 12.38
N TRP H 15 7.64 -23.55 12.96
CA TRP H 15 5.07 -22.72 11.83
CA TRP H 15 6.84 -22.32 12.91
C TRP H 15 5.60 -21.31 11.60
C TRP H 15 6.81 -21.70 11.52
N SER H 16 6.59 -20.87 12.36
N SER H 16 7.67 -22.13 10.61
CA SER H 16 7.12 -19.51 12.26
CA SER H 16 7.72 -21.56 9.26
C SER H 16 8.26 -19.47 11.25
C SER H 16 8.22 -20.13 9.30
N SER H 17 8.78 -18.26 11.02
N SER H 17 7.49 -19.25 9.97
CA SER H 17 9.87 -18.10 10.06
CA SER H 17 7.87 -17.84 10.09
C SER H 17 11.18 -18.63 10.63
C SER H 17 9.26 -17.71 10.70
N ASN H 18 11.50 -18.26 11.87
N ASN H 18 9.39 -18.03 11.99
CA ASN H 18 12.71 -18.71 12.54
CA ASN H 18 10.67 -17.91 12.67
C ASN H 18 12.42 -19.49 13.81
C ASN H 18 10.62 -18.57 14.05
N GLY H 19 11.19 -19.92 14.02
N GLY H 19 10.95 -19.85 14.11
CA GLY H 19 10.82 -20.63 15.22
CA GLY H 19 10.93 -20.55 15.38
C GLY H 19 11.38 -22.05 15.24
C GLY H 19 11.44 -21.98 15.33
N TYR H 20 10.91 -22.81 16.22
CA TYR H 20 11.34 -24.19 16.41
C TYR H 20 10.29 -25.15 15.85
N PHE H 21 10.56 -26.44 15.98
CA PHE H 21 9.58 -27.47 15.70
C PHE H 21 8.86 -27.84 16.99
N TYR H 22 7.53 -27.77 16.97
CA TYR H 22 6.72 -27.98 18.15
C TYR H 22 5.80 -29.18 17.97
N SER H 23 5.50 -29.84 19.09
CA SER H 23 4.63 -31.02 19.07
C SER H 23 3.21 -30.63 18.68
N GLY H 24 2.67 -31.35 17.70
CA GLY H 24 1.34 -31.06 17.20
C GLY H 24 0.66 -32.25 16.57
N LYS H 25 -0.45 -32.01 15.88
CA LYS H 25 -1.27 -33.08 15.33
C LYS H 25 -1.92 -32.61 14.03
N ILE H 26 -1.73 -33.38 12.95
CA ILE H 26 -2.36 -33.04 11.68
C ILE H 26 -3.86 -33.32 11.77
N THR H 27 -4.66 -32.37 11.30
CA THR H 27 -6.11 -32.48 11.38
CA THR H 27 -6.11 -32.47 11.38
C THR H 27 -6.83 -32.37 10.03
N ARG H 28 -6.12 -32.01 8.96
CA ARG H 28 -6.75 -31.89 7.65
C ARG H 28 -5.68 -31.60 6.61
N ASP H 29 -6.06 -31.78 5.35
CA ASP H 29 -5.20 -31.51 4.20
C ASP H 29 -5.76 -30.29 3.48
N VAL H 30 -5.13 -29.12 3.69
CA VAL H 30 -5.59 -27.89 3.06
C VAL H 30 -5.09 -27.72 1.64
N GLY H 31 -4.33 -28.69 1.12
CA GLY H 31 -3.82 -28.58 -0.23
C GLY H 31 -2.63 -27.64 -0.32
N ALA H 32 -2.22 -27.37 -1.55
CA ALA H 32 -1.09 -26.49 -1.84
C ALA H 32 0.18 -26.94 -1.12
N GLY H 33 0.27 -28.24 -0.83
CA GLY H 33 1.40 -28.77 -0.11
C GLY H 33 1.40 -28.47 1.38
N LYS H 34 0.37 -27.85 1.91
CA LYS H 34 0.27 -27.50 3.31
C LYS H 34 -0.70 -28.43 4.02
N TYR H 35 -0.72 -28.32 5.35
CA TYR H 35 -1.59 -29.14 6.18
C TYR H 35 -2.12 -28.31 7.34
N LYS H 36 -3.38 -28.57 7.71
CA LYS H 36 -3.93 -28.01 8.94
C LYS H 36 -3.32 -28.75 10.13
N LEU H 37 -2.67 -28.01 11.02
N LEU H 37 -2.66 -28.01 11.00
CA LEU H 37 -1.93 -28.60 12.13
CA LEU H 37 -1.92 -28.58 12.12
C LEU H 37 -2.39 -27.98 13.43
C LEU H 37 -2.42 -27.97 13.43
N LEU H 38 -2.63 -28.83 14.43
CA LEU H 38 -3.08 -28.40 15.76
C LEU H 38 -1.97 -28.70 16.76
N PHE H 39 -1.34 -27.65 17.27
CA PHE H 39 -0.30 -27.82 18.27
C PHE H 39 -0.91 -28.15 19.63
N ASP H 40 -0.08 -28.70 20.52
CA ASP H 40 -0.57 -29.19 21.80
C ASP H 40 -1.13 -28.08 22.67
N ASP H 41 -0.79 -26.82 22.40
CA ASP H 41 -1.29 -25.71 23.19
C ASP H 41 -2.65 -25.20 22.71
N GLY H 42 -3.23 -25.82 21.68
CA GLY H 42 -4.54 -25.46 21.20
C GLY H 42 -4.55 -24.57 19.97
N TYR H 43 -3.39 -24.09 19.53
CA TYR H 43 -3.33 -23.22 18.35
C TYR H 43 -3.34 -24.07 17.08
N GLU H 44 -4.18 -23.67 16.13
CA GLU H 44 -4.37 -24.41 14.88
C GLU H 44 -4.09 -23.47 13.70
N CYS H 45 -3.29 -23.94 12.75
CA CYS H 45 -2.95 -23.14 11.58
C CYS H 45 -2.41 -24.06 10.49
N ASP H 46 -2.16 -23.48 9.32
CA ASP H 46 -1.62 -24.20 8.18
C ASP H 46 -0.10 -24.16 8.20
N VAL H 47 0.52 -25.25 7.76
CA VAL H 47 1.98 -25.37 7.73
C VAL H 47 2.37 -26.15 6.49
N LEU H 48 3.47 -25.72 5.85
CA LEU H 48 3.95 -26.40 4.66
C LEU H 48 4.48 -27.79 5.02
N GLY H 49 4.22 -28.76 4.13
CA GLY H 49 4.63 -30.12 4.39
C GLY H 49 6.11 -30.26 4.65
N LYS H 50 6.93 -29.46 3.99
CA LYS H 50 8.38 -29.53 4.18
C LYS H 50 8.79 -29.16 5.61
N ASP H 51 7.91 -28.50 6.36
CA ASP H 51 8.20 -28.07 7.71
C ASP H 51 7.57 -28.99 8.76
N ILE H 52 7.15 -30.18 8.37
CA ILE H 52 6.51 -31.13 9.27
C ILE H 52 7.35 -32.39 9.34
N LEU H 53 7.62 -32.84 10.57
CA LEU H 53 8.37 -34.07 10.81
C LEU H 53 7.40 -35.13 11.32
N LEU H 54 7.17 -36.16 10.51
CA LEU H 54 6.21 -37.22 10.86
C LEU H 54 6.91 -38.25 11.74
N CYS H 55 7.07 -37.90 13.01
CA CYS H 55 7.65 -38.80 13.99
C CYS H 55 6.89 -38.70 15.29
N ASP H 56 6.44 -39.84 15.80
CA ASP H 56 5.69 -39.91 17.05
C ASP H 56 6.00 -41.25 17.70
N PRO H 57 6.85 -41.27 18.74
CA PRO H 57 7.53 -40.14 19.38
C PRO H 57 8.77 -39.68 18.62
N ILE H 58 9.44 -38.66 19.14
CA ILE H 58 10.74 -38.28 18.59
C ILE H 58 11.71 -39.45 18.78
N PRO H 59 12.47 -39.85 17.76
CA PRO H 59 13.29 -41.06 17.88
C PRO H 59 14.29 -40.98 19.01
N LEU H 60 14.67 -42.15 19.51
CA LEU H 60 15.72 -42.23 20.52
C LEU H 60 17.04 -41.72 19.95
N ASP H 61 17.87 -41.18 20.84
CA ASP H 61 19.19 -40.64 20.50
C ASP H 61 19.10 -39.36 19.67
N THR H 62 17.94 -38.73 19.62
CA THR H 62 17.78 -37.46 18.92
C THR H 62 18.15 -36.31 19.84
N GLU H 63 18.95 -35.38 19.33
CA GLU H 63 19.26 -34.17 20.07
C GLU H 63 18.06 -33.23 20.00
N VAL H 64 17.57 -32.81 21.16
CA VAL H 64 16.37 -32.00 21.26
C VAL H 64 16.63 -30.83 22.20
N THR H 65 15.62 -29.96 22.34
CA THR H 65 15.64 -28.87 23.28
C THR H 65 14.52 -29.10 24.28
N ALA H 66 14.86 -29.11 25.57
CA ALA H 66 13.92 -29.41 26.64
C ALA H 66 13.54 -28.11 27.35
N LEU H 67 12.25 -27.80 27.35
CA LEU H 67 11.76 -26.55 27.92
C LEU H 67 11.54 -26.66 29.42
N SER H 68 11.97 -25.64 30.14
CA SER H 68 11.64 -25.49 31.55
CA SER H 68 11.68 -25.49 31.56
C SER H 68 11.56 -24.00 31.85
N GLU H 69 10.99 -23.68 33.01
CA GLU H 69 10.78 -22.28 33.35
C GLU H 69 12.07 -21.48 33.21
N ASP H 70 12.01 -20.42 32.41
CA ASP H 70 13.15 -19.55 32.14
C ASP H 70 14.26 -20.25 31.37
N GLU H 71 13.95 -21.36 30.71
CA GLU H 71 14.91 -22.10 29.89
C GLU H 71 14.33 -22.27 28.50
N TYR H 72 15.06 -21.78 27.50
CA TYR H 72 14.60 -21.85 26.11
C TYR H 72 15.57 -22.52 25.16
N PHE H 73 16.83 -22.75 25.57
CA PHE H 73 17.83 -23.30 24.67
C PHE H 73 18.60 -24.46 25.29
N SER H 74 18.02 -25.13 26.28
CA SER H 74 18.69 -26.26 26.93
C SER H 74 18.64 -27.47 26.02
N ALA H 75 19.81 -27.93 25.58
CA ALA H 75 19.89 -29.07 24.66
C ALA H 75 20.03 -30.38 25.44
N GLY H 76 19.53 -31.45 24.82
CA GLY H 76 19.60 -32.77 25.42
C GLY H 76 19.36 -33.83 24.38
N VAL H 77 19.60 -35.08 24.78
CA VAL H 77 19.47 -36.24 23.89
C VAL H 77 18.39 -37.15 24.43
N VAL H 78 17.49 -37.58 23.55
CA VAL H 78 16.42 -38.49 23.97
C VAL H 78 17.00 -39.87 24.20
N LYS H 79 16.74 -40.43 25.38
CA LYS H 79 17.23 -41.75 25.73
C LYS H 79 16.14 -42.70 26.20
N GLY H 80 14.90 -42.24 26.33
CA GLY H 80 13.83 -43.11 26.79
C GLY H 80 12.46 -42.57 26.47
N HIS H 81 11.50 -43.48 26.43
CA HIS H 81 10.09 -43.15 26.25
C HIS H 81 9.30 -43.84 27.35
N ARG H 82 8.24 -43.18 27.82
CA ARG H 82 7.41 -43.74 28.88
C ARG H 82 6.00 -43.19 28.74
N LYS H 83 5.03 -44.09 28.69
CA LYS H 83 3.63 -43.72 28.56
C LYS H 83 2.92 -44.03 29.88
N GLU H 84 2.35 -43.01 30.50
CA GLU H 84 1.68 -43.17 31.79
C GLU H 84 0.36 -42.41 31.75
N SER H 85 -0.74 -43.13 31.99
CA SER H 85 -2.08 -42.53 32.00
C SER H 85 -2.39 -41.84 30.68
N GLY H 86 -1.96 -42.45 29.58
CA GLY H 86 -2.22 -41.90 28.27
C GLY H 86 -1.42 -40.67 27.92
N GLU H 87 -0.27 -40.46 28.56
CA GLU H 87 0.57 -39.31 28.32
C GLU H 87 2.01 -39.76 28.08
N LEU H 88 2.64 -39.22 27.05
CA LEU H 88 4.01 -39.57 26.70
C LEU H 88 4.98 -38.71 27.51
N TYR H 89 6.04 -39.35 28.00
CA TYR H 89 7.11 -38.68 28.71
C TYR H 89 8.44 -38.99 28.02
N TYR H 90 9.28 -37.97 27.89
CA TYR H 90 10.60 -38.12 27.30
C TYR H 90 11.66 -38.12 28.41
N SER H 91 12.53 -39.12 28.38
CA SER H 91 13.72 -39.12 29.24
C SER H 91 14.83 -38.42 28.47
N ILE H 92 15.18 -37.21 28.91
CA ILE H 92 16.19 -36.38 28.25
C ILE H 92 17.47 -36.45 29.06
N GLU H 93 18.59 -36.74 28.38
CA GLU H 93 19.88 -36.81 29.03
C GLU H 93 20.67 -35.53 28.76
N LYS H 94 21.28 -34.99 29.81
CA LYS H 94 22.14 -33.81 29.67
C LYS H 94 23.22 -33.89 30.73
N GLU H 95 24.48 -33.87 30.30
CA GLU H 95 25.62 -33.89 31.21
C GLU H 95 25.56 -35.10 32.14
N GLY H 96 25.40 -36.28 31.53
CA GLY H 96 25.39 -37.52 32.28
C GLY H 96 24.24 -37.69 33.24
N GLN H 97 23.19 -36.87 33.13
N GLN H 97 23.19 -36.87 33.13
CA GLN H 97 22.02 -36.96 33.99
CA GLN H 97 22.02 -36.95 33.99
C GLN H 97 20.77 -36.98 33.13
C GLN H 97 20.78 -36.98 33.12
N ARG H 98 19.77 -37.74 33.56
CA ARG H 98 18.51 -37.89 32.84
C ARG H 98 17.36 -37.34 33.67
N LYS H 99 16.46 -36.62 33.01
CA LYS H 99 15.27 -36.08 33.65
C LYS H 99 14.07 -36.29 32.73
N TRP H 100 12.89 -36.34 33.33
CA TRP H 100 11.66 -36.59 32.58
C TRP H 100 11.00 -35.29 32.18
N TYR H 101 10.54 -35.23 30.93
CA TYR H 101 9.80 -34.10 30.40
C TYR H 101 8.56 -34.59 29.70
N LYS H 102 7.46 -33.86 29.83
N LYS H 102 7.46 -33.87 29.85
CA LYS H 102 6.26 -34.18 29.08
CA LYS H 102 6.26 -34.19 29.09
C LYS H 102 6.46 -33.83 27.61
C LYS H 102 6.49 -33.86 27.61
N ARG H 103 5.76 -34.56 26.74
CA ARG H 103 5.92 -34.40 25.30
CA ARG H 103 5.98 -34.39 25.32
C ARG H 103 5.83 -32.94 24.90
N MET H 104 4.90 -32.20 25.50
CA MET H 104 4.68 -30.82 25.13
C MET H 104 5.93 -29.95 25.34
N ALA H 105 6.83 -30.35 26.24
CA ALA H 105 7.99 -29.53 26.58
C ALA H 105 9.20 -29.82 25.72
N VAL H 106 9.15 -30.84 24.85
CA VAL H 106 10.29 -31.24 24.05
C VAL H 106 10.12 -30.67 22.65
N ILE H 107 11.06 -29.82 22.23
CA ILE H 107 11.01 -29.15 20.94
C ILE H 107 12.36 -29.32 20.26
N LEU H 108 12.43 -28.87 19.01
CA LEU H 108 13.63 -28.99 18.20
C LEU H 108 13.97 -27.65 17.57
N SER H 109 15.24 -27.27 17.65
CA SER H 109 15.71 -26.11 16.93
C SER H 109 15.82 -26.43 15.44
N LEU H 110 16.05 -25.38 14.65
CA LEU H 110 16.20 -25.58 13.20
C LEU H 110 17.31 -26.57 12.90
N GLU H 111 18.48 -26.38 13.53
CA GLU H 111 19.58 -27.31 13.34
C GLU H 111 19.21 -28.71 13.79
N GLN H 112 18.50 -28.83 14.93
CA GLN H 112 18.10 -30.13 15.42
C GLN H 112 17.04 -30.77 14.52
N GLY H 113 16.13 -29.96 13.99
CA GLY H 113 15.08 -30.50 13.14
C GLY H 113 15.59 -30.95 11.79
N ASN H 114 16.59 -30.25 11.24
CA ASN H 114 17.11 -30.63 9.94
C ASN H 114 17.70 -32.03 9.95
N ARG H 115 18.27 -32.46 11.07
CA ARG H 115 18.86 -33.79 11.15
C ARG H 115 17.82 -34.88 10.91
N LEU H 116 16.54 -34.58 11.10
CA LEU H 116 15.46 -35.54 10.87
C LEU H 116 14.67 -35.25 9.61
N ARG H 117 14.88 -34.10 8.97
CA ARG H 117 14.07 -33.71 7.83
C ARG H 117 14.19 -34.72 6.69
N GLU H 118 15.39 -35.25 6.46
N GLU H 118 15.39 -35.25 6.46
CA GLU H 118 15.59 -36.18 5.35
CA GLU H 118 15.59 -36.18 5.35
C GLU H 118 14.78 -37.45 5.54
C GLU H 118 14.78 -37.45 5.54
N GLN H 119 14.67 -37.92 6.78
CA GLN H 119 13.99 -39.19 7.05
C GLN H 119 12.50 -39.00 7.33
N TYR H 120 12.12 -37.95 8.06
CA TYR H 120 10.74 -37.78 8.50
C TYR H 120 10.04 -36.59 7.88
N GLY H 121 10.72 -35.81 7.04
CA GLY H 121 10.08 -34.67 6.41
C GLY H 121 8.85 -35.10 5.62
N LEU H 122 7.91 -34.16 5.48
CA LEU H 122 6.68 -34.42 4.76
C LEU H 122 5.93 -35.60 5.36
N ASN I 4 -27.12 6.98 -3.65
CA ASN I 4 -27.19 7.68 -2.37
C ASN I 4 -27.18 6.68 -1.21
N SER I 5 -28.25 5.90 -1.11
CA SER I 5 -28.37 4.90 -0.06
C SER I 5 -27.90 3.54 -0.56
N PHE I 6 -27.13 2.84 0.28
CA PHE I 6 -26.61 1.53 -0.08
C PHE I 6 -27.63 0.42 0.13
N VAL I 7 -28.86 0.75 0.53
CA VAL I 7 -29.87 -0.28 0.78
C VAL I 7 -30.21 -0.97 -0.53
N GLY I 8 -30.24 -2.31 -0.49
CA GLY I 8 -30.55 -3.10 -1.67
C GLY I 8 -29.35 -3.50 -2.50
N LEU I 9 -28.17 -2.95 -2.21
CA LEU I 9 -26.97 -3.28 -2.99
C LEU I 9 -26.33 -4.56 -2.47
N ARG I 10 -25.80 -5.36 -3.38
CA ARG I 10 -25.09 -6.57 -3.01
C ARG I 10 -23.64 -6.26 -2.69
N VAL I 11 -23.09 -7.01 -1.73
CA VAL I 11 -21.75 -6.76 -1.23
C VAL I 11 -21.09 -8.07 -0.81
N VAL I 12 -19.83 -7.98 -0.38
CA VAL I 12 -19.11 -9.10 0.23
C VAL I 12 -18.64 -8.60 1.59
N ALA I 13 -19.17 -9.18 2.66
CA ALA I 13 -19.02 -8.63 4.00
C ALA I 13 -18.38 -9.66 4.92
N LYS I 14 -17.52 -9.16 5.82
CA LYS I 14 -16.96 -9.95 6.91
C LYS I 14 -17.72 -9.60 8.18
N TRP I 15 -18.44 -10.58 8.74
CA TRP I 15 -19.27 -10.35 9.91
C TRP I 15 -18.61 -10.74 11.22
N SER I 16 -17.68 -11.69 11.21
CA SER I 16 -17.05 -12.21 12.41
C SER I 16 -15.57 -11.87 12.41
N SER I 17 -14.94 -12.10 13.56
CA SER I 17 -13.53 -11.79 13.74
C SER I 17 -12.66 -12.78 12.99
N ASN I 18 -11.68 -12.27 12.25
CA ASN I 18 -10.75 -13.09 11.47
C ASN I 18 -11.50 -14.08 10.59
N GLY I 19 -12.70 -13.71 10.16
CA GLY I 19 -13.50 -14.53 9.29
C GLY I 19 -13.37 -14.13 7.82
N TYR I 20 -14.03 -14.91 6.97
CA TYR I 20 -14.04 -14.63 5.55
C TYR I 20 -15.03 -13.51 5.23
N PHE I 21 -14.97 -13.03 4.00
CA PHE I 21 -15.98 -12.15 3.45
C PHE I 21 -16.96 -12.98 2.64
N TYR I 22 -18.25 -12.78 2.87
CA TYR I 22 -19.29 -13.61 2.28
C TYR I 22 -20.25 -12.76 1.46
N SER I 23 -20.75 -13.35 0.38
CA SER I 23 -21.72 -12.67 -0.47
C SER I 23 -22.98 -12.34 0.32
N GLY I 24 -23.38 -11.08 0.27
CA GLY I 24 -24.57 -10.64 0.98
C GLY I 24 -25.24 -9.45 0.34
N LYS I 25 -26.10 -8.77 1.09
CA LYS I 25 -26.88 -7.66 0.58
C LYS I 25 -27.24 -6.74 1.74
N ILE I 26 -27.07 -5.44 1.55
CA ILE I 26 -27.42 -4.46 2.58
C ILE I 26 -28.93 -4.29 2.60
N THR I 27 -29.52 -4.35 3.80
CA THR I 27 -30.97 -4.24 3.95
C THR I 27 -31.42 -3.02 4.73
N ARG I 28 -30.53 -2.36 5.47
CA ARG I 28 -30.91 -1.16 6.20
C ARG I 28 -29.66 -0.47 6.72
N ASP I 29 -29.73 0.85 6.82
CA ASP I 29 -28.65 1.64 7.39
C ASP I 29 -28.93 1.87 8.87
N VAL I 30 -28.03 1.35 9.72
N VAL I 30 -28.03 1.35 9.72
CA VAL I 30 -28.15 1.52 11.16
CA VAL I 30 -28.12 1.51 11.16
C VAL I 30 -27.03 2.44 11.63
C VAL I 30 -27.05 2.50 11.60
N GLY I 31 -27.26 3.07 12.78
CA GLY I 31 -26.32 4.03 13.32
C GLY I 31 -24.97 3.41 13.66
N ALA I 32 -24.10 4.22 14.25
CA ALA I 32 -22.78 3.79 14.70
C ALA I 32 -21.94 3.21 13.55
N GLY I 33 -22.23 3.66 12.32
CA GLY I 33 -21.50 3.19 11.16
C GLY I 33 -21.76 1.76 10.78
N LYS I 34 -22.66 1.06 11.46
CA LYS I 34 -22.98 -0.32 11.12
C LYS I 34 -24.01 -0.37 10.00
N TYR I 35 -24.10 -1.54 9.37
CA TYR I 35 -25.09 -1.81 8.34
C TYR I 35 -25.70 -3.17 8.59
N LYS I 36 -27.03 -3.25 8.51
CA LYS I 36 -27.72 -4.53 8.59
C LYS I 36 -27.71 -5.17 7.21
N LEU I 37 -27.05 -6.32 7.09
CA LEU I 37 -26.96 -7.00 5.80
CA LEU I 37 -26.89 -7.02 5.83
C LEU I 37 -27.46 -8.43 5.93
N LEU I 38 -27.98 -8.93 4.82
CA LEU I 38 -28.53 -10.27 4.72
C LEU I 38 -27.59 -11.12 3.86
N PHE I 39 -27.00 -12.13 4.46
CA PHE I 39 -26.13 -13.05 3.72
C PHE I 39 -26.98 -13.99 2.87
N ASP I 40 -26.38 -14.45 1.77
CA ASP I 40 -27.11 -15.27 0.81
C ASP I 40 -27.65 -16.55 1.43
N ASP I 41 -27.11 -17.00 2.55
CA ASP I 41 -27.61 -18.20 3.21
C ASP I 41 -28.77 -17.92 4.14
N GLY I 42 -29.23 -16.67 4.22
CA GLY I 42 -30.38 -16.32 5.02
C GLY I 42 -30.08 -15.67 6.36
N TYR I 43 -28.82 -15.71 6.81
CA TYR I 43 -28.48 -15.10 8.09
C TYR I 43 -28.32 -13.59 7.94
N GLU I 44 -28.89 -12.85 8.89
CA GLU I 44 -28.91 -11.40 8.86
C GLU I 44 -28.39 -10.85 10.18
N CYS I 45 -27.50 -9.87 10.12
CA CYS I 45 -26.96 -9.24 11.32
C CYS I 45 -26.33 -7.92 10.91
N ASP I 46 -25.87 -7.16 11.91
CA ASP I 46 -25.21 -5.89 11.69
C ASP I 46 -23.71 -6.11 11.48
N VAL I 47 -23.13 -5.27 10.63
CA VAL I 47 -21.72 -5.38 10.26
C VAL I 47 -21.14 -3.98 10.13
N LEU I 48 -19.89 -3.82 10.54
CA LEU I 48 -19.20 -2.54 10.41
C LEU I 48 -19.00 -2.19 8.95
N GLY I 49 -19.13 -0.89 8.63
CA GLY I 49 -18.95 -0.46 7.27
C GLY I 49 -17.59 -0.83 6.70
N LYS I 50 -16.55 -0.74 7.52
CA LYS I 50 -15.21 -1.05 7.04
C LYS I 50 -15.05 -2.53 6.71
N ASP I 51 -15.93 -3.38 7.21
CA ASP I 51 -15.90 -4.81 6.91
C ASP I 51 -16.83 -5.19 5.76
N ILE I 52 -17.24 -4.22 4.95
CA ILE I 52 -18.13 -4.46 3.82
C ILE I 52 -17.41 -4.02 2.56
N LEU I 53 -17.45 -4.85 1.53
CA LEU I 53 -16.86 -4.56 0.23
C LEU I 53 -17.99 -4.40 -0.78
N LEU I 54 -18.09 -3.22 -1.39
CA LEU I 54 -19.13 -2.94 -2.37
C LEU I 54 -18.70 -3.52 -3.72
N CYS I 55 -18.73 -4.85 -3.78
CA CYS I 55 -18.35 -5.60 -4.97
C CYS I 55 -19.51 -6.42 -5.51
N ASP I 56 -20.04 -6.02 -6.66
CA ASP I 56 -21.07 -6.79 -7.35
C ASP I 56 -20.81 -6.57 -8.83
N PRO I 57 -20.11 -7.50 -9.51
CA PRO I 57 -19.58 -8.77 -9.02
C PRO I 57 -18.17 -8.52 -8.49
N ILE I 58 -17.56 -9.56 -7.93
CA ILE I 58 -16.14 -9.47 -7.58
C ILE I 58 -15.33 -9.25 -8.85
N PRO I 59 -14.40 -8.28 -8.89
CA PRO I 59 -13.75 -7.94 -10.16
C PRO I 59 -12.99 -9.12 -10.76
N LEU I 60 -12.80 -9.04 -12.07
CA LEU I 60 -11.94 -10.00 -12.77
C LEU I 60 -10.51 -9.91 -12.24
N ASP I 61 -9.79 -11.02 -12.35
CA ASP I 61 -8.40 -11.14 -11.92
C ASP I 61 -8.24 -11.05 -10.41
N THR I 62 -9.33 -11.08 -9.65
CA THR I 62 -9.24 -11.08 -8.19
C THR I 62 -8.91 -12.48 -7.70
N GLU I 63 -8.02 -12.56 -6.72
CA GLU I 63 -7.74 -13.82 -6.04
C GLU I 63 -8.81 -14.05 -4.99
N VAL I 64 -9.50 -15.19 -5.07
CA VAL I 64 -10.63 -15.50 -4.22
C VAL I 64 -10.47 -16.91 -3.68
N THR I 65 -11.46 -17.34 -2.90
CA THR I 65 -11.52 -18.68 -2.34
C THR I 65 -12.82 -19.33 -2.81
N ALA I 66 -12.71 -20.31 -3.71
CA ALA I 66 -13.86 -20.95 -4.31
C ALA I 66 -14.23 -22.19 -3.51
N LEU I 67 -15.44 -22.19 -2.95
CA LEU I 67 -15.90 -23.29 -2.11
C LEU I 67 -16.32 -24.48 -2.96
N SER I 68 -15.98 -25.67 -2.48
CA SER I 68 -16.40 -26.92 -3.12
C SER I 68 -16.17 -28.05 -2.14
N GLU I 69 -16.80 -29.19 -2.42
CA GLU I 69 -16.66 -30.35 -1.54
C GLU I 69 -15.37 -31.12 -1.81
N ASP I 70 -14.90 -31.16 -3.05
CA ASP I 70 -13.69 -31.88 -3.40
C ASP I 70 -12.42 -31.10 -3.11
N GLU I 71 -12.53 -29.83 -2.69
N GLU I 71 -12.53 -29.84 -2.70
CA GLU I 71 -11.37 -29.02 -2.34
CA GLU I 71 -11.38 -29.01 -2.34
C GLU I 71 -11.64 -28.29 -1.04
C GLU I 71 -11.65 -28.33 -1.01
N TYR I 72 -10.59 -28.15 -0.23
CA TYR I 72 -10.71 -27.54 1.10
C TYR I 72 -10.30 -26.07 1.01
N PHE I 73 -11.26 -25.24 0.60
CA PHE I 73 -11.09 -23.79 0.56
C PHE I 73 -9.82 -23.40 -0.18
N SER I 74 -9.79 -23.77 -1.46
CA SER I 74 -8.62 -23.52 -2.30
C SER I 74 -8.73 -22.16 -2.97
N ALA I 75 -7.56 -21.57 -3.24
CA ALA I 75 -7.50 -20.26 -3.86
C ALA I 75 -7.61 -20.36 -5.37
N GLY I 76 -8.11 -19.29 -5.98
CA GLY I 76 -8.24 -19.22 -7.42
C GLY I 76 -8.30 -17.78 -7.87
N VAL I 77 -8.28 -17.59 -9.18
CA VAL I 77 -8.34 -16.28 -9.80
C VAL I 77 -9.60 -16.20 -10.64
N VAL I 78 -10.38 -15.13 -10.44
CA VAL I 78 -11.58 -14.90 -11.23
C VAL I 78 -11.17 -14.61 -12.67
N LYS I 79 -11.71 -15.38 -13.61
CA LYS I 79 -11.41 -15.19 -15.02
C LYS I 79 -12.65 -14.95 -15.88
N GLY I 80 -13.86 -15.08 -15.33
CA GLY I 80 -15.06 -14.86 -16.10
C GLY I 80 -16.27 -14.68 -15.22
N HIS I 81 -17.24 -13.93 -15.74
CA HIS I 81 -18.55 -13.78 -15.15
C HIS I 81 -19.60 -14.22 -16.17
N ARG I 82 -20.68 -14.81 -15.67
CA ARG I 82 -21.75 -15.27 -16.56
C ARG I 82 -23.09 -15.14 -15.86
N LYS I 83 -24.04 -14.48 -16.51
CA LYS I 83 -25.42 -14.43 -16.07
C LYS I 83 -26.22 -15.53 -16.76
N GLU I 84 -27.08 -16.19 -15.98
N GLU I 84 -27.07 -16.19 -15.98
CA GLU I 84 -27.90 -17.27 -16.51
CA GLU I 84 -27.90 -17.27 -16.51
C GLU I 84 -29.16 -17.37 -15.65
C GLU I 84 -29.16 -17.37 -15.65
N SER I 85 -30.30 -16.99 -16.22
CA SER I 85 -31.58 -17.07 -15.51
C SER I 85 -31.54 -16.24 -14.23
N GLY I 86 -31.02 -15.02 -14.34
CA GLY I 86 -30.97 -14.12 -13.21
C GLY I 86 -29.96 -14.49 -12.14
N GLU I 87 -29.10 -15.47 -12.39
CA GLU I 87 -28.09 -15.90 -11.43
C GLU I 87 -26.70 -15.64 -11.97
N LEU I 88 -25.80 -15.22 -11.10
N LEU I 88 -25.80 -15.24 -11.08
CA LEU I 88 -24.42 -14.97 -11.50
CA LEU I 88 -24.41 -14.95 -11.45
C LEU I 88 -23.56 -16.20 -11.27
C LEU I 88 -23.53 -16.18 -11.23
N TYR I 89 -22.59 -16.38 -12.15
CA TYR I 89 -21.63 -17.48 -12.06
C TYR I 89 -20.22 -16.92 -12.23
N TYR I 90 -19.28 -17.45 -11.46
CA TYR I 90 -17.88 -17.06 -11.54
C TYR I 90 -17.07 -18.17 -12.20
N SER I 91 -16.16 -17.78 -13.09
CA SER I 91 -15.21 -18.70 -13.69
C SER I 91 -13.89 -18.55 -12.97
N ILE I 92 -13.53 -19.56 -12.17
CA ILE I 92 -12.34 -19.53 -11.32
C ILE I 92 -11.29 -20.47 -11.90
N GLU I 93 -10.07 -19.97 -12.08
N GLU I 93 -10.08 -19.97 -12.07
CA GLU I 93 -8.99 -20.76 -12.64
CA GLU I 93 -8.98 -20.74 -12.63
C GLU I 93 -8.09 -21.24 -11.51
C GLU I 93 -8.10 -21.25 -11.49
N LYS I 94 -7.88 -22.56 -11.46
CA LYS I 94 -7.04 -23.18 -10.43
C LYS I 94 -6.18 -24.24 -11.10
N GLU I 95 -4.86 -24.09 -10.99
CA GLU I 95 -3.92 -25.04 -11.59
C GLU I 95 -4.08 -25.09 -13.11
N GLY I 96 -4.39 -23.94 -13.71
CA GLY I 96 -4.53 -23.85 -15.14
C GLY I 96 -5.84 -24.35 -15.71
N GLN I 97 -6.76 -24.80 -14.86
CA GLN I 97 -8.08 -25.24 -15.29
C GLN I 97 -9.15 -24.34 -14.69
N ARG I 98 -10.22 -24.10 -15.45
CA ARG I 98 -11.29 -23.22 -15.03
C ARG I 98 -12.55 -24.01 -14.73
N LYS I 99 -13.24 -23.63 -13.65
CA LYS I 99 -14.49 -24.25 -13.26
C LYS I 99 -15.49 -23.18 -12.86
N TRP I 100 -16.77 -23.51 -13.01
CA TRP I 100 -17.84 -22.56 -12.73
C TRP I 100 -18.33 -22.72 -11.29
N TYR I 101 -18.55 -21.58 -10.64
CA TYR I 101 -19.07 -21.54 -9.27
C TYR I 101 -20.20 -20.53 -9.17
N LYS I 102 -21.21 -20.84 -8.38
N LYS I 102 -21.20 -20.85 -8.37
CA LYS I 102 -22.30 -19.90 -8.17
CA LYS I 102 -22.26 -19.90 -8.07
C LYS I 102 -21.85 -18.75 -7.29
C LYS I 102 -21.71 -18.71 -7.29
N ARG I 103 -22.61 -17.65 -7.37
N ARG I 103 -22.46 -17.61 -7.35
CA ARG I 103 -22.32 -16.47 -6.57
CA ARG I 103 -22.09 -16.42 -6.57
C ARG I 103 -22.02 -16.84 -5.12
C ARG I 103 -21.86 -16.77 -5.11
N MET I 104 -22.83 -17.73 -4.54
N MET I 104 -22.75 -17.57 -4.53
CA MET I 104 -22.76 -18.01 -3.12
CA MET I 104 -22.66 -17.89 -3.11
C MET I 104 -21.50 -18.76 -2.73
C MET I 104 -21.35 -18.59 -2.77
N ALA I 105 -20.83 -19.42 -3.68
CA ALA I 105 -19.68 -20.26 -3.37
C ALA I 105 -18.35 -19.50 -3.44
N VAL I 106 -18.35 -18.23 -3.81
CA VAL I 106 -17.11 -17.46 -3.95
C VAL I 106 -16.98 -16.54 -2.75
N ILE I 107 -15.89 -16.71 -1.98
CA ILE I 107 -15.66 -15.94 -0.77
C ILE I 107 -14.23 -15.41 -0.81
N LEU I 108 -13.93 -14.53 0.14
CA LEU I 108 -12.62 -13.89 0.25
C LEU I 108 -12.08 -14.07 1.65
N SER I 109 -10.79 -14.39 1.74
CA SER I 109 -10.14 -14.44 3.04
C SER I 109 -9.77 -13.03 3.49
N LEU I 110 -9.28 -12.92 4.73
CA LEU I 110 -8.86 -11.63 5.24
C LEU I 110 -7.80 -11.02 4.34
N GLU I 111 -6.80 -11.80 3.95
N GLU I 111 -6.80 -11.81 3.95
CA GLU I 111 -5.76 -11.29 3.06
CA GLU I 111 -5.76 -11.30 3.05
C GLU I 111 -6.34 -10.95 1.69
C GLU I 111 -6.35 -10.95 1.69
N GLN I 112 -7.17 -11.85 1.13
CA GLN I 112 -7.77 -11.59 -0.17
C GLN I 112 -8.72 -10.40 -0.12
N GLY I 113 -9.46 -10.26 0.98
CA GLY I 113 -10.37 -9.13 1.11
C GLY I 113 -9.65 -7.82 1.32
N ASN I 114 -8.55 -7.84 2.08
CA ASN I 114 -7.81 -6.61 2.35
C ASN I 114 -7.32 -5.96 1.07
N ARG I 115 -7.08 -6.75 0.02
CA ARG I 115 -6.67 -6.20 -1.27
C ARG I 115 -7.78 -5.39 -1.94
N LEU I 116 -8.98 -5.36 -1.37
CA LEU I 116 -10.10 -4.63 -1.95
C LEU I 116 -10.65 -3.54 -1.04
N ARG I 117 -10.23 -3.47 0.22
CA ARG I 117 -10.76 -2.46 1.13
C ARG I 117 -10.56 -1.06 0.57
N GLU I 118 -9.35 -0.76 0.10
N GLU I 118 -9.35 -0.76 0.08
CA GLU I 118 -9.04 0.59 -0.36
CA GLU I 118 -9.04 0.59 -0.35
C GLU I 118 -9.98 1.05 -1.46
C GLU I 118 -9.98 1.05 -1.46
N GLN I 119 -10.27 0.17 -2.42
CA GLN I 119 -11.10 0.55 -3.56
C GLN I 119 -12.59 0.34 -3.33
N TYR I 120 -12.97 -0.69 -2.57
CA TYR I 120 -14.38 -1.05 -2.41
C TYR I 120 -14.88 -1.01 -0.97
N GLY I 121 -14.00 -0.77 0.00
CA GLY I 121 -14.44 -0.77 1.40
C GLY I 121 -15.35 0.41 1.71
N LEU I 122 -16.32 0.16 2.58
CA LEU I 122 -17.25 1.19 3.04
C LEU I 122 -16.84 1.80 4.37
N GLY I 123 -15.54 1.91 4.63
CA GLY I 123 -15.04 2.46 5.87
C GLY I 123 -15.34 3.94 6.01
N SER J 5 -15.21 -41.83 17.70
CA SER J 5 -16.11 -40.72 17.98
C SER J 5 -16.72 -40.17 16.70
N PHE J 6 -17.58 -39.17 16.84
CA PHE J 6 -18.25 -38.56 15.69
C PHE J 6 -17.37 -37.56 14.96
N VAL J 7 -16.13 -37.36 15.39
CA VAL J 7 -15.24 -36.41 14.73
C VAL J 7 -14.99 -36.86 13.30
N GLY J 8 -15.22 -35.96 12.35
CA GLY J 8 -15.02 -36.25 10.94
C GLY J 8 -16.29 -36.56 10.17
N LEU J 9 -17.42 -36.72 10.86
CA LEU J 9 -18.68 -37.02 10.20
C LEU J 9 -19.40 -35.73 9.81
N ARG J 10 -19.98 -35.72 8.62
CA ARG J 10 -20.78 -34.59 8.17
C ARG J 10 -22.13 -34.58 8.86
N VAL J 11 -22.63 -33.37 9.10
CA VAL J 11 -23.90 -33.21 9.82
C VAL J 11 -24.61 -31.95 9.31
N VAL J 12 -25.78 -31.66 9.87
CA VAL J 12 -26.55 -30.47 9.55
C VAL J 12 -26.94 -29.82 10.87
N ALA J 13 -26.37 -28.64 11.16
CA ALA J 13 -26.44 -28.03 12.46
C ALA J 13 -27.16 -26.69 12.42
N LYS J 14 -27.90 -26.40 13.49
CA LYS J 14 -28.76 -25.22 13.55
C LYS J 14 -27.96 -23.96 13.84
N TRP J 15 -28.50 -22.82 13.41
CA TRP J 15 -27.95 -21.51 13.66
C TRP J 15 -28.92 -20.76 14.58
N SER J 16 -28.46 -20.47 15.79
CA SER J 16 -29.24 -19.87 16.89
C SER J 16 -30.19 -18.78 16.41
N SER J 17 -29.64 -17.79 15.72
CA SER J 17 -30.32 -16.56 15.23
C SER J 17 -31.59 -16.79 14.42
N ASN J 18 -31.44 -17.34 13.21
CA ASN J 18 -32.55 -17.60 12.25
C ASN J 18 -33.16 -18.97 12.56
N GLY J 19 -32.37 -19.87 13.16
CA GLY J 19 -32.82 -21.21 13.48
C GLY J 19 -32.79 -22.20 12.34
N TYR J 20 -31.98 -21.96 11.31
CA TYR J 20 -31.86 -22.87 10.17
C TYR J 20 -30.69 -23.81 10.38
N PHE J 21 -30.85 -25.04 9.87
CA PHE J 21 -29.80 -26.05 9.92
C PHE J 21 -28.98 -25.97 8.62
N TYR J 22 -27.66 -25.98 8.75
CA TYR J 22 -26.76 -25.83 7.62
C TYR J 22 -25.78 -26.99 7.55
N SER J 23 -25.32 -27.28 6.33
CA SER J 23 -24.37 -28.37 6.12
C SER J 23 -23.03 -28.05 6.80
N GLY J 24 -22.48 -29.02 7.48
CA GLY J 24 -21.24 -28.84 8.19
C GLY J 24 -20.55 -30.15 8.48
N LYS J 25 -19.58 -30.11 9.39
CA LYS J 25 -18.79 -31.28 9.71
C LYS J 25 -18.23 -31.12 11.12
N ILE J 26 -18.40 -32.16 11.94
CA ILE J 26 -17.87 -32.13 13.30
C ILE J 26 -16.36 -32.33 13.25
N THR J 27 -15.62 -31.45 13.92
CA THR J 27 -14.17 -31.45 13.89
C THR J 27 -13.53 -31.79 15.22
N ARG J 28 -14.10 -31.31 16.33
CA ARG J 28 -13.51 -31.53 17.65
C ARG J 28 -14.62 -31.66 18.68
N ASP J 29 -14.43 -32.57 19.62
CA ASP J 29 -15.39 -32.78 20.71
C ASP J 29 -14.91 -31.97 21.91
N VAL J 30 -15.69 -30.94 22.27
CA VAL J 30 -15.29 -30.06 23.36
C VAL J 30 -15.71 -30.63 24.71
N GLY J 31 -16.81 -31.38 24.76
CA GLY J 31 -17.23 -31.96 26.02
C GLY J 31 -18.62 -32.56 25.92
N ALA J 32 -19.32 -32.58 27.05
CA ALA J 32 -20.63 -33.20 27.14
C ALA J 32 -21.66 -32.38 26.35
N GLY J 33 -22.21 -32.98 25.30
CA GLY J 33 -23.25 -32.33 24.53
C GLY J 33 -22.81 -31.07 23.82
N LYS J 34 -21.51 -30.89 23.61
N LYS J 34 -21.51 -30.88 23.62
CA LYS J 34 -20.99 -29.69 22.94
CA LYS J 34 -21.00 -29.69 22.93
C LYS J 34 -19.90 -30.12 21.98
C LYS J 34 -19.91 -30.13 21.97
N TYR J 35 -20.09 -29.81 20.69
CA TYR J 35 -19.15 -30.18 19.64
C TYR J 35 -18.71 -28.93 18.89
N LYS J 36 -17.45 -28.91 18.47
CA LYS J 36 -16.90 -27.83 17.65
C LYS J 36 -16.91 -28.31 16.21
N LEU J 37 -17.87 -27.81 15.43
CA LEU J 37 -18.06 -28.25 14.05
C LEU J 37 -17.75 -27.12 13.07
N LEU J 38 -17.41 -27.51 11.85
CA LEU J 38 -17.04 -26.59 10.79
C LEU J 38 -18.12 -26.63 9.72
N PHE J 39 -18.69 -25.47 9.40
CA PHE J 39 -19.66 -25.37 8.33
C PHE J 39 -18.96 -25.29 6.98
N ASP J 40 -19.66 -25.74 5.94
CA ASP J 40 -19.07 -25.81 4.61
C ASP J 40 -18.55 -24.47 4.12
N ASP J 41 -19.00 -23.36 4.72
CA ASP J 41 -18.54 -22.05 4.31
C ASP J 41 -17.24 -21.63 4.99
N GLY J 42 -16.67 -22.48 5.83
CA GLY J 42 -15.41 -22.19 6.49
C GLY J 42 -15.53 -21.70 7.91
N TYR J 43 -16.75 -21.47 8.41
CA TYR J 43 -16.94 -20.97 9.76
C TYR J 43 -17.01 -22.15 10.73
N GLU J 44 -16.30 -22.01 11.84
CA GLU J 44 -16.22 -23.05 12.87
C GLU J 44 -16.61 -22.46 14.21
N CYS J 45 -17.43 -23.19 14.96
CA CYS J 45 -17.89 -22.73 16.26
C CYS J 45 -18.40 -23.93 17.04
N ASP J 46 -18.79 -23.68 18.29
CA ASP J 46 -19.35 -24.70 19.16
C ASP J 46 -20.85 -24.78 18.96
N VAL J 47 -21.38 -26.00 18.98
CA VAL J 47 -22.81 -26.25 18.79
C VAL J 47 -23.23 -27.38 19.71
N LEU J 48 -24.39 -27.21 20.34
CA LEU J 48 -24.90 -28.25 21.24
C LEU J 48 -25.36 -29.47 20.45
N GLY J 49 -25.24 -30.64 21.08
CA GLY J 49 -25.62 -31.87 20.41
C GLY J 49 -27.10 -31.90 20.03
N LYS J 50 -27.95 -31.27 20.83
CA LYS J 50 -29.38 -31.27 20.52
C LYS J 50 -29.67 -30.52 19.22
N ASP J 51 -28.75 -29.67 18.76
CA ASP J 51 -28.93 -28.88 17.56
C ASP J 51 -28.17 -29.44 16.36
N ILE J 52 -27.76 -30.70 16.42
CA ILE J 52 -27.00 -31.34 15.35
C ILE J 52 -27.77 -32.54 14.85
N LEU J 53 -27.95 -32.63 13.53
CA LEU J 53 -28.60 -33.77 12.89
C LEU J 53 -27.54 -34.56 12.13
N LEU J 54 -27.41 -35.84 12.46
CA LEU J 54 -26.42 -36.71 11.83
C LEU J 54 -27.00 -37.25 10.52
N CYS J 55 -27.01 -36.39 9.51
CA CYS J 55 -27.51 -36.73 8.19
C CYS J 55 -26.46 -36.52 7.10
N ASP J 56 -25.98 -37.61 6.52
CA ASP J 56 -25.02 -37.53 5.41
C ASP J 56 -25.40 -38.69 4.52
N PRO J 57 -26.20 -38.43 3.47
CA PRO J 57 -26.77 -37.13 3.06
C PRO J 57 -28.10 -36.96 3.79
N ILE J 58 -28.80 -35.88 3.48
CA ILE J 58 -30.16 -35.71 3.99
C ILE J 58 -31.05 -36.81 3.42
N PRO J 59 -31.81 -37.54 4.23
CA PRO J 59 -32.58 -38.67 3.69
C PRO J 59 -33.51 -38.26 2.56
N LEU J 60 -33.83 -39.23 1.71
CA LEU J 60 -34.77 -39.02 0.63
C LEU J 60 -36.15 -38.68 1.21
N ASP J 61 -36.95 -37.99 0.39
CA ASP J 61 -38.31 -37.59 0.75
C ASP J 61 -38.34 -36.62 1.92
N THR J 62 -37.22 -35.99 2.23
CA THR J 62 -37.16 -34.99 3.28
C THR J 62 -37.51 -33.63 2.69
N GLU J 63 -38.42 -32.91 3.36
CA GLU J 63 -38.72 -31.54 2.96
C GLU J 63 -37.60 -30.62 3.39
N VAL J 64 -37.04 -29.87 2.44
CA VAL J 64 -35.87 -29.05 2.67
C VAL J 64 -36.12 -27.66 2.10
N THR J 65 -35.12 -26.79 2.25
CA THR J 65 -35.11 -25.46 1.66
C THR J 65 -33.90 -25.37 0.73
N ALA J 66 -34.16 -25.11 -0.54
CA ALA J 66 -33.11 -25.05 -1.56
C ALA J 66 -32.75 -23.59 -1.83
N LEU J 67 -31.50 -23.24 -1.60
CA LEU J 67 -31.04 -21.87 -1.77
C LEU J 67 -30.67 -21.58 -3.22
N SER J 68 -31.07 -20.41 -3.69
CA SER J 68 -30.63 -19.89 -4.98
C SER J 68 -30.61 -18.36 -4.87
N GLU J 69 -29.98 -17.71 -5.86
CA GLU J 69 -29.77 -16.28 -5.78
C GLU J 69 -31.09 -15.54 -5.59
N ASP J 70 -31.16 -14.73 -4.53
CA ASP J 70 -32.34 -13.97 -4.16
C ASP J 70 -33.51 -14.86 -3.72
N GLU J 71 -33.23 -16.09 -3.31
N GLU J 71 -33.23 -16.09 -3.31
CA GLU J 71 -34.25 -17.03 -2.85
CA GLU J 71 -34.26 -17.02 -2.84
C GLU J 71 -33.76 -17.67 -1.55
C GLU J 71 -33.76 -17.66 -1.56
N TYR J 72 -34.44 -17.38 -0.45
CA TYR J 72 -34.04 -17.87 0.86
C TYR J 72 -35.02 -18.86 1.47
N PHE J 73 -36.23 -18.98 0.95
CA PHE J 73 -37.26 -19.81 1.56
C PHE J 73 -37.93 -20.76 0.59
N SER J 74 -37.26 -21.09 -0.51
CA SER J 74 -37.79 -22.05 -1.48
C SER J 74 -37.81 -23.46 -0.93
N ALA J 75 -39.00 -24.01 -0.72
CA ALA J 75 -39.16 -25.34 -0.16
C ALA J 75 -39.24 -26.40 -1.24
N GLY J 76 -38.81 -27.60 -0.90
CA GLY J 76 -38.83 -28.71 -1.84
C GLY J 76 -38.64 -30.02 -1.11
N VAL J 77 -38.68 -31.11 -1.88
CA VAL J 77 -38.56 -32.45 -1.35
C VAL J 77 -37.39 -33.14 -2.03
N VAL J 78 -36.53 -33.78 -1.24
CA VAL J 78 -35.39 -34.51 -1.79
C VAL J 78 -35.88 -35.77 -2.47
N LYS J 79 -35.59 -35.90 -3.77
CA LYS J 79 -36.03 -37.05 -4.55
C LYS J 79 -34.86 -37.79 -5.21
N GLY J 80 -33.62 -37.39 -4.94
CA GLY J 80 -32.49 -38.07 -5.53
C GLY J 80 -31.15 -37.55 -5.05
N HIS J 81 -30.15 -38.42 -5.03
CA HIS J 81 -28.78 -38.06 -4.73
C HIS J 81 -27.91 -38.43 -5.92
N ARG J 82 -26.76 -37.76 -6.03
CA ARG J 82 -25.85 -38.00 -7.14
C ARG J 82 -24.45 -37.57 -6.73
N LYS J 83 -23.47 -38.38 -7.09
CA LYS J 83 -22.06 -38.08 -6.86
C LYS J 83 -21.40 -37.77 -8.19
N GLU J 84 -20.75 -36.62 -8.27
CA GLU J 84 -20.08 -36.18 -9.50
C GLU J 84 -18.79 -35.49 -9.10
N SER J 85 -17.65 -36.12 -9.40
CA SER J 85 -16.34 -35.55 -9.12
C SER J 85 -16.14 -35.31 -7.63
N GLY J 86 -16.60 -36.26 -6.82
CA GLY J 86 -16.45 -36.14 -5.38
C GLY J 86 -17.32 -35.09 -4.74
N GLU J 87 -18.37 -34.65 -5.43
CA GLU J 87 -19.28 -33.63 -4.91
C GLU J 87 -20.70 -34.18 -4.88
N LEU J 88 -21.40 -33.95 -3.77
CA LEU J 88 -22.77 -34.41 -3.61
C LEU J 88 -23.74 -33.43 -4.24
N TYR J 89 -24.72 -33.96 -4.95
CA TYR J 89 -25.81 -33.17 -5.52
C TYR J 89 -27.15 -33.73 -5.05
N TYR J 90 -28.06 -32.84 -4.70
CA TYR J 90 -29.42 -33.20 -4.35
C TYR J 90 -30.35 -32.92 -5.52
N SER J 91 -31.31 -33.81 -5.74
CA SER J 91 -32.37 -33.60 -6.73
C SER J 91 -33.62 -33.17 -5.95
N ILE J 92 -33.91 -31.87 -5.99
CA ILE J 92 -35.01 -31.30 -5.22
C ILE J 92 -36.22 -31.15 -6.14
N GLU J 93 -37.34 -31.72 -5.72
CA GLU J 93 -38.58 -31.67 -6.48
C GLU J 93 -39.45 -30.54 -5.95
N LYS J 94 -39.87 -29.64 -6.85
CA LYS J 94 -40.73 -28.52 -6.48
C LYS J 94 -41.72 -28.28 -7.60
N GLU J 95 -43.01 -28.29 -7.28
CA GLU J 95 -44.06 -28.07 -8.26
C GLU J 95 -43.99 -29.10 -9.39
N GLY J 96 -43.69 -30.34 -9.03
CA GLY J 96 -43.61 -31.42 -10.00
C GLY J 96 -42.31 -31.52 -10.76
N GLN J 97 -41.52 -30.45 -10.82
CA GLN J 97 -40.25 -30.46 -11.52
C GLN J 97 -39.10 -30.66 -10.53
N ARG J 98 -38.02 -31.26 -11.02
CA ARG J 98 -36.83 -31.53 -10.21
C ARG J 98 -35.65 -30.73 -10.74
N LYS J 99 -34.85 -30.20 -9.82
CA LYS J 99 -33.65 -29.45 -10.17
C LYS J 99 -32.51 -29.86 -9.24
N TRP J 100 -31.30 -29.80 -9.77
CA TRP J 100 -30.11 -30.21 -9.02
C TRP J 100 -29.57 -29.05 -8.20
N TYR J 101 -29.19 -29.34 -6.96
CA TYR J 101 -28.56 -28.38 -6.07
C TYR J 101 -27.34 -29.02 -5.42
N LYS J 102 -26.27 -28.24 -5.28
CA LYS J 102 -25.10 -28.72 -4.55
C LYS J 102 -25.43 -28.85 -3.07
N ARG J 103 -24.74 -29.78 -2.40
CA ARG J 103 -24.97 -30.05 -0.99
C ARG J 103 -25.05 -28.76 -0.19
N MET J 104 -24.10 -27.85 -0.40
CA MET J 104 -24.01 -26.63 0.40
C MET J 104 -25.27 -25.78 0.32
N ALA J 105 -26.07 -25.92 -0.74
CA ALA J 105 -27.24 -25.09 -0.93
C ALA J 105 -28.51 -25.64 -0.29
N VAL J 106 -28.48 -26.89 0.18
CA VAL J 106 -29.66 -27.52 0.77
C VAL J 106 -29.62 -27.31 2.28
N ILE J 107 -30.64 -26.63 2.80
CA ILE J 107 -30.72 -26.30 4.22
C ILE J 107 -32.10 -26.70 4.72
N LEU J 108 -32.27 -26.64 6.04
CA LEU J 108 -33.51 -27.03 6.70
C LEU J 108 -33.95 -25.92 7.64
N SER J 109 -35.23 -25.55 7.57
CA SER J 109 -35.79 -24.61 8.52
CA SER J 109 -35.79 -24.61 8.52
C SER J 109 -36.00 -25.30 9.87
N LEU J 110 -36.35 -24.48 10.87
CA LEU J 110 -36.58 -25.04 12.20
C LEU J 110 -37.66 -26.12 12.16
N GLU J 111 -38.75 -25.86 11.45
CA GLU J 111 -39.82 -26.86 11.33
C GLU J 111 -39.33 -28.07 10.54
N GLN J 112 -38.62 -27.85 9.44
CA GLN J 112 -38.14 -28.96 8.63
C GLN J 112 -37.12 -29.80 9.38
N GLY J 113 -36.32 -29.18 10.25
CA GLY J 113 -35.30 -29.92 10.98
C GLY J 113 -35.85 -30.72 12.14
N ASN J 114 -36.94 -30.25 12.76
CA ASN J 114 -37.53 -30.98 13.87
C ASN J 114 -38.09 -32.34 13.43
N ARG J 115 -38.50 -32.44 12.16
CA ARG J 115 -39.03 -33.70 11.66
C ARG J 115 -37.97 -34.79 11.60
N LEU J 116 -36.70 -34.43 11.65
CA LEU J 116 -35.60 -35.39 11.65
C LEU J 116 -34.93 -35.52 13.00
N ARG J 117 -35.15 -34.58 13.92
CA ARG J 117 -34.45 -34.61 15.21
C ARG J 117 -34.75 -35.90 15.97
N GLU J 118 -35.95 -36.47 15.79
CA GLU J 118 -36.32 -37.67 16.53
C GLU J 118 -35.40 -38.84 16.17
N GLN J 119 -35.03 -38.96 14.90
CA GLN J 119 -34.25 -40.10 14.43
C GLN J 119 -32.77 -39.78 14.25
N TYR J 120 -32.41 -38.51 14.04
CA TYR J 120 -31.03 -38.12 13.76
C TYR J 120 -30.46 -37.13 14.76
N GLY J 121 -31.26 -36.65 15.70
CA GLY J 121 -30.75 -35.69 16.66
C GLY J 121 -29.81 -36.33 17.66
N LEU J 122 -28.82 -35.55 18.10
CA LEU J 122 -27.85 -36.02 19.08
C LEU J 122 -28.25 -35.60 20.49
N1 K6S K . 24.99 0.04 13.19
N1 K6S K . 22.41 0.95 9.43
C4 K6S K . 23.60 3.85 11.88
C4 K6S K . 23.85 3.19 12.74
C5 K6S K . 23.78 2.58 12.43
C5 K6S K . 23.63 2.53 11.54
C6 K6S K . 24.61 2.39 13.53
C6 K6S K . 22.78 3.03 10.58
C7 K6S K . 22.67 4.03 10.69
C7 K6S K . 24.82 2.63 13.77
C8 K6S K . 21.66 5.15 10.93
C8 K6S K . 25.76 3.69 14.33
C10 K6S K . 24.79 1.00 14.08
C10 K6S K . 22.58 2.27 9.30
C13 K6S K . 23.71 -2.08 11.40
C13 K6S K . 23.05 -1.89 9.92
C15 K6S K . 21.75 -1.65 9.06
C15 K6S K . 24.06 -3.27 12.47
C17 K6S K . 22.72 0.65 8.96
C17 K6S K . 25.79 -2.20 11.01
C1 K6S K . 25.28 3.48 14.07
C1 K6S K . 22.12 4.23 10.82
C11 K6S K . 24.91 -1.38 13.54
C11 K6S K . 22.62 0.03 8.32
C12 K6S K . 23.71 -2.06 12.92
C12 K6S K . 23.53 -1.12 8.70
C14 K6S K . 22.98 -0.79 9.37
C14 K6S K . 24.59 -1.95 11.92
C16 K6S K . 24.19 -1.34 8.61
C16 K6S K . 25.00 -1.04 13.08
C2 K6S K . 25.09 4.74 13.54
C2 K6S K . 22.31 4.90 12.01
C3 K6S K . 24.26 4.92 12.45
C3 K6S K . 23.19 4.39 12.96
C9 K6S K . 23.45 4.30 9.40
C9 K6S K . 24.08 1.93 14.91
N2 K6S K . 23.24 -0.83 10.82
N2 K6S K . 23.51 -1.27 11.17
O1 K6S K . 24.79 0.80 15.29
O1 K6S K . 22.55 2.84 8.21
H12 K6S K . 25.17 0.25 12.36
H12 K6S K . 22.15 0.63 10.20
H4 K6S K . 23.35 1.85 12.03
H4 K6S K . 24.07 1.70 11.40
H5 K6S K . 22.17 3.18 10.57
H5 K6S K . 25.37 1.96 13.31
H7 K6S K . 22.12 6.01 10.99
H7 K6S K . 25.24 4.33 14.87
H8 K6S K . 21.17 4.98 11.76
H8 K6S K . 26.19 4.17 13.60
H6 K6S K . 21.03 5.18 10.19
H6 K6S K . 26.43 3.27 14.89
H17 K6S K . 23.15 -2.82 11.09
H17 K6S K . 23.40 -2.80 9.87
H18 K6S K . 24.63 -2.25 11.09
H18 K6S K . 22.08 -1.93 9.91
H21 K6S K . 21.56 -1.60 8.10
H21 K6S K . 23.80 -3.86 11.73
H22 K6S K . 20.99 -1.31 9.56
H22 K6S K . 23.29 -3.11 13.04
H20 K6S K . 21.92 -2.57 9.31
H20 K6S K . 24.77 -3.71 12.99
H28 K6S K . 21.96 1.00 9.44
H28 K6S K . 25.54 -2.81 10.30
H26 K6S K . 22.55 0.70 7.99
H26 K6S K . 26.52 -2.61 11.53
H27 K6S K . 23.51 1.19 9.16
H27 K6S K . 26.10 -1.36 10.63
H1 K6S K . 25.85 3.37 14.81
H1 K6S K . 21.52 4.58 10.18
H13 K6S K . 24.85 -1.45 14.52
H13 K6S K . 23.02 0.52 7.57
H14 K6S K . 25.73 -1.83 13.25
H14 K6S K . 21.75 -0.33 8.03
H15 K6S K . 22.89 -1.63 13.22
H15 K6S K . 24.43 -0.78 8.86
H16 K6S K . 23.68 -2.99 13.25
H16 K6S K . 23.58 -1.74 7.94
H25 K6S K . 24.98 -0.83 8.85
H25 K6S K . 25.33 -0.19 12.72
H23 K6S K . 24.04 -1.26 7.65
H23 K6S K . 25.70 -1.47 13.60
H24 K6S K . 24.32 -2.28 8.84
H24 K6S K . 24.23 -0.87 13.65
H2 K6S K . 25.54 5.48 13.92
H2 K6S K . 21.86 5.72 12.17
H3 K6S K . 24.14 5.79 12.10
H3 K6S K . 23.32 4.87 13.77
H11 K6S K . 23.91 5.14 9.46
H11 K6S K . 23.55 2.58 15.42
H9 K6S K . 22.83 4.33 8.65
H9 K6S K . 24.72 1.50 15.50
H10 K6S K . 24.09 3.57 9.25
H10 K6S K . 23.48 1.25 14.54
H29 K6S K . 23.85 -0.19 11.01
H29 K6S K . 23.80 -0.44 10.97
C FMT L . 26.33 19.32 23.65
O1 FMT L . 26.35 19.50 22.41
O2 FMT L . 25.25 19.37 24.28
H FMT L . 27.26 19.12 24.19
N1 K6S M . -10.33 4.21 -36.12
N1 K6S M . -12.17 4.62 -31.94
C4 K6S M . -11.48 1.33 -33.20
C4 K6S M . -11.22 1.21 -34.30
C5 K6S M . -11.35 2.26 -34.22
C5 K6S M . -11.29 2.32 -33.46
C6 K6S M . -10.72 1.93 -35.42
C6 K6S M . -11.87 2.24 -32.20
C7 K6S M . -12.18 1.69 -31.91
C7 K6S M . -10.56 1.31 -35.66
C8 K6S M . -13.13 0.60 -31.43
C8 K6S M . -9.62 0.14 -35.94
C10 K6S M . -10.59 2.96 -36.50
C10 K6S M . -11.95 3.45 -31.33
C13 K6S M . -11.35 7.05 -35.47
C13 K6S M . -10.95 6.98 -33.35
C15 K6S M . -13.07 7.30 -32.94
C15 K6S M . -8.91 6.90 -35.62
C17 K6S M . -11.54 5.60 -31.95
C17 K6S M . -10.02 4.77 -36.31
C1 K6S M . -10.18 0.66 -35.58
C1 K6S M . -12.42 1.02 -31.79
C11 K6S M . -10.34 5.33 -37.05
C11 K6S M . -11.98 5.89 -31.28
C12 K6S M . -11.47 6.31 -36.78
C12 K6S M . -10.82 6.69 -31.87
C14 K6S M . -11.67 6.72 -32.98
C14 K6S M . -10.22 6.10 -35.59
C16 K6S M . -10.65 7.81 -32.68
C16 K6S M . -11.33 6.89 -36.28
C2 K6S M . -10.30 -0.28 -34.57
C2 K6S M . -12.35 -0.08 -32.61
C3 K6S M . -10.94 0.05 -33.39
C3 K6S M . -11.75 0.00 -33.85
C9 K6S M . -11.20 2.06 -30.80
C9 K6S M . -11.58 1.47 -36.79
N2 K6S M . -11.40 6.14 -34.32
N2 K6S M . -10.59 5.84 -34.18
O1 K6S M . -10.69 2.65 -37.69
O1 K6S M . -11.81 3.36 -30.11
H12 K6S M . -10.17 4.37 -35.27
H12 K6S M . -12.44 4.61 -32.77
H4 K6S M . -11.70 3.12 -34.09
H4 K6S M . -10.94 3.14 -33.76
H5 K6S M . -12.74 2.50 -32.10
H5 K6S M . -10.00 2.14 -35.64
H7 K6S M . -12.60 -0.19 -31.17
H7 K6S M . -10.15 -0.68 -36.04
H8 K6S M . -13.74 0.35 -32.15
H8 K6S M . -9.00 0.04 -35.20
H6 K6S M . -13.65 0.91 -30.67
H6 K6S M . -9.13 0.31 -36.76
H17 K6S M . -12.09 7.69 -35.39
H17 K6S M . -10.38 7.74 -33.58
H18 K6S M . -10.51 7.55 -35.45
H18 K6S M . -11.87 7.25 -33.54
H21 K6S M . -13.72 6.60 -33.18
H21 K6S M . -8.24 6.45 -35.09
H22 K6S M . -13.15 8.03 -33.58
H22 K6S M . -9.08 7.80 -35.27
H20 K6S M . -13.27 7.62 -32.04
H20 K6S M . -8.59 6.97 -36.55
H28 K6S M . -12.18 4.90 -32.15
H28 K6S M . -9.30 4.27 -35.87
H26 K6S M . -11.71 5.95 -31.06
H26 K6S M . -9.77 4.93 -37.24
H27 K6S M . -10.64 5.22 -31.98
H27 K6S M . -10.84 4.25 -36.27
H1 K6S M . -9.74 0.43 -36.38
H1 K6S M . -12.83 0.96 -30.95
H13 K6S M . -10.42 4.97 -37.96
H13 K6S M . -11.80 5.74 -30.32
H14 K6S M . -9.48 5.80 -36.99
H14 K6S M . -12.80 6.41 -31.36
H15 K6S M . -12.32 5.83 -36.80
H15 K6S M . -9.99 6.19 -31.72
H16 K6S M . -11.49 6.97 -37.51
H16 K6S M . -10.74 7.54 -31.38
H25 K6S M . -9.75 7.45 -32.72
H25 K6S M . -12.16 6.39 -36.22
H23 K6S M . -10.80 8.16 -31.79
H23 K6S M . -11.10 7.03 -37.21
H24 K6S M . -10.74 8.54 -33.33
H24 K6S M . -11.44 7.75 -35.84
H2 K6S M . -9.94 -1.14 -34.68
H2 K6S M . -12.71 -0.90 -32.32
H3 K6S M . -11.03 -0.59 -32.70
H3 K6S M . -11.70 -0.76 -34.40
H11 K6S M . -10.68 1.29 -30.55
H11 K6S M . -12.11 0.66 -36.85
H9 K6S M . -11.69 2.38 -30.02
H9 K6S M . -11.12 1.62 -37.63
H10 K6S M . -10.61 2.77 -31.11
H10 K6S M . -12.16 2.23 -36.60
H29 K6S M . -12.03 5.53 -34.48
H29 K6S M . -11.30 5.27 -34.20
C FMT N . -18.98 -12.28 -34.32
O1 FMT N . -18.93 -11.35 -35.17
O2 FMT N . -18.28 -12.20 -33.28
H FMT N . -19.61 -13.14 -34.49
C FMT O . -13.48 -16.99 -26.48
O1 FMT O . -13.63 -16.76 -27.70
O2 FMT O . -13.07 -16.07 -25.72
H FMT O . -13.72 -17.97 -26.07
N1 K6S P . 3.45 41.26 -9.91
N1 K6S P . 5.25 37.51 -11.28
C4 K6S P . 5.21 38.45 -7.26
C4 K6S P . 4.73 39.20 -7.42
C5 K6S P . 4.86 39.44 -8.16
C5 K6S P . 4.71 38.56 -8.65
C6 K6S P . 4.24 40.62 -7.73
C6 K6S P . 5.41 37.38 -8.86
C7 K6S P . 5.90 37.19 -7.74
C7 K6S P . 3.94 40.48 -7.22
C8 K6S P . 7.39 37.18 -7.36
C8 K6S P . 3.23 40.50 -5.86
C10 K6S P . 3.88 41.68 -8.73
C10 K6S P . 5.36 36.71 -10.22
C13 K6S P . 4.11 40.66 -12.89
C13 K6S P . 4.05 39.33 -13.34
C15 K6S P . 5.93 38.40 -13.87
C15 K6S P . 1.62 40.78 -12.37
C17 K6S P . 5.17 37.16 -11.83
C17 K6S P . 3.09 41.86 -10.67
C1 K6S P . 3.92 40.76 -6.38
C1 K6S P . 6.16 36.84 -7.83
C11 K6S P . 3.25 42.18 -11.03
C11 K6S P . 4.79 37.02 -12.56
C12 K6S P . 4.25 41.97 -12.14
C12 K6S P . 3.68 37.87 -13.15
C14 K6S P . 4.80 38.23 -12.85
C14 K6S P . 3.04 41.25 -12.06
C16 K6S P . 3.51 37.84 -13.57
C16 K6S P . 3.48 42.30 -13.09
C2 K6S P . 4.26 39.76 -5.48
C2 K6S P . 6.20 37.47 -6.61
C3 K6S P . 4.89 38.62 -5.92
C3 K6S P . 5.49 38.64 -6.40
C9 K6S P . 5.22 35.91 -7.25
C9 K6S P . 4.80 41.72 -7.37
N2 K6S P . 4.59 39.51 -12.13
N2 K6S P . 3.96 40.10 -12.10
O1 K6S P . 3.95 42.87 -8.43
O1 K6S P . 5.43 35.49 -10.32
H12 K6S P . 3.29 40.41 -10.04
H12 K6S P . 5.46 38.35 -11.19
H4 K6S P . 5.06 39.33 -9.07
H4 K6S P . 4.21 38.94 -9.36
H5 K6S P . 5.85 37.18 -8.73
H5 K6S P . 3.24 40.50 -7.91
H7 K6S P . 7.47 37.16 -6.39
H7 K6S P . 3.90 40.55 -5.15
H8 K6S P . 7.81 37.98 -7.71
H8 K6S P . 2.70 39.69 -5.76
H6 K6S P . 7.81 36.39 -7.74
H6 K6S P . 2.65 41.27 -5.81
H17 K6S P . 4.60 40.71 -13.75
H17 K6S P . 3.46 39.73 -14.01
H18 K6S P . 3.16 40.52 -13.11
H18 K6S P . 4.98 39.38 -13.68
H21 K6S P . 6.74 38.70 -13.42
H21 K6S P . 1.36 40.10 -11.72
H22 K6S P . 5.68 39.06 -14.54
H22 K6S P . 1.58 40.41 -13.27
H20 K6S P . 6.11 37.55 -14.31
H20 K6S P . 1.01 41.54 -12.31
H28 K6S P . 5.99 37.42 -11.37
H28 K6S P . 2.79 41.20 -10.02
H26 K6S P . 5.33 36.31 -12.30
H26 K6S P . 2.50 42.63 -10.63
H27 K6S P . 4.46 37.06 -11.19
H27 K6S P . 4.00 42.13 -10.46
H1 K6S P . 3.49 41.54 -6.09
H1 K6S P . 6.65 36.05 -7.97
H13 K6S P . 3.32 43.09 -10.70
H13 K6S P . 4.48 36.10 -12.46
H14 K6S P . 2.35 42.05 -11.38
H14 K6S P . 5.55 37.01 -13.19
H15 K6S P . 5.16 42.01 -11.78
H15 K6S P . 2.90 37.83 -12.54
H16 K6S P . 4.16 42.71 -12.79
H16 K6S P . 3.40 37.50 -14.00
H25 K6S P . 2.79 37.78 -12.93
H25 K6S P . 4.38 42.59 -12.90
H23 K6S P . 3.64 36.98 -14.01
H23 K6S P . 2.88 43.07 -13.05
H24 K6S P . 3.29 38.52 -14.24
H24 K6S P . 3.44 41.91 -13.99
H2 K6S P . 4.05 39.87 -4.57
H2 K6S P . 6.71 37.10 -5.90
H3 K6S P . 5.11 37.94 -5.30
H3 K6S P . 5.51 39.06 -5.55
H11 K6S P . 5.30 35.85 -6.28
H11 K6S P . 5.48 41.75 -6.67
H9 K6S P . 5.64 35.14 -7.65
H9 K6S P . 4.25 42.52 -7.32
H10 K6S P . 4.28 35.93 -7.49
H10 K6S P . 5.24 41.70 -8.25
H29 K6S P . 4.01 39.35 -11.46
H29 K6S P . 3.71 39.53 -11.44
C FMT Q . 14.51 39.92 5.03
O1 FMT Q . 13.82 38.87 5.02
O2 FMT Q . 14.06 40.97 4.53
H FMT Q . 15.51 39.91 5.48
C FMT R . 2.23 49.51 13.93
O1 FMT R . 1.26 48.84 14.34
O2 FMT R . 3.34 49.41 14.49
H FMT R . 2.09 50.18 13.08
C FMT S . 5.25 -31.56 42.36
O1 FMT S . 4.65 -32.13 41.41
O2 FMT S . 4.84 -30.44 42.76
H FMT S . 6.11 -32.04 42.82
N1 K6S T . 1.99 -20.78 23.34
N1 K6S T . 3.63 -23.69 20.28
C4 K6S T . 3.44 -24.71 24.02
C4 K6S T . 3.17 -23.86 24.50
C5 K6S T . 3.19 -23.37 23.79
C5 K6S T . 3.10 -23.87 23.12
C6 K6S T . 2.78 -22.53 24.82
C6 K6S T . 3.66 -24.89 22.37
C7 K6S T . 3.91 -25.60 22.89
C7 K6S T . 2.52 -22.74 25.30
C8 K6S T . 4.97 -26.60 23.35
C8 K6S T . 1.75 -23.28 26.51
C10 K6S T . 2.51 -21.08 24.54
C10 K6S T . 3.58 -24.88 20.87
C13 K6S T . 2.71 -20.09 20.44
C13 K6S T . 2.28 -21.23 19.09
C15 K6S T . 4.32 -21.95 18.61
C15 K6S T . 0.54 -19.55 20.98
C17 K6S T . 3.23 -23.83 19.85
C17 K6S T . 2.24 -20.07 22.72
C1 K6S T . 2.59 -23.04 26.09
C1 K6S T . 4.34 -25.92 23.02
C11 K6S T . 2.00 -19.44 22.79
C11 K6S T . 3.38 -23.52 18.85
C12 K6S T . 3.00 -19.27 21.67
C12 K6S T . 2.16 -22.65 18.58
C14 K6S T . 3.08 -22.37 19.41
C14 K6S T . 2.01 -19.91 21.22
C16 K6S T . 1.83 -22.21 18.56
C16 K6S T . 2.91 -18.80 20.67
C2 K6S T . 2.84 -24.38 26.33
C2 K6S T . 4.43 -25.92 24.41
C3 K6S T . 3.27 -25.21 25.31
C3 K6S T . 3.85 -24.91 25.14
C9 K6S T . 2.76 -26.34 22.20
C9 K6S T . 3.53 -21.70 25.75
N2 K6S T . 2.97 -21.52 20.62
N2 K6S T . 2.33 -21.18 20.55
O1 K6S T . 2.74 -20.21 25.38
O1 K6S T . 3.49 -25.93 20.23
H12 K6S T . 1.62 -21.42 22.87
H12 K6S T . 3.82 -22.99 20.76
H4 K6S T . 3.30 -23.02 22.91
H4 K6S T . 2.65 -23.16 22.68
H5 K6S T . 4.33 -25.01 22.21
H5 K6S T . 1.87 -22.30 24.70
H7 K6S T . 4.57 -27.26 23.94
H7 K6S T . 2.37 -23.66 27.15
H8 K6S T . 5.68 -26.13 23.82
H8 K6S T . 1.11 -23.96 26.22
H6 K6S T . 5.35 -27.06 22.57
H6 K6S T . 1.26 -22.55 26.93
H17 K6S T . 3.25 -19.76 19.69
H17 K6S T . 1.51 -20.71 18.78
H18 K6S T . 1.77 -19.97 20.19
H18 K6S T . 3.09 -20.82 18.73
H21 K6S T . 5.11 -22.01 19.18
H21 K6S T . -0.03 -20.28 21.28
H22 K6S T . 4.20 -21.04 18.30
H22 K6S T . 0.39 -19.41 20.03
H20 K6S T . 4.42 -22.54 17.85
H20 K6S T . 0.31 -18.74 21.47
H28 K6S T . 4.05 -23.93 20.36
H28 K6S T . 1.67 -20.77 23.07
H26 K6S T . 3.26 -24.40 19.06
H26 K6S T . 2.05 -19.24 23.18
H27 K6S T . 2.47 -24.08 20.40
H27 K6S T . 3.18 -20.30 22.88
H1 K6S T . 2.30 -22.49 26.79
H1 K6S T . 4.74 -26.61 22.53
H13 K6S T . 2.21 -18.81 23.51
H13 K6S T . 3.24 -24.40 18.45
H14 K6S T . 1.10 -19.22 22.46
H14 K6S T . 4.16 -23.12 18.44
H15 K6S T . 3.89 -19.52 22.01
H15 K6S T . 1.37 -23.08 18.99
H16 K6S T . 3.04 -18.32 21.42
H16 K6S T . 2.01 -22.63 17.60
H25 K6S T . 1.04 -22.44 19.09
H25 K6S T . 3.83 -19.04 20.81
H23 K6S T . 1.88 -22.80 17.79
H23 K6S T . 2.71 -17.96 21.13
H24 K6S T . 1.76 -21.29 18.26
H24 K6S T . 2.73 -18.69 19.72
H2 K6S T . 2.71 -24.74 27.20
H2 K6S T . 4.88 -26.62 24.85
H3 K6S T . 3.44 -26.12 25.47
H3 K6S T . 3.90 -24.91 26.08
H11 K6S T . 2.36 -26.96 22.83
H11 K6S T . 4.18 -22.10 26.36
H9 K6S T . 3.10 -26.83 21.43
H9 K6S T . 3.07 -20.96 26.20
H10 K6S T . 2.10 -25.69 21.92
H10 K6S T . 4.00 -21.34 24.97
H29 K6S T . 2.32 -21.86 21.14
H29 K6S T . 1.75 -21.81 20.87
C FMT U . 11.52 -30.44 34.98
O1 FMT U . 11.66 -31.56 34.44
O2 FMT U . 12.42 -29.57 34.87
H FMT U . 10.62 -30.22 35.55
N1 K6S V . -23.70 -21.29 6.96
N1 K6S V . -22.41 -17.32 5.29
C4 K6S V . -23.06 -20.00 2.96
C4 K6S V . -23.22 -21.04 3.41
C5 K6S V . -23.03 -20.48 4.26
C5 K6S V . -23.16 -19.78 3.99
C6 K6S V . -23.57 -21.72 4.59
C6 K6S V . -22.62 -18.70 3.31
C7 K6S V . -22.44 -18.65 2.63
C7 K6S V . -23.84 -22.20 4.16
C8 K6S V . -21.58 -18.72 1.36
C8 K6S V . -24.74 -23.06 3.28
C10 K6S V . -23.53 -22.20 6.01
C10 K6S V . -22.56 -17.35 3.97
C13 K6S V . -22.81 -19.10 9.02
C13 K6S V . -23.20 -17.33 8.29
C15 K6S V . -22.50 -16.99 5.87
C15 K6S V . -23.41 -21.09 7.75
C17 K6S V . -23.39 -16.22 8.06
C17 K6S V . -22.72 -19.96 9.87
C1 K6S V . -24.18 -22.47 3.60
C1 K6S V . -22.11 -18.88 2.03
C11 K6S V . -23.29 -21.51 8.34
C11 K6S V . -22.71 -16.15 6.08
C12 K6S V . -23.64 -20.35 9.24
C12 K6S V . -22.36 -16.31 7.55
C14 K6S V . -22.46 -17.22 7.37
C14 K6S V . -23.54 -19.81 8.59
C16 K6S V . -21.04 -17.04 7.90
C16 K6S V . -25.00 -19.56 8.93
C2 K6S V . -24.22 -22.00 2.30
C2 K6S V . -22.17 -20.13 1.44
C3 K6S V . -23.66 -20.78 1.98
C3 K6S V . -22.72 -21.20 2.13
C9 K6S V . -23.49 -17.56 2.48
C9 K6S V . -22.78 -23.07 4.84
N2 K6S V . -22.94 -18.60 7.64
N2 K6S V . -22.98 -18.69 7.79
O1 K6S V . -23.35 -23.40 6.27
O1 K6S V . -22.64 -16.32 3.30
H12 K6S V . -24.07 -20.52 6.75
H12 K6S V . -22.11 -18.04 5.69
H4 K6S V . -22.64 -19.95 4.94
H4 K6S V . -23.49 -19.67 4.86
H5 K6S V . -21.85 -18.40 3.38
H5 K6S V . -24.41 -21.81 4.88
H7 K6S V . -22.15 -18.88 0.59
H7 K6S V . -24.19 -23.52 2.61
H8 K6S V . -20.93 -19.44 1.45
H8 K6S V . -25.38 -22.49 2.82
H6 K6S V . -21.10 -17.87 1.25
H6 K6S V . -25.21 -23.71 3.81
H17 K6S V . -21.86 -19.31 9.19
H17 K6S V . -24.15 -17.10 8.17
H18 K6S V . -23.09 -18.41 9.65
H18 K6S V . -22.99 -17.29 9.25
H21 K6S V . -23.40 -17.11 5.54
H21 K6S V . -22.47 -21.25 7.54
H22 K6S V . -21.91 -17.63 5.43
H22 K6S V . -23.92 -20.98 6.93
H20 K6S V . -22.18 -16.09 5.67
H20 K6S V . -23.77 -21.84 8.26
H28 K6S V . -24.30 -16.35 7.74
H28 K6S V . -21.79 -20.12 9.64
H26 K6S V . -23.10 -15.32 7.86
H26 K6S V . -23.07 -20.71 10.39
H27 K6S V . -23.36 -16.36 9.02
H27 K6S V . -22.79 -19.14 10.40
H1 K6S V . -24.56 -23.31 3.81
H1 K6S V . -21.73 -18.16 1.57
H13 K6S V . -22.33 -21.67 8.36
H13 K6S V . -23.67 -15.95 6.00
H14 K6S V . -23.73 -22.33 8.66
H14 K6S V . -22.22 -15.38 5.72
H15 K6S V . -23.53 -20.64 10.18
H15 K6S V . -22.46 -15.44 7.99
H16 K6S V . -24.58 -20.13 9.13
H16 K6S V . -21.41 -16.57 7.62
H25 K6S V . -21.04 -17.11 8.86
H25 K6S V . -25.07 -18.76 9.49
H23 K6S V . -20.70 -16.17 7.63
H23 K6S V . -25.36 -20.32 9.41
H24 K6S V . -20.47 -17.74 7.52
H24 K6S V . -25.51 -19.42 8.11
H2 K6S V . -24.63 -22.53 1.62
H2 K6S V . -21.82 -20.26 0.57
H3 K6S V . -23.68 -20.47 1.09
H3 K6S V . -22.76 -22.05 1.71
H11 K6S V . -24.07 -17.75 1.73
H11 K6S V . -22.23 -23.50 4.16
H9 K6S V . -23.05 -16.69 2.35
H9 K6S V . -23.21 -23.75 5.38
H10 K6S V . -24.02 -17.51 3.30
H10 K6S V . -22.21 -22.52 5.40
H29 K6S V . -22.50 -19.15 7.10
H29 K6S V . -22.09 -18.82 7.73
#